data_7TY0
#
_entry.id   7TY0
#
loop_
_entity.id
_entity.type
_entity.pdbx_description
1 polymer 'Glycoprotein G'
2 polymer 'Igh protein'
3 polymer 'nAH Fab light chain'
4 branched 2-acetamido-2-deoxy-beta-D-glucopyranose-(1-4)-2-acetamido-2-deoxy-beta-D-glucopyranose
5 branched 2-acetamido-2-deoxy-beta-D-glucopyranose-(1-4)-[alpha-L-fucopyranose-(1-6)]2-acetamido-2-deoxy-beta-D-glucopyranose
6 branched beta-D-mannopyranose-(1-4)-2-acetamido-2-deoxy-beta-D-glucopyranose-(1-4)-2-acetamido-2-deoxy-beta-D-glucopyranose
7 non-polymer 2-acetamido-2-deoxy-beta-D-glucopyranose
#
loop_
_entity_poly.entity_id
_entity_poly.type
_entity_poly.pdbx_seq_one_letter_code
_entity_poly.pdbx_strand_id
1 'polypeptide(L)'
;HHHHHHIQNYTRSTDNQAVIKDALQGIQQQIKGLADKIGTEIGPKVSLIDTSSTITIPANIGLLGSKISQSTASINENVN
EKCKFTLPPLKIHECNISCPNPLPFREYRPQTEGVSNLVGLPNNICLQKTSNQILKPKLISYTLPVVGQSGTCITDPLLA
MDEGYFAYSHLERIGSCSRGVSKQRIIGVGEVLDRGDEVPSLFMTNVWTPPNPNTVYHCSAVYNNEFYYVLCAVSTVGDP
ILNSTYWSGSLMMTRLAVKPKSNGGGYNQHQLALRSIEKGRYDKVMPYGPSGIKQGDTLYFPAVGFLVRTEFKYNDSNCP
ITKCQYSKPENCRLSMGIRPNSHYILRSGLLKYNLSDGENPKVVFIEISDQRLSIGSPSKIYDSLGQPVFYQASFSWDTM
IKFGDVLTVNPLVVNWRNNTVISRPGQSQCPRFNTCPEICWEGVYNDAFLIDRINWISAGVFLDSNQTAENPVFTVFKDN
EILYRAQLASEDTNAQKTITNCFLLKNKIWCISLVEIYDTGDNVIRPKLFAVKIPEQCY
;
A,B,D,C
2 'polypeptide(L)'
;EVKLEESGGGLVQPGGSMKLSCVASGFSFSYYWMNWVRQSPEKGLEWVAEIRLKSNNYGTHYAESVKGRFTISRDDSKSS
VYLQMNNLRPEDTGIYYCTRVITTVFAYWGQGTLVTVSAAKTTPPSVYPLAPGSAAQTNSMVTLGCLVKGYFPEPVTVTW
NSGSLSSGVHTFPAVLQSDLYTLSSSVTVPSSTWPSETVTCNVAHPASSTKVDKKIVPRDCGCKPCICTVPEVSSVFIFP
PKPKDVLTITLTPKVTCVVVDISKDDPEVQFSWFVDDVEVHTAQTQPREEQFNSTFRSVSELPIMHQDWLNGKEFKCRVN
SAAFPAPIEKTISKTKGRPKAPQVYTIPPPKEQMAKDKVSLTCMITDFFPEDITVEWQWNGQPAENYKNTQPIMDTDGSY
FVYSKLNVQKSNWEAGNTFTCSVLHEGLHNHHTEKSLSHSPGKGGSGGGSWSHPQFEK
;
J,K
3 'polypeptide(L)'
;DIVLTQSPASLAVSLGQRATISCRASESVHDYGISFMNWFQQKPGQPPKLLIYSASNQGSGVPARFSGSGSGTDFSLNIH
PMEEDDIAMYFCQQSKEVPYTFGGGTKLEIKRADAAPTVSIFPPSSEQLTSGGASVVCFLNNFYPKDINVKWKIDGSERQ
NGVLNSWTDQDSKDSTYSMSSTLTLTKDEYERHNSYTCEATHKTSTSPIVKSFNRNEC
;
N,O
#
loop_
_chem_comp.id
_chem_comp.type
_chem_comp.name
_chem_comp.formula
BMA D-saccharide, beta linking beta-D-mannopyranose 'C6 H12 O6'
FUC L-saccharide, alpha linking alpha-L-fucopyranose 'C6 H12 O5'
NAG D-saccharide, beta linking 2-acetamido-2-deoxy-beta-D-glucopyranose 'C8 H15 N O6'
#
# COMPACT_ATOMS: atom_id res chain seq x y z
N GLY A 33 -32.02 25.81 27.81
CA GLY A 33 -31.33 26.11 26.56
C GLY A 33 -30.97 24.84 25.78
N LEU A 34 -31.88 23.84 25.76
CA LEU A 34 -31.71 22.59 25.03
C LEU A 34 -31.66 22.81 23.54
N ALA A 35 -32.48 23.75 23.07
CA ALA A 35 -32.52 24.10 21.65
C ALA A 35 -31.21 24.73 21.23
N ASP A 36 -30.58 25.47 22.14
CA ASP A 36 -29.34 26.14 21.82
C ASP A 36 -28.23 25.12 21.70
N LYS A 37 -28.23 24.11 22.57
CA LYS A 37 -27.20 23.09 22.50
C LYS A 37 -27.33 22.29 21.20
N ILE A 38 -28.54 21.89 20.85
CA ILE A 38 -28.70 21.11 19.64
C ILE A 38 -28.33 21.94 18.41
N GLY A 39 -28.80 23.19 18.36
CA GLY A 39 -28.51 24.05 17.21
C GLY A 39 -27.07 24.56 17.13
N THR A 40 -26.38 24.69 18.27
CA THR A 40 -25.05 25.29 18.25
C THR A 40 -23.90 24.32 18.57
N GLU A 41 -24.12 23.39 19.50
CA GLU A 41 -23.02 22.52 19.94
C GLU A 41 -23.01 21.18 19.23
N ILE A 42 -24.20 20.68 18.86
CA ILE A 42 -24.27 19.35 18.28
C ILE A 42 -24.45 19.40 16.76
N GLY A 43 -25.51 20.07 16.31
CA GLY A 43 -25.89 20.15 14.91
C GLY A 43 -24.73 20.40 13.94
N PRO A 44 -23.99 21.51 14.11
CA PRO A 44 -22.89 21.95 13.28
C PRO A 44 -21.72 20.96 13.22
N LYS A 45 -21.66 20.03 14.16
CA LYS A 45 -20.57 19.08 14.16
C LYS A 45 -21.04 17.73 13.64
N VAL A 46 -22.28 17.36 13.98
CA VAL A 46 -22.81 16.08 13.51
C VAL A 46 -22.90 16.09 11.99
N SER A 47 -23.34 17.20 11.42
CA SER A 47 -23.43 17.35 9.98
C SER A 47 -22.08 17.22 9.30
N LEU A 48 -21.05 17.78 9.91
CA LEU A 48 -19.72 17.75 9.33
C LEU A 48 -19.13 16.35 9.44
N ILE A 49 -19.39 15.69 10.56
CA ILE A 49 -18.93 14.33 10.78
C ILE A 49 -19.55 13.45 9.73
N ASP A 50 -20.85 13.62 9.49
CA ASP A 50 -21.55 12.82 8.50
C ASP A 50 -20.90 12.97 7.13
N THR A 51 -20.60 14.20 6.71
CA THR A 51 -19.97 14.40 5.42
C THR A 51 -18.60 13.73 5.34
N SER A 52 -17.81 13.90 6.39
CA SER A 52 -16.48 13.33 6.39
C SER A 52 -16.51 11.80 6.38
N SER A 53 -17.36 11.22 7.20
CA SER A 53 -17.44 9.77 7.32
C SER A 53 -18.02 9.10 6.08
N THR A 54 -19.01 9.71 5.44
CA THR A 54 -19.62 9.02 4.30
C THR A 54 -19.03 9.40 2.96
N ILE A 55 -18.36 10.55 2.86
CA ILE A 55 -17.81 10.96 1.57
C ILE A 55 -16.29 11.03 1.52
N THR A 56 -15.69 11.91 2.31
CA THR A 56 -14.27 12.19 2.11
C THR A 56 -13.36 11.08 2.61
N ILE A 57 -13.72 10.43 3.71
CA ILE A 57 -12.86 9.36 4.19
C ILE A 57 -12.88 8.16 3.22
N PRO A 58 -14.06 7.58 2.87
CA PRO A 58 -14.19 6.54 1.86
C PRO A 58 -13.54 6.90 0.53
N ALA A 59 -13.64 8.17 0.13
CA ALA A 59 -13.05 8.59 -1.13
C ALA A 59 -11.55 8.47 -1.08
N ASN A 60 -10.95 8.88 0.04
CA ASN A 60 -9.51 8.80 0.14
C ASN A 60 -9.05 7.36 0.25
N ILE A 61 -9.84 6.51 0.88
CA ILE A 61 -9.49 5.10 0.98
C ILE A 61 -9.50 4.48 -0.41
N GLY A 62 -10.53 4.80 -1.20
CA GLY A 62 -10.63 4.30 -2.57
C GLY A 62 -9.44 4.75 -3.42
N LEU A 63 -9.05 6.02 -3.30
CA LEU A 63 -7.92 6.56 -4.03
C LEU A 63 -6.63 5.91 -3.58
N LEU A 64 -6.55 5.62 -2.31
CA LEU A 64 -5.39 4.98 -1.72
C LEU A 64 -5.26 3.56 -2.25
N GLY A 65 -6.40 2.88 -2.43
CA GLY A 65 -6.42 1.56 -3.02
C GLY A 65 -5.91 1.63 -4.46
N SER A 66 -6.26 2.71 -5.15
CA SER A 66 -5.81 2.92 -6.52
C SER A 66 -4.30 3.14 -6.55
N LYS A 67 -3.77 3.86 -5.55
CA LYS A 67 -2.34 4.06 -5.44
C LYS A 67 -1.61 2.74 -5.31
N ILE A 68 -2.17 1.80 -4.55
CA ILE A 68 -1.51 0.52 -4.36
C ILE A 68 -1.37 -0.19 -5.70
N SER A 69 -2.45 -0.20 -6.47
CA SER A 69 -2.43 -0.86 -7.77
C SER A 69 -1.42 -0.21 -8.71
N GLN A 70 -1.35 1.12 -8.68
CA GLN A 70 -0.42 1.85 -9.52
C GLN A 70 1.02 1.62 -9.11
N SER A 71 1.27 1.54 -7.80
CA SER A 71 2.61 1.24 -7.31
C SER A 71 3.02 -0.14 -7.72
N THR A 72 2.08 -1.08 -7.68
CA THR A 72 2.36 -2.46 -8.05
C THR A 72 2.77 -2.52 -9.50
N ALA A 73 2.02 -1.84 -10.36
CA ALA A 73 2.32 -1.84 -11.78
C ALA A 73 3.68 -1.22 -12.03
N SER A 74 4.00 -0.12 -11.34
CA SER A 74 5.28 0.54 -11.54
C SER A 74 6.43 -0.36 -11.19
N ILE A 75 6.31 -1.07 -10.07
CA ILE A 75 7.36 -1.97 -9.63
C ILE A 75 7.56 -3.10 -10.62
N ASN A 76 6.46 -3.71 -11.08
CA ASN A 76 6.59 -4.81 -12.02
C ASN A 76 7.19 -4.35 -13.34
N GLU A 77 6.82 -3.14 -13.78
CA GLU A 77 7.37 -2.61 -15.01
C GLU A 77 8.86 -2.36 -14.87
N ASN A 78 9.27 -1.85 -13.71
CA ASN A 78 10.68 -1.60 -13.48
C ASN A 78 11.47 -2.90 -13.51
N VAL A 79 10.90 -3.96 -12.93
CA VAL A 79 11.55 -5.25 -12.97
C VAL A 79 11.65 -5.75 -14.41
N ASN A 80 10.57 -5.61 -15.18
CA ASN A 80 10.61 -6.07 -16.56
C ASN A 80 11.68 -5.37 -17.38
N GLU A 81 11.84 -4.06 -17.19
CA GLU A 81 12.84 -3.32 -17.94
C GLU A 81 14.26 -3.57 -17.44
N LYS A 82 14.41 -3.73 -16.12
CA LYS A 82 15.73 -3.88 -15.52
C LYS A 82 16.20 -5.31 -15.21
N CYS A 83 15.32 -6.33 -15.34
CA CYS A 83 15.69 -7.72 -15.07
C CYS A 83 15.04 -8.65 -16.12
N LYS A 84 15.49 -8.48 -17.37
CA LYS A 84 15.05 -9.29 -18.50
C LYS A 84 16.27 -9.74 -19.27
N PHE A 85 17.34 -10.04 -18.54
CA PHE A 85 18.63 -10.33 -19.14
C PHE A 85 18.75 -11.70 -19.78
N THR A 86 19.45 -11.70 -20.90
CA THR A 86 19.85 -12.89 -21.61
C THR A 86 21.08 -12.55 -22.41
N LEU A 87 21.92 -13.53 -22.67
CA LEU A 87 23.12 -13.28 -23.47
C LEU A 87 23.36 -14.43 -24.45
N PRO A 88 24.01 -14.15 -25.58
CA PRO A 88 24.44 -15.11 -26.58
C PRO A 88 25.58 -15.97 -26.03
N PRO A 89 25.88 -17.11 -26.67
CA PRO A 89 26.98 -17.99 -26.35
C PRO A 89 28.31 -17.27 -26.28
N LEU A 90 29.09 -17.60 -25.27
CA LEU A 90 30.41 -17.00 -25.08
C LEU A 90 31.44 -17.78 -25.88
N LYS A 91 32.50 -17.10 -26.31
CA LYS A 91 33.57 -17.75 -27.03
C LYS A 91 34.75 -18.06 -26.13
N ILE A 92 34.85 -19.29 -25.65
CA ILE A 92 35.89 -19.62 -24.69
C ILE A 92 37.26 -19.35 -25.28
N HIS A 93 37.43 -19.65 -26.56
CA HIS A 93 38.70 -19.49 -27.23
C HIS A 93 39.11 -18.03 -27.39
N GLU A 94 38.18 -17.11 -27.14
CA GLU A 94 38.47 -15.67 -27.16
C GLU A 94 38.41 -15.01 -25.76
N CYS A 95 38.31 -15.83 -24.69
CA CYS A 95 38.24 -15.38 -23.29
C CYS A 95 39.57 -15.65 -22.59
N ASN A 96 39.85 -14.91 -21.53
CA ASN A 96 41.09 -15.10 -20.81
C ASN A 96 40.96 -16.24 -19.80
N ILE A 97 41.55 -17.40 -20.12
CA ILE A 97 41.40 -18.60 -19.31
C ILE A 97 42.66 -18.90 -18.50
N SER A 98 42.45 -19.08 -17.20
CA SER A 98 43.54 -19.38 -16.28
C SER A 98 43.39 -20.79 -15.70
N CYS A 99 44.33 -21.67 -16.06
CA CYS A 99 44.34 -23.09 -15.70
C CYS A 99 45.59 -23.44 -14.90
N PRO A 100 45.56 -24.53 -14.13
CA PRO A 100 46.72 -25.19 -13.57
C PRO A 100 47.61 -25.61 -14.73
N ASN A 101 48.92 -25.56 -14.55
CA ASN A 101 49.83 -25.91 -15.64
C ASN A 101 49.43 -25.19 -16.93
N PRO A 102 49.32 -23.85 -16.91
CA PRO A 102 48.84 -23.02 -18.00
C PRO A 102 49.83 -22.98 -19.14
N LEU A 103 49.34 -22.71 -20.32
CA LEU A 103 50.20 -22.52 -21.46
C LEU A 103 50.49 -21.03 -21.61
N PRO A 104 51.66 -20.64 -22.13
CA PRO A 104 52.00 -19.30 -22.52
C PRO A 104 51.05 -18.79 -23.59
N PHE A 105 50.74 -17.51 -23.55
CA PHE A 105 49.91 -16.86 -24.55
C PHE A 105 50.58 -15.60 -25.04
N ARG A 106 50.61 -15.42 -26.35
CA ARG A 106 51.24 -14.23 -26.89
C ARG A 106 50.26 -13.37 -27.68
N GLU A 107 49.45 -14.00 -28.52
CA GLU A 107 48.50 -13.26 -29.34
C GLU A 107 47.37 -14.15 -29.81
N TYR A 108 46.27 -13.52 -30.23
CA TYR A 108 45.19 -14.24 -30.86
C TYR A 108 45.08 -13.81 -32.31
N ARG A 109 45.38 -14.72 -33.22
CA ARG A 109 45.43 -14.41 -34.64
C ARG A 109 44.73 -15.48 -35.50
N GLY B 33 -41.08 13.40 25.73
CA GLY B 33 -40.14 12.27 25.71
C GLY B 33 -38.85 12.60 24.95
N LEU B 34 -38.30 13.81 25.15
CA LEU B 34 -37.07 14.26 24.50
C LEU B 34 -35.89 13.39 24.91
N ALA B 35 -35.91 13.01 26.18
CA ALA B 35 -34.86 12.21 26.78
C ALA B 35 -34.86 10.79 26.24
N ASP B 36 -35.95 10.39 25.58
CA ASP B 36 -36.02 9.04 25.07
C ASP B 36 -35.15 8.91 23.82
N LYS B 37 -35.03 10.00 23.06
CA LYS B 37 -34.24 9.95 21.84
C LYS B 37 -32.78 10.08 22.22
N ILE B 38 -32.51 10.96 23.17
CA ILE B 38 -31.14 11.16 23.60
C ILE B 38 -30.64 9.94 24.36
N GLY B 39 -31.45 9.46 25.30
CA GLY B 39 -31.10 8.32 26.13
C GLY B 39 -30.92 6.98 25.40
N THR B 40 -31.77 6.67 24.42
CA THR B 40 -31.66 5.34 23.80
C THR B 40 -31.23 5.31 22.33
N GLU B 41 -31.38 6.41 21.60
CA GLU B 41 -31.07 6.35 20.18
C GLU B 41 -29.78 7.07 19.81
N ILE B 42 -29.57 8.25 20.37
CA ILE B 42 -28.40 9.03 20.02
C ILE B 42 -27.23 8.81 20.96
N GLY B 43 -27.46 8.91 22.26
CA GLY B 43 -26.38 8.74 23.23
C GLY B 43 -25.54 7.50 22.92
N PRO B 44 -26.14 6.29 22.96
CA PRO B 44 -25.49 5.01 22.70
C PRO B 44 -24.74 4.97 21.38
N LYS B 45 -25.29 5.63 20.35
CA LYS B 45 -24.63 5.63 19.05
C LYS B 45 -23.43 6.53 19.05
N VAL B 46 -23.52 7.67 19.72
CA VAL B 46 -22.40 8.58 19.77
C VAL B 46 -21.23 7.92 20.49
N SER B 47 -21.53 7.20 21.57
CA SER B 47 -20.51 6.47 22.31
C SER B 47 -19.86 5.40 21.42
N LEU B 48 -20.68 4.67 20.66
CA LEU B 48 -20.21 3.64 19.76
C LEU B 48 -19.33 4.24 18.65
N ILE B 49 -19.76 5.38 18.11
CA ILE B 49 -19.02 6.08 17.08
C ILE B 49 -17.69 6.55 17.63
N ASP B 50 -17.70 7.11 18.83
CA ASP B 50 -16.46 7.57 19.43
C ASP B 50 -15.44 6.44 19.46
N THR B 51 -15.83 5.26 19.91
CA THR B 51 -14.88 4.16 19.96
C THR B 51 -14.33 3.85 18.56
N SER B 52 -15.20 3.79 17.56
CA SER B 52 -14.72 3.45 16.22
C SER B 52 -13.84 4.53 15.61
N SER B 53 -14.23 5.79 15.75
CA SER B 53 -13.50 6.90 15.14
C SER B 53 -12.18 7.23 15.83
N THR B 54 -12.12 7.09 17.15
CA THR B 54 -10.90 7.47 17.84
C THR B 54 -9.99 6.29 18.13
N ILE B 55 -10.52 5.05 18.11
CA ILE B 55 -9.66 3.92 18.42
C ILE B 55 -9.51 2.93 17.28
N THR B 56 -10.59 2.25 16.88
CA THR B 56 -10.39 1.13 15.95
C THR B 56 -10.00 1.56 14.54
N ILE B 57 -10.57 2.66 14.06
CA ILE B 57 -10.23 3.13 12.73
C ILE B 57 -8.77 3.59 12.61
N PRO B 58 -8.28 4.55 13.43
CA PRO B 58 -6.90 4.98 13.40
C PRO B 58 -5.94 3.88 13.84
N ALA B 59 -6.42 2.92 14.64
CA ALA B 59 -5.56 1.82 15.01
C ALA B 59 -5.27 0.95 13.80
N ASN B 60 -6.29 0.71 12.99
CA ASN B 60 -6.13 -0.09 11.79
C ASN B 60 -5.33 0.65 10.73
N ILE B 61 -5.47 1.97 10.67
CA ILE B 61 -4.70 2.74 9.71
C ILE B 61 -3.23 2.72 10.09
N GLY B 62 -2.93 2.94 11.37
CA GLY B 62 -1.56 2.91 11.86
C GLY B 62 -0.94 1.53 11.69
N LEU B 63 -1.72 0.49 11.98
CA LEU B 63 -1.25 -0.87 11.85
C LEU B 63 -1.01 -1.21 10.39
N LEU B 64 -1.89 -0.72 9.53
CA LEU B 64 -1.72 -0.92 8.11
C LEU B 64 -0.44 -0.23 7.65
N GLY B 65 -0.19 0.98 8.12
CA GLY B 65 1.05 1.65 7.74
C GLY B 65 2.27 0.81 8.09
N SER B 66 2.20 0.10 9.22
CA SER B 66 3.30 -0.77 9.59
C SER B 66 3.39 -1.91 8.57
N LYS B 67 2.23 -2.38 8.12
CA LYS B 67 2.18 -3.43 7.10
C LYS B 67 2.81 -2.97 5.79
N ILE B 68 2.63 -1.70 5.45
CA ILE B 68 3.21 -1.18 4.22
C ILE B 68 4.73 -1.30 4.30
N SER B 69 5.27 -0.95 5.47
CA SER B 69 6.71 -1.05 5.69
C SER B 69 7.18 -2.51 5.64
N GLN B 70 6.38 -3.43 6.17
CA GLN B 70 6.73 -4.85 6.16
C GLN B 70 6.78 -5.37 4.73
N SER B 71 5.80 -4.95 3.92
CA SER B 71 5.74 -5.35 2.53
C SER B 71 6.93 -4.80 1.77
N THR B 72 7.31 -3.57 2.09
CA THR B 72 8.45 -2.94 1.44
C THR B 72 9.71 -3.72 1.71
N ALA B 73 9.92 -4.08 2.98
CA ALA B 73 11.10 -4.84 3.36
C ALA B 73 11.12 -6.18 2.66
N SER B 74 9.96 -6.83 2.57
CA SER B 74 9.89 -8.14 1.93
C SER B 74 10.30 -8.06 0.48
N ILE B 75 9.81 -7.04 -0.23
CA ILE B 75 10.13 -6.88 -1.62
C ILE B 75 11.61 -6.60 -1.84
N ASN B 76 12.18 -5.70 -1.03
CA ASN B 76 13.59 -5.39 -1.19
C ASN B 76 14.47 -6.58 -0.86
N GLU B 77 14.08 -7.37 0.16
CA GLU B 77 14.85 -8.54 0.50
C GLU B 77 14.80 -9.56 -0.62
N ASN B 78 13.62 -9.73 -1.22
CA ASN B 78 13.45 -10.65 -2.31
C ASN B 78 14.32 -10.26 -3.50
N VAL B 79 14.37 -8.97 -3.82
CA VAL B 79 15.21 -8.51 -4.92
C VAL B 79 16.68 -8.71 -4.57
N ASN B 80 17.08 -8.34 -3.36
CA ASN B 80 18.48 -8.46 -2.98
C ASN B 80 18.98 -9.90 -3.06
N GLU B 81 18.14 -10.85 -2.67
CA GLU B 81 18.52 -12.26 -2.67
C GLU B 81 18.32 -12.97 -4.02
N LYS B 82 17.27 -12.60 -4.75
CA LYS B 82 16.94 -13.31 -5.98
C LYS B 82 17.42 -12.66 -7.29
N CYS B 83 17.56 -11.31 -7.32
CA CYS B 83 17.95 -10.62 -8.54
C CYS B 83 19.47 -10.58 -8.65
N LYS B 84 20.14 -11.07 -7.61
CA LYS B 84 21.60 -11.11 -7.65
C LYS B 84 22.05 -11.97 -8.81
N PHE B 85 22.92 -11.45 -9.65
CA PHE B 85 23.40 -12.20 -10.79
C PHE B 85 24.78 -12.78 -10.53
N THR B 86 24.80 -14.09 -10.36
CA THR B 86 26.00 -14.84 -10.07
C THR B 86 25.83 -16.26 -10.57
N LEU B 87 26.93 -16.93 -10.89
CA LEU B 87 26.86 -18.31 -11.36
C LEU B 87 27.57 -19.26 -10.40
N PRO B 88 27.10 -20.51 -10.29
CA PRO B 88 27.73 -21.60 -9.59
C PRO B 88 28.91 -22.06 -10.42
N PRO B 89 29.84 -22.81 -9.84
CA PRO B 89 30.91 -23.46 -10.54
C PRO B 89 30.30 -24.48 -11.48
N LEU B 90 30.82 -24.56 -12.69
CA LEU B 90 30.27 -25.49 -13.66
C LEU B 90 31.20 -26.67 -13.90
N LYS B 91 30.64 -27.86 -13.95
CA LYS B 91 31.38 -29.02 -14.36
C LYS B 91 30.73 -29.49 -15.65
N ILE B 92 31.53 -29.77 -16.66
CA ILE B 92 30.95 -30.11 -17.95
C ILE B 92 31.19 -31.56 -18.35
N HIS B 93 31.56 -32.41 -17.40
CA HIS B 93 31.79 -33.81 -17.70
C HIS B 93 30.46 -34.52 -17.94
N GLU B 94 29.37 -33.85 -17.55
CA GLU B 94 28.01 -34.31 -17.77
C GLU B 94 27.28 -33.61 -18.95
N CYS B 95 28.00 -32.75 -19.73
CA CYS B 95 27.43 -31.98 -20.81
C CYS B 95 27.73 -32.64 -22.15
N ASN B 96 26.86 -32.44 -23.13
CA ASN B 96 27.04 -32.96 -24.47
C ASN B 96 27.64 -31.90 -25.39
N ILE B 97 28.88 -32.08 -25.81
CA ILE B 97 29.60 -31.12 -26.63
C ILE B 97 29.49 -31.51 -28.09
N SER B 98 28.83 -30.66 -28.87
CA SER B 98 28.58 -30.98 -30.28
C SER B 98 29.67 -30.41 -31.19
N CYS B 99 30.43 -31.33 -31.80
CA CYS B 99 31.58 -31.05 -32.66
C CYS B 99 31.33 -31.57 -34.08
N PRO B 100 31.94 -30.96 -35.09
CA PRO B 100 31.87 -31.34 -36.49
C PRO B 100 32.60 -32.65 -36.74
N GLU C 1 5.13 38.72 -34.22
CA GLU C 1 5.61 38.12 -35.46
C GLU C 1 6.88 37.32 -35.19
N VAL C 2 6.84 36.01 -35.50
CA VAL C 2 7.99 35.09 -35.36
C VAL C 2 8.77 35.00 -36.64
N LYS C 3 10.07 35.26 -36.57
CA LYS C 3 10.89 35.14 -37.76
C LYS C 3 12.30 34.68 -37.45
N LEU C 4 12.85 33.92 -38.38
CA LEU C 4 14.21 33.42 -38.32
C LEU C 4 14.95 33.89 -39.57
N GLU C 5 16.04 34.64 -39.40
CA GLU C 5 16.77 35.17 -40.54
C GLU C 5 18.17 34.57 -40.67
N GLU C 6 18.41 33.88 -41.78
CA GLU C 6 19.71 33.24 -42.00
C GLU C 6 20.64 34.09 -42.85
N SER C 7 21.91 34.09 -42.50
CA SER C 7 22.95 34.74 -43.29
C SER C 7 24.26 33.96 -43.22
N GLY C 8 25.19 34.26 -44.13
CA GLY C 8 26.48 33.57 -44.15
C GLY C 8 26.58 32.51 -45.25
N GLY C 9 25.63 32.52 -46.18
CA GLY C 9 25.64 31.57 -47.30
C GLY C 9 26.56 32.07 -48.41
N LEU C 11 29.16 30.90 -51.99
CA LEU C 11 30.01 29.86 -52.54
C LEU C 11 31.32 29.70 -51.79
N VAL C 12 31.54 28.49 -51.30
CA VAL C 12 32.77 28.13 -50.61
C VAL C 12 33.36 26.88 -51.24
N GLN C 13 34.65 26.89 -51.51
CA GLN C 13 35.26 25.77 -52.19
C GLN C 13 35.35 24.54 -51.28
N PRO C 14 35.31 23.32 -51.84
CA PRO C 14 35.42 22.06 -51.14
C PRO C 14 36.66 22.05 -50.27
N GLY C 15 36.49 21.56 -49.05
CA GLY C 15 37.57 21.49 -48.09
C GLY C 15 37.61 22.73 -47.21
N GLY C 16 36.84 23.75 -47.58
CA GLY C 16 36.78 24.99 -46.83
C GLY C 16 35.70 24.92 -45.77
N SER C 17 35.27 26.08 -45.30
CA SER C 17 34.26 26.12 -44.25
C SER C 17 33.32 27.29 -44.39
N MET C 18 32.14 27.13 -43.80
CA MET C 18 31.11 28.16 -43.77
C MET C 18 30.42 28.18 -42.42
N LYS C 19 29.96 29.35 -41.99
CA LYS C 19 29.21 29.42 -40.76
C LYS C 19 27.89 30.12 -41.00
N LEU C 20 26.80 29.44 -40.68
CA LEU C 20 25.47 30.01 -40.89
C LEU C 20 24.94 30.59 -39.60
N SER C 21 24.59 31.86 -39.64
CA SER C 21 24.10 32.57 -38.48
C SER C 21 22.62 32.87 -38.61
N CYS C 22 21.81 32.37 -37.66
CA CYS C 22 20.37 32.57 -37.62
C CYS C 22 19.97 33.53 -36.49
N VAL C 23 19.34 34.63 -36.88
CA VAL C 23 18.87 35.62 -35.92
C VAL C 23 17.41 35.33 -35.59
N ALA C 24 17.15 35.12 -34.31
CA ALA C 24 15.82 34.77 -33.86
C ALA C 24 15.12 35.95 -33.22
N SER C 25 13.86 36.16 -33.58
CA SER C 25 13.08 37.21 -32.93
C SER C 25 11.59 36.87 -32.89
N GLY C 26 10.88 37.52 -31.96
CA GLY C 26 9.43 37.35 -31.82
C GLY C 26 9.05 36.26 -30.84
N PHE C 27 10.05 35.61 -30.25
CA PHE C 27 9.81 34.53 -29.32
C PHE C 27 10.94 34.34 -28.33
N SER C 28 10.70 33.55 -27.30
CA SER C 28 11.70 33.31 -26.29
C SER C 28 12.67 32.24 -26.71
N PHE C 29 13.65 32.63 -27.49
CA PHE C 29 14.66 31.74 -28.05
C PHE C 29 15.21 30.73 -27.05
N SER C 30 15.47 31.18 -25.83
CA SER C 30 16.09 30.35 -24.79
C SER C 30 15.26 29.12 -24.36
N TYR C 31 13.99 29.06 -24.77
CA TYR C 31 13.13 27.93 -24.41
C TYR C 31 12.82 26.96 -25.54
N TYR C 32 13.37 27.17 -26.74
CA TYR C 32 13.04 26.28 -27.84
C TYR C 32 14.24 25.61 -28.48
N TRP C 33 14.03 24.39 -28.96
CA TRP C 33 15.07 23.65 -29.66
C TRP C 33 15.26 24.24 -31.03
N MET C 34 16.51 24.28 -31.50
CA MET C 34 16.75 24.78 -32.83
C MET C 34 17.35 23.71 -33.72
N ASN C 35 16.91 23.72 -34.96
CA ASN C 35 17.34 22.74 -35.94
C ASN C 35 17.71 23.37 -37.26
N TRP C 36 18.58 22.69 -37.99
CA TRP C 36 18.87 23.08 -39.36
C TRP C 36 18.43 21.97 -40.29
N VAL C 37 17.81 22.39 -41.38
CA VAL C 37 17.32 21.50 -42.44
C VAL C 37 17.78 22.05 -43.78
N ARG C 38 18.17 21.18 -44.70
CA ARG C 38 18.58 21.67 -46.01
C ARG C 38 17.76 21.08 -47.14
N GLN C 39 17.58 21.85 -48.21
CA GLN C 39 16.83 21.39 -49.36
C GLN C 39 17.65 21.31 -50.63
N LEU C 45 13.83 17.48 -48.72
CA LEU C 45 14.25 18.11 -47.48
C LEU C 45 15.07 17.10 -46.69
N GLU C 46 16.14 17.55 -46.06
CA GLU C 46 16.96 16.68 -45.24
C GLU C 46 17.36 17.35 -43.94
N TRP C 47 17.17 16.65 -42.83
CA TRP C 47 17.56 17.19 -41.54
C TRP C 47 19.06 17.17 -41.39
N VAL C 48 19.63 18.24 -40.84
CA VAL C 48 21.07 18.34 -40.67
C VAL C 48 21.54 18.22 -39.23
N ALA C 49 21.01 19.06 -38.35
CA ALA C 49 21.49 19.06 -36.96
C ALA C 49 20.46 19.64 -35.99
N GLU C 50 20.57 19.22 -34.73
CA GLU C 50 19.72 19.70 -33.64
C GLU C 50 20.51 20.06 -32.40
N ILE C 51 20.15 21.18 -31.78
CA ILE C 51 20.73 21.52 -30.50
C ILE C 51 19.66 21.81 -29.45
N ARG C 52 19.86 21.24 -28.27
CA ARG C 52 18.94 21.38 -27.17
C ARG C 52 19.29 22.57 -26.28
N LEU C 53 18.51 22.76 -25.24
CA LEU C 53 18.61 23.92 -24.36
C LEU C 53 19.72 23.79 -23.33
N LYS C 54 20.02 24.89 -22.65
CA LYS C 54 21.00 24.88 -21.58
C LYS C 54 20.65 23.83 -20.52
N SER C 55 19.36 23.67 -20.24
CA SER C 55 18.87 22.72 -19.25
C SER C 55 19.11 21.26 -19.67
N ASN C 56 19.44 21.07 -20.94
CA ASN C 56 19.74 19.77 -21.50
C ASN C 56 21.23 19.68 -21.80
N ASN C 57 21.98 20.60 -21.19
CA ASN C 57 23.42 20.72 -21.34
C ASN C 57 23.82 20.90 -22.80
N TYR C 58 22.99 21.60 -23.56
CA TYR C 58 23.26 21.85 -24.96
C TYR C 58 23.62 20.58 -25.71
N GLY C 59 22.90 19.50 -25.44
CA GLY C 59 23.18 18.24 -26.14
C GLY C 59 22.88 18.44 -27.62
N THR C 60 23.62 17.74 -28.46
CA THR C 60 23.43 17.88 -29.91
C THR C 60 23.25 16.55 -30.62
N HIS C 61 22.65 16.65 -31.79
CA HIS C 61 22.47 15.51 -32.69
C HIS C 61 22.78 15.93 -34.12
N TYR C 62 23.37 15.02 -34.89
CA TYR C 62 23.70 15.31 -36.27
C TYR C 62 23.27 14.19 -37.21
N ARG C 69 31.70 16.58 -39.13
CA ARG C 69 32.16 17.71 -39.93
C ARG C 69 31.46 18.98 -39.46
N PHE C 70 30.21 18.84 -39.03
CA PHE C 70 29.42 19.99 -38.60
C PHE C 70 29.37 20.09 -37.09
N THR C 71 29.32 21.33 -36.60
CA THR C 71 29.12 21.63 -35.19
C THR C 71 27.96 22.61 -35.02
N ILE C 72 27.08 22.35 -34.06
CA ILE C 72 25.96 23.25 -33.85
C ILE C 72 26.09 23.88 -32.46
N SER C 73 25.79 25.17 -32.37
CA SER C 73 25.92 25.89 -31.11
C SER C 73 24.86 26.98 -30.95
N ARG C 74 24.69 27.45 -29.73
CA ARG C 74 23.72 28.51 -29.43
C ARG C 74 24.35 29.65 -28.64
N ASP C 75 23.78 30.83 -28.79
CA ASP C 75 24.10 31.93 -27.90
C ASP C 75 22.80 32.63 -27.54
N LYS C 78 22.23 36.54 -27.48
CA LYS C 78 22.10 37.26 -28.74
C LYS C 78 20.87 36.78 -29.48
N SER C 79 20.08 35.91 -28.84
CA SER C 79 18.94 35.28 -29.47
C SER C 79 19.33 34.69 -30.82
N SER C 80 20.35 33.84 -30.84
CA SER C 80 20.78 33.28 -32.11
C SER C 80 21.33 31.86 -32.02
N VAL C 81 21.26 31.16 -33.14
CA VAL C 81 21.80 29.81 -33.28
C VAL C 81 22.75 29.76 -34.48
N TYR C 82 23.83 28.99 -34.35
CA TYR C 82 24.80 28.91 -35.41
C TYR C 82 25.09 27.48 -35.86
N LEU C 83 25.36 27.33 -37.16
CA LEU C 83 25.83 26.05 -37.67
C LEU C 83 27.21 26.22 -38.32
N GLN C 84 28.18 25.51 -37.78
CA GLN C 84 29.56 25.56 -38.27
C GLN C 84 29.81 24.38 -39.17
N MET C 85 30.03 24.63 -40.45
CA MET C 85 30.19 23.55 -41.41
C MET C 85 31.63 23.49 -41.91
N ASN C 86 32.40 22.52 -41.40
CA ASN C 86 33.80 22.40 -41.76
C ASN C 86 34.01 21.31 -42.79
N ASN C 87 35.14 21.35 -43.49
CA ASN C 87 35.45 20.28 -44.43
C ASN C 87 34.29 20.07 -45.38
N LEU C 88 33.84 21.17 -46.00
CA LEU C 88 32.69 21.16 -46.91
C LEU C 88 32.90 20.34 -48.16
N ARG C 89 31.81 19.76 -48.65
CA ARG C 89 31.83 18.98 -49.89
C ARG C 89 30.67 19.41 -50.79
N PRO C 90 30.74 19.20 -52.12
CA PRO C 90 29.70 19.47 -53.11
C PRO C 90 28.34 18.90 -52.73
N GLU C 91 28.34 17.80 -51.98
CA GLU C 91 27.11 17.15 -51.52
C GLU C 91 26.33 18.03 -50.54
N ASP C 92 26.96 19.08 -50.03
CA ASP C 92 26.33 19.97 -49.06
C ASP C 92 25.57 21.09 -49.75
N THR C 93 25.61 21.14 -51.09
CA THR C 93 24.93 22.19 -51.83
C THR C 93 23.42 22.08 -51.68
N GLY C 94 22.79 23.21 -51.40
CA GLY C 94 21.35 23.29 -51.22
C GLY C 94 20.96 24.55 -50.45
N ILE C 95 19.72 24.62 -50.03
CA ILE C 95 19.26 25.77 -49.26
C ILE C 95 19.09 25.39 -47.81
N TYR C 96 19.78 26.10 -46.94
CA TYR C 96 19.73 25.81 -45.52
C TYR C 96 18.70 26.68 -44.83
N TYR C 97 17.88 26.05 -44.02
CA TYR C 97 16.86 26.75 -43.28
C TYR C 97 17.11 26.61 -41.80
N CYS C 98 16.85 27.70 -41.07
CA CYS C 98 16.86 27.75 -39.62
C CYS C 98 15.43 27.44 -39.18
N THR C 99 15.28 26.48 -38.29
CA THR C 99 13.95 26.09 -37.88
C THR C 99 13.81 26.09 -36.37
N ARG C 100 12.58 26.27 -35.92
CA ARG C 100 12.26 26.21 -34.52
C ARG C 100 11.27 25.11 -34.24
N VAL C 101 11.57 24.32 -33.22
CA VAL C 101 10.74 23.18 -32.89
C VAL C 101 9.95 23.34 -31.60
N ILE C 102 8.64 23.19 -31.74
CA ILE C 102 7.69 23.24 -30.65
C ILE C 102 7.16 21.86 -30.40
N THR C 103 7.38 21.34 -29.20
CA THR C 103 6.96 19.98 -28.90
C THR C 103 7.11 19.05 -30.10
N THR C 104 8.37 18.87 -30.54
CA THR C 104 8.84 18.00 -31.63
C THR C 104 8.44 18.43 -33.05
N VAL C 105 7.62 19.45 -33.20
CA VAL C 105 7.14 19.88 -34.52
C VAL C 105 7.86 21.11 -35.06
N PHE C 106 8.34 21.02 -36.29
CA PHE C 106 9.06 22.11 -36.95
C PHE C 106 8.06 23.13 -37.47
N ALA C 107 7.45 23.84 -36.53
CA ALA C 107 6.40 24.80 -36.82
C ALA C 107 6.92 26.06 -37.51
N TYR C 108 8.13 26.49 -37.20
CA TYR C 108 8.61 27.74 -37.81
C TYR C 108 9.90 27.57 -38.57
N TRP C 109 9.91 28.17 -39.76
CA TRP C 109 11.06 28.13 -40.66
C TRP C 109 11.48 29.52 -41.07
N GLY C 110 12.77 29.72 -41.27
CA GLY C 110 13.27 31.00 -41.76
C GLY C 110 13.16 31.05 -43.27
N GLN C 111 13.64 32.15 -43.86
CA GLN C 111 13.55 32.31 -45.31
C GLN C 111 14.44 31.33 -46.06
N GLY C 112 15.59 31.03 -45.48
CA GLY C 112 16.56 30.11 -46.05
C GLY C 112 17.70 30.84 -46.75
N THR C 113 18.89 30.26 -46.70
CA THR C 113 20.06 30.82 -47.34
C THR C 113 20.72 29.79 -48.25
N LEU C 114 21.14 30.21 -49.44
CA LEU C 114 21.72 29.27 -50.39
C LEU C 114 23.19 29.02 -50.11
N VAL C 115 23.55 27.74 -50.07
CA VAL C 115 24.91 27.28 -49.88
C VAL C 115 25.38 26.46 -51.07
N THR C 116 26.48 26.89 -51.68
CA THR C 116 27.02 26.17 -52.83
C THR C 116 28.47 25.78 -52.53
N VAL C 117 28.84 24.54 -52.86
CA VAL C 117 30.20 24.02 -52.65
C VAL C 117 30.66 23.28 -53.91
N VAL D 2 6.51 -43.91 25.70
CA VAL D 2 7.24 -43.94 24.44
C VAL D 2 8.29 -45.06 24.49
N LYS D 3 8.18 -46.01 23.55
CA LYS D 3 9.12 -47.11 23.39
C LYS D 3 9.51 -47.29 21.93
N LEU D 4 10.81 -47.47 21.71
CA LEU D 4 11.36 -47.77 20.41
C LEU D 4 12.09 -49.09 20.51
N GLU D 5 11.64 -50.10 19.78
CA GLU D 5 12.25 -51.42 19.91
C GLU D 5 12.90 -51.90 18.62
N GLU D 6 14.24 -51.95 18.64
CA GLU D 6 15.01 -52.38 17.48
C GLU D 6 15.13 -53.88 17.39
N SER D 7 15.26 -54.39 16.17
CA SER D 7 15.51 -55.79 15.92
C SER D 7 16.17 -55.99 14.57
N GLY D 8 16.37 -57.24 14.19
CA GLY D 8 16.98 -57.59 12.91
C GLY D 8 18.51 -57.60 12.92
N GLY D 9 19.11 -57.46 14.09
CA GLY D 9 20.56 -57.42 14.19
C GLY D 9 21.15 -58.83 14.15
N GLY D 10 22.46 -58.94 14.37
CA GLY D 10 23.15 -60.23 14.30
C GLY D 10 24.47 -60.15 13.56
N LEU D 11 25.02 -61.32 13.23
CA LEU D 11 26.30 -61.44 12.53
C LEU D 11 26.13 -61.73 11.04
N VAL D 12 26.65 -60.84 10.18
CA VAL D 12 26.59 -60.94 8.72
C VAL D 12 27.97 -60.63 8.15
N MET D 18 22.34 -56.39 5.75
CA MET D 18 21.56 -56.47 6.99
C MET D 18 20.29 -55.65 6.87
N LYS D 19 19.17 -56.16 7.37
CA LYS D 19 17.94 -55.37 7.37
C LYS D 19 17.45 -55.16 8.79
N LEU D 20 17.48 -53.93 9.25
CA LEU D 20 17.07 -53.62 10.61
C LEU D 20 15.66 -53.08 10.61
N SER D 21 15.00 -53.24 11.74
CA SER D 21 13.66 -52.70 11.90
C SER D 21 13.49 -52.13 13.30
N CYS D 22 12.54 -51.21 13.45
CA CYS D 22 12.17 -50.61 14.72
C CYS D 22 10.66 -50.40 14.80
N VAL D 23 10.08 -50.90 15.88
CA VAL D 23 8.66 -50.75 16.11
C VAL D 23 8.40 -49.66 17.15
N ALA D 24 7.54 -48.74 16.80
CA ALA D 24 7.19 -47.62 17.66
C ALA D 24 5.93 -47.89 18.47
N SER D 25 5.93 -47.43 19.72
CA SER D 25 4.75 -47.52 20.57
C SER D 25 4.66 -46.36 21.56
N GLY D 26 3.44 -45.93 21.87
CA GLY D 26 3.21 -44.88 22.87
C GLY D 26 3.03 -43.49 22.27
N PHE D 27 3.22 -43.37 20.97
CA PHE D 27 3.09 -42.09 20.28
C PHE D 27 2.63 -42.32 18.85
N SER D 28 2.19 -41.27 18.18
CA SER D 28 1.76 -41.43 16.80
C SER D 28 2.95 -41.34 15.86
N PHE D 29 3.31 -42.49 15.33
CA PHE D 29 4.50 -42.68 14.50
C PHE D 29 4.56 -41.76 13.29
N SER D 30 3.43 -41.63 12.60
CA SER D 30 3.36 -40.94 11.32
C SER D 30 3.64 -39.44 11.37
N TYR D 31 3.72 -38.83 12.54
CA TYR D 31 3.96 -37.39 12.60
C TYR D 31 5.40 -37.03 12.94
N TYR D 32 6.28 -38.02 13.05
CA TYR D 32 7.65 -37.74 13.44
C TYR D 32 8.68 -38.23 12.46
N TRP D 33 9.80 -37.55 12.44
CA TRP D 33 10.95 -37.98 11.66
C TRP D 33 11.61 -39.14 12.36
N MET D 34 11.97 -40.17 11.60
CA MET D 34 12.66 -41.30 12.18
C MET D 34 14.09 -41.32 11.73
N ASN D 35 14.99 -41.57 12.66
CA ASN D 35 16.40 -41.54 12.35
C ASN D 35 17.15 -42.73 12.92
N TRP D 36 18.15 -43.18 12.19
CA TRP D 36 19.06 -44.20 12.69
C TRP D 36 20.42 -43.59 12.99
N VAL D 37 20.94 -43.93 14.16
CA VAL D 37 22.24 -43.49 14.63
C VAL D 37 23.02 -44.72 15.08
N ARG D 38 24.31 -44.78 14.82
CA ARG D 38 25.09 -45.93 15.26
C ARG D 38 26.18 -45.50 16.23
N GLN D 39 26.52 -46.40 17.15
CA GLN D 39 27.52 -46.10 18.18
C GLN D 39 28.57 -47.18 18.35
N GLY D 44 32.16 -42.96 18.96
CA GLY D 44 31.11 -42.16 19.58
C GLY D 44 29.84 -42.34 18.75
N LEU D 45 29.00 -41.31 18.73
CA LEU D 45 27.73 -41.40 18.01
C LEU D 45 27.88 -40.88 16.59
N GLU D 46 27.33 -41.61 15.64
CA GLU D 46 27.34 -41.18 14.25
C GLU D 46 25.97 -41.33 13.61
N TRP D 47 25.46 -40.26 13.02
CA TRP D 47 24.17 -40.32 12.36
C TRP D 47 24.28 -41.09 11.05
N VAL D 48 23.30 -41.94 10.78
CA VAL D 48 23.31 -42.76 9.58
C VAL D 48 22.30 -42.33 8.52
N ALA D 49 21.01 -42.28 8.90
CA ALA D 49 19.99 -41.97 7.91
C ALA D 49 18.71 -41.40 8.54
N GLU D 50 17.97 -40.64 7.74
CA GLU D 50 16.71 -40.03 8.13
C GLU D 50 15.61 -40.22 7.10
N ILE D 51 14.41 -40.55 7.58
CA ILE D 51 13.24 -40.58 6.70
C ILE D 51 12.10 -39.75 7.28
N ARG D 52 11.52 -38.92 6.43
CA ARG D 52 10.43 -38.04 6.83
C ARG D 52 9.06 -38.61 6.47
N LEU D 53 8.02 -37.94 6.94
CA LEU D 53 6.64 -38.36 6.73
C LEU D 53 6.04 -37.83 5.43
N LYS D 54 4.79 -38.23 5.18
CA LYS D 54 4.08 -37.87 3.96
C LYS D 54 4.10 -36.37 3.65
N SER D 55 4.00 -35.52 4.68
CA SER D 55 3.94 -34.07 4.48
C SER D 55 5.26 -33.52 3.91
N ASN D 56 6.32 -34.33 3.98
CA ASN D 56 7.62 -33.97 3.46
C ASN D 56 7.92 -34.82 2.22
N ASN D 57 6.86 -35.47 1.71
CA ASN D 57 6.94 -36.38 0.58
C ASN D 57 7.88 -37.55 0.82
N TYR D 58 7.95 -38.03 2.06
CA TYR D 58 8.80 -39.15 2.42
C TYR D 58 10.23 -38.98 1.94
N GLY D 59 10.77 -37.78 2.12
CA GLY D 59 12.13 -37.50 1.69
C GLY D 59 13.11 -38.21 2.63
N THR D 60 14.31 -38.49 2.11
CA THR D 60 15.33 -39.14 2.91
C THR D 60 16.67 -38.45 2.81
N HIS D 61 17.50 -38.67 3.82
CA HIS D 61 18.86 -38.17 3.85
C HIS D 61 19.81 -39.24 4.37
N TYR D 62 21.03 -39.28 3.85
CA TYR D 62 22.01 -40.24 4.30
C TYR D 62 23.36 -39.62 4.58
N ALA D 63 24.07 -40.16 5.57
CA ALA D 63 25.43 -39.75 5.82
C ALA D 63 26.28 -40.15 4.63
N GLU D 64 27.28 -39.34 4.32
CA GLU D 64 28.12 -39.60 3.16
C GLU D 64 28.88 -40.92 3.24
N VAL D 66 27.57 -43.74 4.23
CA VAL D 66 26.67 -44.84 3.93
C VAL D 66 25.82 -44.57 2.69
N LYS D 67 25.80 -43.31 2.26
CA LYS D 67 25.02 -42.91 1.12
C LYS D 67 25.40 -43.72 -0.10
N ARG D 69 24.75 -46.95 -0.32
CA ARG D 69 24.76 -48.34 0.11
C ARG D 69 23.54 -48.62 0.97
N PHE D 70 23.15 -47.65 1.80
CA PHE D 70 22.02 -47.83 2.68
C PHE D 70 20.76 -47.20 2.10
N THR D 71 19.62 -47.83 2.39
CA THR D 71 18.31 -47.29 2.05
C THR D 71 17.41 -47.27 3.28
N ILE D 72 16.77 -46.14 3.51
CA ILE D 72 15.88 -46.02 4.66
C ILE D 72 14.44 -45.94 4.15
N SER D 73 13.54 -46.64 4.82
CA SER D 73 12.14 -46.67 4.42
C SER D 73 11.26 -46.79 5.65
N ARG D 74 9.98 -46.48 5.50
CA ARG D 74 9.05 -46.61 6.61
C ARG D 74 7.71 -47.15 6.17
N ASP D 75 6.95 -47.66 7.13
CA ASP D 75 5.58 -48.04 6.88
C ASP D 75 4.72 -47.58 8.05
N ASP D 76 3.97 -46.50 7.82
CA ASP D 76 3.21 -45.89 8.88
C ASP D 76 2.10 -46.80 9.39
N SER D 77 1.61 -47.71 8.54
CA SER D 77 0.49 -48.55 8.93
C SER D 77 0.90 -49.62 9.94
N LYS D 78 2.21 -49.80 10.09
CA LYS D 78 2.76 -50.78 11.00
C LYS D 78 3.50 -50.08 12.13
N SER D 79 3.43 -48.75 12.13
CA SER D 79 4.14 -47.93 13.10
C SER D 79 5.60 -48.33 13.19
N SER D 80 6.27 -48.50 12.05
CA SER D 80 7.66 -48.92 12.08
C SER D 80 8.53 -48.34 10.98
N VAL D 81 9.83 -48.34 11.25
CA VAL D 81 10.85 -47.85 10.33
C VAL D 81 11.90 -48.94 10.07
N TYR D 82 12.39 -48.98 8.84
CA TYR D 82 13.37 -49.99 8.42
C TYR D 82 14.63 -49.36 7.84
N LEU D 83 15.75 -50.06 8.01
CA LEU D 83 17.01 -49.64 7.39
C LEU D 83 17.65 -50.82 6.68
N GLN D 84 17.83 -50.68 5.37
CA GLN D 84 18.44 -51.72 4.55
C GLN D 84 19.89 -51.37 4.30
N MET D 85 20.80 -52.19 4.80
CA MET D 85 22.21 -51.88 4.69
C MET D 85 22.92 -52.85 3.76
N ASN D 86 23.14 -52.42 2.52
CA ASN D 86 23.73 -53.29 1.52
C ASN D 86 25.22 -53.09 1.42
N ASP D 92 30.96 -50.85 9.39
CA ASP D 92 29.52 -50.80 9.70
C ASP D 92 29.16 -51.42 11.07
N THR D 93 30.11 -52.14 11.69
CA THR D 93 29.91 -52.81 12.99
C THR D 93 29.71 -51.81 14.12
N GLY D 94 28.70 -52.07 14.95
CA GLY D 94 28.39 -51.21 16.09
C GLY D 94 26.94 -51.40 16.53
N ILE D 95 26.48 -50.53 17.42
CA ILE D 95 25.11 -50.62 17.90
C ILE D 95 24.24 -49.61 17.21
N TYR D 96 23.18 -50.09 16.58
CA TYR D 96 22.27 -49.23 15.86
C TYR D 96 21.08 -48.87 16.71
N TYR D 97 20.80 -47.57 16.78
CA TYR D 97 19.70 -47.07 17.55
C TYR D 97 18.61 -46.45 16.68
N CYS D 98 17.38 -46.71 17.09
CA CYS D 98 16.16 -46.12 16.53
C CYS D 98 15.83 -44.90 17.36
N THR D 99 15.70 -43.75 16.70
CA THR D 99 15.42 -42.54 17.44
C THR D 99 14.26 -41.74 16.86
N ARG D 100 13.62 -40.97 17.75
CA ARG D 100 12.58 -40.02 17.35
C ARG D 100 13.15 -38.64 17.35
N VAL D 101 12.98 -37.94 16.25
CA VAL D 101 13.40 -36.57 16.21
C VAL D 101 12.21 -35.64 16.35
N ILE D 102 12.18 -34.95 17.48
CA ILE D 102 11.11 -34.06 17.87
C ILE D 102 11.58 -32.64 17.78
N THR D 103 10.93 -31.85 16.96
CA THR D 103 11.34 -30.47 16.75
C THR D 103 12.87 -30.39 16.59
N THR D 104 13.40 -31.23 15.69
CA THR D 104 14.82 -31.37 15.28
C THR D 104 15.74 -32.01 16.33
N VAL D 105 15.21 -32.39 17.49
CA VAL D 105 16.02 -32.97 18.56
C VAL D 105 15.81 -34.46 18.75
N PHE D 106 16.90 -35.21 18.84
CA PHE D 106 16.85 -36.66 19.05
C PHE D 106 16.53 -36.96 20.51
N ALA D 107 15.29 -36.65 20.89
CA ALA D 107 14.82 -36.78 22.26
C ALA D 107 14.66 -38.22 22.71
N TYR D 108 14.28 -39.12 21.82
CA TYR D 108 14.06 -40.50 22.26
C TYR D 108 14.92 -41.50 21.52
N TRP D 109 15.49 -42.42 22.29
CA TRP D 109 16.32 -43.49 21.76
C TRP D 109 15.82 -44.84 22.26
N GLY D 110 15.93 -45.86 21.43
CA GLY D 110 15.59 -47.22 21.85
C GLY D 110 16.80 -47.85 22.53
N GLN D 111 16.73 -49.15 22.80
CA GLN D 111 17.83 -49.82 23.48
C GLN D 111 18.99 -50.10 22.51
N GLY D 112 18.65 -50.29 21.25
CA GLY D 112 19.65 -50.52 20.20
C GLY D 112 19.83 -51.99 19.88
N THR D 113 20.30 -52.26 18.66
CA THR D 113 20.53 -53.62 18.20
C THR D 113 21.95 -53.76 17.66
N LEU D 114 22.56 -54.92 17.91
CA LEU D 114 23.95 -55.13 17.49
C LEU D 114 24.08 -55.59 16.06
N VAL D 115 24.93 -54.91 15.31
CA VAL D 115 25.27 -55.28 13.95
C VAL D 115 26.77 -55.59 13.88
N THR D 116 27.12 -56.80 13.43
CA THR D 116 28.50 -57.26 13.33
C THR D 116 28.63 -58.31 12.23
N ILE E 2 14.67 5.79 -38.66
CA ILE E 2 13.38 5.52 -39.29
C ILE E 2 13.30 6.41 -40.54
N VAL E 3 13.01 5.81 -41.71
CA VAL E 3 12.96 6.53 -43.00
C VAL E 3 11.57 6.48 -43.63
N LEU E 4 11.30 7.43 -44.53
CA LEU E 4 9.99 7.53 -45.15
C LEU E 4 9.95 7.40 -46.65
N THR E 5 8.92 6.70 -47.13
CA THR E 5 8.60 6.59 -48.54
C THR E 5 7.30 7.32 -48.81
N GLN E 6 7.30 8.22 -49.79
CA GLN E 6 6.11 9.00 -50.06
C GLN E 6 5.69 8.87 -51.52
N SER E 7 4.39 8.75 -51.77
CA SER E 7 3.86 8.60 -53.12
C SER E 7 2.37 9.00 -53.19
N PRO E 8 1.81 9.24 -54.38
CA PRO E 8 2.36 9.23 -55.74
C PRO E 8 3.43 10.27 -55.93
N SER E 10 3.86 12.21 -58.34
CA SER E 10 3.18 13.38 -58.86
C SER E 10 1.69 13.08 -58.87
N LEU E 11 0.90 14.11 -58.65
CA LEU E 11 -0.53 13.95 -58.58
C LEU E 11 -1.27 14.86 -59.55
N ALA E 12 -1.60 14.31 -60.71
CA ALA E 12 -2.30 15.06 -61.75
C ALA E 12 -3.78 15.07 -61.45
N VAL E 13 -4.19 15.97 -60.58
CA VAL E 13 -5.55 16.01 -60.04
C VAL E 13 -6.32 17.19 -60.61
N LEU E 15 -9.11 20.31 -60.68
CA LEU E 15 -9.52 21.26 -59.66
C LEU E 15 -10.90 20.85 -59.15
N GLY E 16 -11.07 20.91 -57.83
CA GLY E 16 -12.34 20.53 -57.24
C GLY E 16 -12.35 19.06 -56.82
N GLN E 17 -11.32 18.34 -57.25
CA GLN E 17 -11.17 16.92 -56.96
C GLN E 17 -10.39 16.71 -55.67
N ARG E 18 -10.66 15.59 -55.00
CA ARG E 18 -9.92 15.21 -53.80
C ARG E 18 -8.56 14.62 -54.15
N ALA E 19 -7.53 15.18 -53.54
CA ALA E 19 -6.18 14.67 -53.73
C ALA E 19 -5.74 13.93 -52.48
N THR E 20 -5.18 12.74 -52.66
CA THR E 20 -4.69 12.00 -51.51
C THR E 20 -3.23 11.63 -51.70
N ILE E 21 -2.43 11.90 -50.67
CA ILE E 21 -1.01 11.60 -50.70
C ILE E 21 -0.66 10.65 -49.55
N SER E 22 0.02 9.55 -49.88
CA SER E 22 0.36 8.55 -48.87
C SER E 22 1.83 8.64 -48.44
N CYS E 23 2.11 8.24 -47.18
CA CYS E 23 3.46 8.15 -46.65
C CYS E 23 3.59 6.91 -45.77
N ARG E 24 4.65 6.16 -46.02
CA ARG E 24 4.89 4.91 -45.31
C ARG E 24 6.17 4.97 -44.50
N ALA E 25 6.06 4.69 -43.22
CA ALA E 25 7.23 4.67 -42.35
C ALA E 25 7.83 3.27 -42.31
N SER E 26 9.16 3.21 -42.25
CA SER E 26 9.84 1.92 -42.11
C SER E 26 9.60 1.29 -40.73
N GLU E 27 9.26 2.13 -39.75
CA GLU E 27 8.96 1.68 -38.40
C GLU E 27 7.79 2.49 -37.88
N SER E 28 7.05 1.94 -36.94
CA SER E 28 5.90 2.64 -36.38
C SER E 28 6.34 3.91 -35.66
N VAL E 29 5.54 4.95 -35.81
CA VAL E 29 5.79 6.23 -35.16
C VAL E 29 4.55 6.72 -34.42
N HIS E 30 4.13 5.96 -33.41
CA HIS E 30 2.88 6.26 -32.72
C HIS E 30 2.96 6.07 -31.19
N ASP E 31 4.13 6.36 -30.61
CA ASP E 31 4.26 6.23 -29.17
C ASP E 31 3.36 7.23 -28.46
N TYR E 32 2.91 6.88 -27.27
CA TYR E 32 2.05 7.76 -26.45
C TYR E 32 0.66 7.91 -27.04
N GLY E 33 0.39 7.25 -28.17
CA GLY E 33 -0.88 7.43 -28.84
C GLY E 33 -0.82 8.67 -29.73
N ILE E 34 0.39 9.21 -29.87
CA ILE E 34 0.63 10.40 -30.66
C ILE E 34 1.40 10.10 -31.93
N SER E 35 0.79 10.41 -33.06
CA SER E 35 1.47 10.24 -34.33
C SER E 35 2.61 11.25 -34.45
N PHE E 36 3.74 10.81 -34.96
CA PHE E 36 4.85 11.73 -35.19
C PHE E 36 5.14 11.93 -36.67
N MET E 37 4.11 11.73 -37.49
CA MET E 37 4.22 11.96 -38.93
C MET E 37 3.64 13.33 -39.28
N ASN E 38 4.49 14.29 -39.63
CA ASN E 38 4.02 15.65 -39.93
C ASN E 38 3.95 15.87 -41.43
N TRP E 39 3.15 16.86 -41.87
CA TRP E 39 3.07 17.20 -43.29
C TRP E 39 3.33 18.69 -43.53
N PHE E 40 4.06 18.99 -44.60
CA PHE E 40 4.41 20.35 -44.99
C PHE E 40 4.05 20.68 -46.43
N GLN E 41 3.82 21.98 -46.68
CA GLN E 41 3.58 22.52 -48.02
C GLN E 41 4.71 23.44 -48.44
N GLN E 42 5.32 23.21 -49.59
CA GLN E 42 6.45 24.05 -50.00
C GLN E 42 6.31 24.54 -51.43
N LYS E 43 6.64 25.82 -51.63
CA LYS E 43 6.58 26.42 -52.95
C LYS E 43 7.94 27.03 -53.29
N PRO E 44 8.31 27.15 -54.57
CA PRO E 44 9.54 27.76 -55.02
C PRO E 44 9.69 29.16 -54.44
N GLY E 45 10.87 29.44 -53.91
CA GLY E 45 11.16 30.75 -53.33
C GLY E 45 10.75 30.86 -51.86
N GLN E 46 10.05 29.85 -51.35
CA GLN E 46 9.55 29.86 -49.98
C GLN E 46 10.01 28.64 -49.19
N PRO E 47 10.11 28.75 -47.86
CA PRO E 47 10.35 27.65 -46.95
C PRO E 47 9.09 26.82 -46.86
N PRO E 48 9.18 25.54 -46.47
CA PRO E 48 8.07 24.67 -46.22
C PRO E 48 7.27 25.18 -45.03
N LYS E 49 5.96 25.12 -45.15
CA LYS E 49 5.04 25.56 -44.13
C LYS E 49 4.34 24.37 -43.50
N LEU E 50 4.19 24.39 -42.19
CA LEU E 50 3.50 23.29 -41.53
C LEU E 50 2.03 23.27 -41.88
N LEU E 51 1.55 22.10 -42.33
CA LEU E 51 0.13 21.91 -42.61
C LEU E 51 -0.51 21.15 -41.50
N ILE E 52 -0.02 19.94 -41.31
CA ILE E 52 -0.57 19.03 -40.33
C ILE E 52 0.54 18.55 -39.42
N TYR E 53 0.30 18.55 -38.14
CA TYR E 53 1.26 17.96 -37.24
C TYR E 53 0.58 16.77 -36.63
N SER E 54 1.36 15.74 -36.35
CA SER E 54 0.79 14.51 -35.86
C SER E 54 -0.31 14.06 -36.81
N ALA E 55 -1.40 13.52 -36.28
CA ALA E 55 -2.46 13.06 -37.16
C ALA E 55 -3.67 13.99 -37.09
N SER E 56 -3.99 14.57 -38.25
CA SER E 56 -5.14 15.46 -38.49
C SER E 56 -5.11 16.83 -37.80
N ASN E 57 -4.04 17.17 -37.09
CA ASN E 57 -4.03 18.44 -36.38
C ASN E 57 -3.47 19.56 -37.25
N GLN E 58 -4.31 20.52 -37.61
CA GLN E 58 -3.89 21.60 -38.50
C GLN E 58 -2.99 22.60 -37.82
N GLY E 59 -2.02 23.10 -38.56
CA GLY E 59 -1.09 24.11 -38.09
C GLY E 59 -1.70 25.51 -38.17
N SER E 60 -0.89 26.52 -37.86
CA SER E 60 -1.41 27.87 -37.83
C SER E 60 -1.62 28.46 -39.21
N GLY E 61 -2.82 28.93 -39.46
CA GLY E 61 -3.14 29.54 -40.76
C GLY E 61 -3.49 28.53 -41.83
N VAL E 62 -3.61 27.26 -41.45
CA VAL E 62 -3.89 26.20 -42.42
C VAL E 62 -5.39 26.12 -42.74
N PRO E 63 -5.77 26.21 -44.03
CA PRO E 63 -7.14 26.15 -44.53
C PRO E 63 -7.82 24.84 -44.16
N ALA E 64 -9.14 24.91 -44.02
CA ALA E 64 -9.98 23.76 -43.67
C ALA E 64 -9.92 22.65 -44.71
N ARG E 65 -9.43 23.00 -45.89
CA ARG E 65 -9.30 22.09 -47.03
C ARG E 65 -8.29 20.99 -46.73
N PHE E 66 -7.41 21.24 -45.74
CA PHE E 66 -6.36 20.28 -45.41
C PHE E 66 -6.70 19.44 -44.19
N SER E 67 -6.66 18.13 -44.37
CA SER E 67 -6.89 17.21 -43.28
C SER E 67 -5.95 16.03 -43.43
N GLY E 68 -6.16 15.00 -42.64
CA GLY E 68 -5.28 13.85 -42.69
C GLY E 68 -5.59 12.87 -41.57
N SER E 69 -4.94 11.71 -41.64
CA SER E 69 -5.13 10.65 -40.65
C SER E 69 -4.00 9.64 -40.75
N GLY E 70 -3.96 8.71 -39.80
CA GLY E 70 -2.98 7.64 -39.86
C GLY E 70 -2.60 7.11 -38.49
N SER E 71 -1.95 5.95 -38.50
CA SER E 71 -1.46 5.28 -37.31
C SER E 71 -0.38 4.29 -37.69
N GLY E 72 0.41 3.84 -36.71
CA GLY E 72 1.40 2.82 -37.02
C GLY E 72 2.42 3.38 -38.01
N THR E 73 2.42 2.79 -39.22
CA THR E 73 3.31 3.18 -40.29
C THR E 73 2.56 3.74 -41.50
N ASP E 74 1.23 3.75 -41.44
CA ASP E 74 0.39 4.12 -42.59
C ASP E 74 -0.30 5.47 -42.38
N PHE E 75 0.21 6.51 -43.05
CA PHE E 75 -0.32 7.86 -42.88
C PHE E 75 -0.65 8.51 -44.21
N SER E 76 -1.62 9.43 -44.20
CA SER E 76 -1.95 10.15 -45.42
C SER E 76 -2.44 11.57 -45.20
N LEU E 77 -2.26 12.39 -46.23
CA LEU E 77 -2.71 13.76 -46.29
C LEU E 77 -3.90 13.87 -47.24
N ASN E 78 -4.96 14.53 -46.79
CA ASN E 78 -6.17 14.65 -47.59
C ASN E 78 -6.49 16.10 -47.93
N ILE E 79 -6.43 16.43 -49.21
CA ILE E 79 -6.70 17.81 -49.63
C ILE E 79 -7.96 17.87 -50.47
N HIS E 80 -8.97 18.58 -49.99
CA HIS E 80 -10.22 18.60 -50.72
C HIS E 80 -11.10 19.81 -50.41
N PRO E 81 -11.58 20.50 -51.45
CA PRO E 81 -11.23 20.40 -52.86
C PRO E 81 -9.85 20.96 -53.10
N MET E 82 -9.12 20.45 -54.07
CA MET E 82 -7.88 21.10 -54.41
C MET E 82 -8.13 22.37 -55.22
N GLU E 83 -7.49 23.47 -54.82
CA GLU E 83 -7.62 24.75 -55.52
C GLU E 83 -6.29 25.20 -56.12
N GLU E 84 -6.27 26.35 -56.82
CA GLU E 84 -5.05 26.85 -57.45
C GLU E 84 -3.93 27.13 -56.45
N ASP E 85 -4.30 27.57 -55.26
CA ASP E 85 -3.33 27.94 -54.26
C ASP E 85 -2.71 26.73 -53.58
N ASP E 86 -3.22 25.55 -53.90
CA ASP E 86 -2.75 24.33 -53.28
C ASP E 86 -1.73 23.63 -54.17
N ILE E 87 -1.32 24.27 -55.26
CA ILE E 87 -0.30 23.66 -56.09
C ILE E 87 1.03 23.84 -55.41
N ALA E 88 1.63 22.73 -55.00
CA ALA E 88 2.84 22.80 -54.18
C ALA E 88 3.51 21.44 -54.05
N MET E 89 4.73 21.45 -53.54
CA MET E 89 5.38 20.21 -53.13
C MET E 89 4.88 19.86 -51.75
N TYR E 90 4.60 18.60 -51.53
CA TYR E 90 4.17 18.16 -50.21
C TYR E 90 5.15 17.16 -49.66
N PHE E 91 5.45 17.30 -48.38
CA PHE E 91 6.39 16.41 -47.73
C PHE E 91 5.84 15.82 -46.44
N CYS E 92 6.16 14.54 -46.18
CA CYS E 92 5.89 13.90 -44.90
C CYS E 92 7.19 13.86 -44.07
N GLN E 93 7.07 14.04 -42.76
CA GLN E 93 8.22 14.10 -41.87
C GLN E 93 8.17 13.16 -40.68
N GLN E 94 9.30 12.51 -40.42
CA GLN E 94 9.50 11.65 -39.28
C GLN E 94 10.21 12.44 -38.19
N SER E 95 9.46 12.87 -37.17
CA SER E 95 10.04 13.74 -36.13
C SER E 95 10.13 13.05 -34.78
N LYS E 96 10.03 11.72 -34.77
CA LYS E 96 10.05 10.95 -33.53
C LYS E 96 11.47 10.65 -33.03
N GLU E 97 12.34 10.22 -33.93
CA GLU E 97 13.68 9.79 -33.54
C GLU E 97 14.78 10.34 -34.43
N VAL E 98 15.94 10.54 -33.81
CA VAL E 98 17.17 10.97 -34.48
C VAL E 98 17.82 9.82 -35.25
N PRO E 99 18.21 10.04 -36.51
CA PRO E 99 18.09 11.24 -37.33
C PRO E 99 16.65 11.44 -37.72
N TYR E 100 16.24 12.69 -37.83
CA TYR E 100 14.90 12.98 -38.28
C TYR E 100 14.94 12.91 -39.79
N THR E 101 13.83 12.51 -40.40
CA THR E 101 13.85 12.37 -41.86
C THR E 101 12.63 12.95 -42.54
N PHE E 102 12.75 13.09 -43.84
CA PHE E 102 11.63 13.48 -44.68
C PHE E 102 11.47 12.49 -45.81
N GLY E 105 9.13 13.62 -51.15
CA GLY E 105 8.17 14.67 -51.42
C GLY E 105 7.44 14.41 -52.72
N THR E 106 6.23 14.94 -52.84
CA THR E 106 5.42 14.72 -54.04
C THR E 106 4.95 16.03 -54.63
N LYS E 107 4.72 16.02 -55.94
CA LYS E 107 4.24 17.22 -56.62
C LYS E 107 2.74 17.18 -56.87
N LEU E 108 2.02 18.07 -56.23
CA LEU E 108 0.56 18.12 -56.42
C LEU E 108 0.18 19.31 -57.28
N GLU E 109 -0.47 19.03 -58.40
CA GLU E 109 -0.84 20.08 -59.36
C GLU E 109 -2.18 19.79 -60.03
N ILE E 110 -2.80 20.83 -60.61
CA ILE E 110 -4.08 20.71 -61.34
C ILE E 110 -3.88 19.88 -62.62
N ILE F 2 29.58 -29.85 9.36
CA ILE F 2 30.10 -29.08 10.50
C ILE F 2 30.82 -30.06 11.44
N VAL F 3 32.09 -29.76 11.77
CA VAL F 3 32.91 -30.60 12.66
C VAL F 3 32.83 -30.13 14.10
N LEU F 4 32.55 -31.06 15.02
CA LEU F 4 32.47 -30.71 16.43
C LEU F 4 33.61 -31.34 17.21
N THR F 5 34.33 -30.52 17.96
CA THR F 5 35.46 -30.98 18.77
C THR F 5 35.23 -30.77 20.26
N GLN F 6 35.41 -31.83 21.07
CA GLN F 6 35.26 -31.81 22.53
C GLN F 6 36.61 -32.07 23.19
N GLN F 17 31.32 -31.39 43.36
CA GLN F 17 31.81 -30.08 42.90
C GLN F 17 31.33 -29.78 41.49
N ARG F 18 31.70 -28.60 40.99
CA ARG F 18 31.36 -28.19 39.64
C ARG F 18 32.33 -28.75 38.62
N ALA F 19 31.81 -29.19 37.47
CA ALA F 19 32.64 -29.67 36.37
C ALA F 19 32.01 -29.29 35.05
N THR F 20 32.83 -29.05 34.02
CA THR F 20 32.27 -28.68 32.73
C THR F 20 32.89 -29.44 31.58
N ILE F 21 32.13 -29.51 30.48
CA ILE F 21 32.60 -30.07 29.23
C ILE F 21 32.43 -29.07 28.12
N SER F 22 33.51 -28.77 27.41
CA SER F 22 33.45 -27.80 26.32
C SER F 22 33.33 -28.50 24.96
N CYS F 23 32.66 -27.83 24.00
CA CYS F 23 32.58 -28.25 22.61
C CYS F 23 32.65 -27.04 21.69
N ARG F 24 33.45 -27.17 20.64
CA ARG F 24 33.65 -26.09 19.69
C ARG F 24 33.32 -26.54 18.27
N ALA F 25 32.48 -25.77 17.60
CA ALA F 25 32.09 -26.08 16.23
C ALA F 25 32.99 -25.37 15.22
N SER F 26 33.26 -26.04 14.10
CA SER F 26 34.04 -25.45 13.02
C SER F 26 33.25 -24.35 12.30
N GLU F 27 31.93 -24.40 12.43
CA GLU F 27 31.03 -23.42 11.85
C GLU F 27 29.95 -23.11 12.87
N SER F 28 29.38 -21.93 12.81
CA SER F 28 28.34 -21.58 13.76
C SER F 28 27.09 -22.41 13.54
N VAL F 29 26.35 -22.61 14.62
CA VAL F 29 25.11 -23.36 14.57
C VAL F 29 23.91 -22.50 14.95
N HIS F 30 24.06 -21.20 14.78
CA HIS F 30 23.00 -20.27 15.14
C HIS F 30 22.19 -19.80 13.93
N ASP F 31 20.88 -20.04 14.00
CA ASP F 31 19.93 -19.62 12.98
C ASP F 31 18.53 -19.59 13.58
N TYR F 32 17.65 -18.79 13.02
CA TYR F 32 16.27 -18.68 13.51
C TYR F 32 16.23 -18.23 14.97
N GLY F 33 17.29 -17.56 15.42
CA GLY F 33 17.39 -17.09 16.79
C GLY F 33 17.79 -18.23 17.75
N ILE F 34 18.05 -19.40 17.18
CA ILE F 34 18.35 -20.61 17.93
C ILE F 34 19.73 -21.17 17.70
N SER F 35 20.43 -21.48 18.78
CA SER F 35 21.70 -22.18 18.65
C SER F 35 21.44 -23.67 18.76
N PHE F 36 21.60 -24.38 17.65
CA PHE F 36 21.24 -25.79 17.55
C PHE F 36 22.30 -26.73 18.08
N MET F 37 22.62 -26.57 19.36
CA MET F 37 23.65 -27.37 20.01
C MET F 37 23.09 -28.21 21.16
N ASN F 38 22.93 -29.50 20.93
CA ASN F 38 22.31 -30.39 21.91
C ASN F 38 23.37 -31.12 22.73
N TRP F 39 23.02 -31.56 23.94
CA TRP F 39 23.92 -32.39 24.76
C TRP F 39 23.24 -33.65 25.29
N PHE F 40 23.98 -34.77 25.25
CA PHE F 40 23.48 -36.06 25.72
C PHE F 40 24.37 -36.70 26.78
N GLN F 41 23.74 -37.48 27.66
CA GLN F 41 24.43 -38.29 28.68
C GLN F 41 24.26 -39.77 28.39
N GLN F 42 25.36 -40.50 28.23
CA GLN F 42 25.26 -41.92 27.96
C GLN F 42 26.04 -42.75 28.97
N LYS F 43 25.31 -43.47 29.82
CA LYS F 43 25.95 -44.33 30.79
C LYS F 43 26.27 -45.65 30.09
N PRO F 44 27.31 -46.38 30.49
CA PRO F 44 27.69 -47.65 29.91
C PRO F 44 26.51 -48.61 29.87
N GLN F 46 23.83 -48.21 28.22
CA GLN F 46 22.60 -47.47 27.98
C GLN F 46 22.64 -46.73 26.65
N PRO F 47 21.48 -46.38 26.08
CA PRO F 47 21.32 -45.45 24.99
C PRO F 47 21.59 -44.05 25.51
N PRO F 48 21.94 -43.09 24.66
CA PRO F 48 22.07 -41.68 24.98
C PRO F 48 20.75 -41.10 25.48
N LYS F 49 20.82 -40.28 26.51
CA LYS F 49 19.66 -39.59 27.04
C LYS F 49 19.82 -38.09 26.86
N LEU F 50 18.80 -37.43 26.37
CA LEU F 50 18.88 -35.99 26.15
C LEU F 50 18.97 -35.25 27.47
N LEU F 51 19.95 -34.35 27.57
CA LEU F 51 20.08 -33.51 28.75
C LEU F 51 19.61 -32.13 28.42
N ILE F 52 20.20 -31.59 27.38
CA ILE F 52 19.98 -30.22 26.96
C ILE F 52 19.69 -30.24 25.46
N TYR F 53 18.73 -29.46 25.01
CA TYR F 53 18.56 -29.30 23.59
C TYR F 53 18.67 -27.84 23.28
N SER F 54 19.36 -27.52 22.20
CA SER F 54 19.72 -26.17 21.81
C SER F 54 20.49 -25.56 22.97
N ALA F 55 21.08 -24.40 22.79
CA ALA F 55 21.80 -23.82 23.92
C ALA F 55 20.85 -23.57 25.11
N SER F 56 21.34 -23.89 26.31
CA SER F 56 20.66 -23.67 27.59
C SER F 56 19.14 -23.94 27.64
N ASN F 57 18.73 -25.20 27.43
CA ASN F 57 17.32 -25.58 27.58
C ASN F 57 17.19 -27.07 27.96
N GLN F 58 16.80 -27.34 29.21
CA GLN F 58 16.77 -28.72 29.73
C GLN F 58 15.71 -29.63 29.13
N GLY F 59 16.07 -30.90 28.95
CA GLY F 59 15.19 -31.94 28.45
C GLY F 59 14.31 -32.53 29.54
N SER F 60 13.57 -33.58 29.19
CA SER F 60 12.64 -34.21 30.12
C SER F 60 13.35 -35.19 31.04
N VAL F 62 15.45 -34.37 33.43
CA VAL F 62 16.80 -33.89 33.63
C VAL F 62 16.92 -33.07 34.91
N PRO F 63 17.73 -33.52 35.88
CA PRO F 63 17.99 -32.86 37.15
C PRO F 63 18.53 -31.45 36.94
N ALA F 64 18.23 -30.56 37.88
CA ALA F 64 18.63 -29.16 37.85
C ALA F 64 20.14 -28.96 37.84
N ARG F 65 20.88 -30.00 38.20
CA ARG F 65 22.34 -29.95 38.22
C ARG F 65 22.87 -29.77 36.80
N PHE F 66 22.05 -30.06 35.80
CA PHE F 66 22.46 -29.94 34.41
C PHE F 66 22.00 -28.64 33.81
N SER F 67 22.96 -27.86 33.34
CA SER F 67 22.69 -26.62 32.64
C SER F 67 23.70 -26.45 31.53
N GLY F 68 23.73 -25.28 30.94
CA GLY F 68 24.65 -25.04 29.85
C GLY F 68 24.38 -23.70 29.21
N SER F 69 25.26 -23.31 28.31
CA SER F 69 25.16 -22.04 27.60
C SER F 69 26.04 -22.03 26.36
N GLY F 70 25.90 -21.00 25.55
CA GLY F 70 26.76 -20.83 24.40
C GLY F 70 26.07 -20.16 23.23
N SER F 71 26.87 -19.79 22.24
CA SER F 71 26.39 -19.13 21.03
C SER F 71 27.41 -19.28 19.93
N GLY F 72 27.00 -19.05 18.68
CA GLY F 72 27.96 -19.09 17.60
C GLY F 72 28.55 -20.49 17.46
N THR F 73 29.83 -20.61 17.78
CA THR F 73 30.58 -21.86 17.72
C THR F 73 30.96 -22.40 19.09
N ASP F 74 30.82 -21.58 20.13
CA ASP F 74 31.36 -21.93 21.44
C ASP F 74 30.30 -22.27 22.47
N PHE F 75 30.24 -23.56 22.84
CA PHE F 75 29.23 -24.04 23.75
C PHE F 75 29.80 -24.89 24.88
N SER F 76 29.10 -24.93 26.01
CA SER F 76 29.52 -25.78 27.11
C SER F 76 28.37 -26.36 27.92
N LEU F 77 28.63 -27.55 28.47
CA LEU F 77 27.74 -28.25 29.38
C LEU F 77 28.23 -28.06 30.81
N ASN F 78 27.35 -27.53 31.65
CA ASN F 78 27.74 -27.24 33.04
C ASN F 78 27.04 -28.17 34.02
N ILE F 79 27.81 -28.97 34.74
CA ILE F 79 27.23 -29.90 35.70
C ILE F 79 27.62 -29.55 37.12
N HIS F 80 26.64 -29.28 37.96
CA HIS F 80 26.96 -28.92 39.34
C HIS F 80 25.83 -29.18 40.31
N PRO F 81 26.09 -29.96 41.37
CA PRO F 81 27.27 -30.75 41.66
C PRO F 81 27.27 -31.99 40.79
N MET F 82 28.44 -32.52 40.48
CA MET F 82 28.50 -33.81 39.81
C MET F 82 28.49 -34.91 40.85
N GLU F 83 27.56 -35.85 40.73
CA GLU F 83 27.48 -36.95 41.69
C GLU F 83 28.01 -38.26 41.14
N GLU F 84 28.01 -39.27 42.00
CA GLU F 84 28.49 -40.61 41.65
C GLU F 84 27.71 -41.20 40.48
N ASP F 85 26.43 -40.87 40.38
CA ASP F 85 25.60 -41.43 39.32
C ASP F 85 25.60 -40.56 38.06
N ASP F 86 26.49 -39.58 37.98
CA ASP F 86 26.62 -38.75 36.79
C ASP F 86 27.86 -39.12 35.99
N ILE F 87 28.45 -40.27 36.29
CA ILE F 87 29.63 -40.67 35.54
C ILE F 87 29.16 -41.25 34.23
N ALA F 88 29.57 -40.63 33.14
CA ALA F 88 29.03 -40.99 31.83
C ALA F 88 29.82 -40.38 30.68
N MET F 89 29.53 -40.87 29.48
CA MET F 89 30.01 -40.22 28.27
C MET F 89 29.10 -39.07 27.94
N TYR F 90 29.66 -37.96 27.53
CA TYR F 90 28.84 -36.85 27.11
C TYR F 90 29.14 -36.46 25.68
N PHE F 91 28.09 -36.13 24.95
CA PHE F 91 28.24 -35.76 23.55
C PHE F 91 27.56 -34.45 23.23
N CYS F 92 28.18 -33.66 22.33
CA CYS F 92 27.57 -32.46 21.76
C CYS F 92 27.06 -32.81 20.35
N GLN F 93 25.91 -32.25 19.98
CA GLN F 93 25.35 -32.50 18.66
C GLN F 93 24.86 -31.26 17.94
N GLN F 94 25.17 -31.21 16.65
CA GLN F 94 24.75 -30.15 15.75
C GLN F 94 23.47 -30.55 15.02
N SER F 95 22.42 -29.75 15.17
CA SER F 95 21.12 -30.06 14.56
C SER F 95 20.56 -28.97 13.64
N LYS F 96 21.42 -28.11 13.12
CA LYS F 96 20.98 -27.04 12.22
C LYS F 96 20.89 -27.54 10.78
N GLU F 97 21.75 -28.50 10.43
CA GLU F 97 21.85 -29.01 9.08
C GLU F 97 21.83 -30.53 9.06
N VAL F 98 21.45 -31.07 7.90
CA VAL F 98 21.51 -32.49 7.67
C VAL F 98 22.54 -32.74 6.56
N PRO F 99 23.52 -33.64 6.76
CA PRO F 99 23.77 -34.58 7.84
C PRO F 99 23.97 -33.95 9.21
N TYR F 100 23.49 -34.66 10.23
CA TYR F 100 23.64 -34.27 11.61
C TYR F 100 25.02 -34.68 12.05
N THR F 101 25.60 -33.96 13.00
CA THR F 101 26.92 -34.37 13.45
C THR F 101 27.07 -34.39 14.96
N PHE F 102 27.95 -35.25 15.45
CA PHE F 102 28.25 -35.33 16.87
C PHE F 102 29.74 -35.09 17.10
N GLY F 103 30.07 -34.63 18.30
CA GLY F 103 31.47 -34.53 18.70
C GLY F 103 31.94 -35.94 19.01
N GLY F 104 33.26 -36.13 19.15
CA GLY F 104 33.78 -37.46 19.45
C GLY F 104 33.24 -37.99 20.77
N GLY F 105 33.04 -37.08 21.72
CA GLY F 105 32.51 -37.43 23.03
C GLY F 105 33.62 -37.51 24.05
N THR F 106 33.29 -37.22 25.31
CA THR F 106 34.28 -37.27 26.38
C THR F 106 33.75 -38.04 27.57
N LYS F 107 34.66 -38.58 28.37
CA LYS F 107 34.26 -39.25 29.60
C LYS F 107 34.47 -38.34 30.79
N LEU F 108 33.43 -38.15 31.57
CA LEU F 108 33.56 -37.36 32.78
C LEU F 108 33.36 -38.26 33.99
N GLU F 109 34.33 -38.24 34.89
CA GLU F 109 34.28 -39.10 36.08
C GLU F 109 34.77 -38.40 37.34
N ILE F 110 34.35 -38.92 38.48
CA ILE F 110 34.77 -38.41 39.78
C ILE F 110 36.19 -38.87 40.09
N GLY G 33 -32.66 17.28 33.77
CA GLY G 33 -31.23 17.00 33.62
C GLY G 33 -30.81 16.59 32.19
N LEU G 34 -31.70 16.80 31.21
CA LEU G 34 -31.43 16.46 29.80
C LEU G 34 -30.34 17.33 29.21
N ALA G 35 -30.30 18.58 29.64
CA ALA G 35 -29.28 19.51 29.18
C ALA G 35 -27.91 19.02 29.59
N ASP G 36 -27.83 18.37 30.76
CA ASP G 36 -26.56 17.88 31.24
C ASP G 36 -26.15 16.66 30.43
N LYS G 37 -27.10 15.80 30.09
CA LYS G 37 -26.77 14.64 29.28
C LYS G 37 -26.25 15.07 27.92
N ILE G 38 -26.92 16.03 27.31
CA ILE G 38 -26.49 16.48 26.00
C ILE G 38 -25.11 17.13 26.09
N GLY G 39 -24.90 17.98 27.10
CA GLY G 39 -23.63 18.66 27.27
C GLY G 39 -22.50 17.82 27.88
N THR G 40 -22.82 16.68 28.50
CA THR G 40 -21.78 15.87 29.14
C THR G 40 -21.54 14.52 28.45
N GLU G 41 -22.59 13.87 27.96
CA GLU G 41 -22.45 12.54 27.39
C GLU G 41 -22.25 12.59 25.88
N ILE G 42 -22.94 13.52 25.23
CA ILE G 42 -22.87 13.62 23.78
C ILE G 42 -21.95 14.73 23.29
N GLY G 43 -22.12 15.93 23.80
CA GLY G 43 -21.36 17.08 23.36
C GLY G 43 -19.87 16.80 23.22
N PRO G 44 -19.17 16.46 24.31
CA PRO G 44 -17.75 16.15 24.35
C PRO G 44 -17.35 15.06 23.37
N LYS G 45 -18.24 14.10 23.14
CA LYS G 45 -17.95 13.01 22.22
C LYS G 45 -18.08 13.47 20.79
N VAL G 46 -19.06 14.31 20.51
CA VAL G 46 -19.25 14.82 19.17
C VAL G 46 -18.06 15.68 18.82
N SER G 47 -17.59 16.48 19.77
CA SER G 47 -16.44 17.34 19.56
C SER G 47 -15.19 16.53 19.26
N LEU G 48 -14.96 15.45 20.03
CA LEU G 48 -13.80 14.61 19.82
C LEU G 48 -13.90 13.83 18.51
N ILE G 49 -15.10 13.36 18.18
CA ILE G 49 -15.32 12.64 16.94
C ILE G 49 -15.05 13.55 15.77
N ASP G 50 -15.55 14.79 15.84
CA ASP G 50 -15.32 15.76 14.79
C ASP G 50 -13.84 16.00 14.58
N THR G 51 -13.08 16.15 15.65
CA THR G 51 -11.65 16.34 15.53
C THR G 51 -10.98 15.14 14.87
N SER G 52 -11.36 13.95 15.31
CA SER G 52 -10.78 12.73 14.78
C SER G 52 -11.13 12.52 13.31
N SER G 53 -12.40 12.70 12.95
CA SER G 53 -12.85 12.47 11.59
C SER G 53 -12.39 13.52 10.59
N THR G 54 -12.28 14.78 11.00
CA THR G 54 -11.93 15.80 10.02
C THR G 54 -10.44 16.15 10.01
N ILE G 55 -9.72 15.84 11.08
CA ILE G 55 -8.30 16.16 11.13
C ILE G 55 -7.41 14.92 11.21
N THR G 56 -7.57 14.14 12.27
CA THR G 56 -6.63 13.05 12.53
C THR G 56 -6.70 11.92 11.52
N ILE G 57 -7.90 11.44 11.21
CA ILE G 57 -8.01 10.34 10.28
C ILE G 57 -7.52 10.74 8.89
N PRO G 58 -8.01 11.82 8.25
CA PRO G 58 -7.51 12.32 6.98
C PRO G 58 -5.99 12.48 6.99
N ALA G 59 -5.44 12.95 8.11
CA ALA G 59 -3.99 13.10 8.19
C ALA G 59 -3.29 11.76 8.13
N ASN G 60 -3.84 10.76 8.83
CA ASN G 60 -3.23 9.45 8.84
C ASN G 60 -3.38 8.76 7.49
N ILE G 61 -4.49 9.00 6.81
CA ILE G 61 -4.71 8.41 5.51
C ILE G 61 -3.74 9.03 4.51
N GLY G 62 -3.58 10.34 4.58
CA GLY G 62 -2.66 11.07 3.73
C GLY G 62 -1.24 10.54 3.90
N LEU G 63 -0.79 10.43 5.16
CA LEU G 63 0.54 9.93 5.44
C LEU G 63 0.71 8.49 4.98
N LEU G 64 -0.36 7.69 5.08
CA LEU G 64 -0.27 6.32 4.61
C LEU G 64 -0.02 6.31 3.10
N GLY G 65 -0.71 7.17 2.37
CA GLY G 65 -0.50 7.27 0.93
C GLY G 65 0.93 7.69 0.64
N SER G 66 1.48 8.57 1.46
CA SER G 66 2.85 9.00 1.29
C SER G 66 3.81 7.83 1.49
N LYS G 67 3.59 7.03 2.54
CA LYS G 67 4.46 5.89 2.81
C LYS G 67 4.49 4.95 1.61
N ILE G 68 3.33 4.75 0.97
CA ILE G 68 3.26 3.90 -0.20
C ILE G 68 4.06 4.48 -1.35
N SER G 69 3.93 5.78 -1.57
CA SER G 69 4.66 6.41 -2.66
C SER G 69 6.16 6.37 -2.45
N GLN G 70 6.59 6.59 -1.21
CA GLN G 70 8.00 6.59 -0.86
C GLN G 70 8.59 5.20 -1.01
N SER G 71 7.83 4.17 -0.60
CA SER G 71 8.31 2.81 -0.71
C SER G 71 8.40 2.37 -2.15
N THR G 72 7.52 2.90 -2.99
CA THR G 72 7.54 2.53 -4.39
C THR G 72 8.84 3.02 -5.00
N ALA G 73 9.19 4.27 -4.69
CA ALA G 73 10.43 4.82 -5.19
C ALA G 73 11.62 4.03 -4.68
N SER G 74 11.57 3.63 -3.40
CA SER G 74 12.67 2.87 -2.80
C SER G 74 12.86 1.53 -3.49
N ILE G 75 11.75 0.85 -3.76
CA ILE G 75 11.79 -0.44 -4.42
C ILE G 75 12.33 -0.32 -5.83
N ASN G 76 11.90 0.70 -6.57
CA ASN G 76 12.40 0.87 -7.91
C ASN G 76 13.90 1.18 -7.89
N GLU G 77 14.35 1.97 -6.92
CA GLU G 77 15.77 2.26 -6.80
C GLU G 77 16.56 1.00 -6.48
N ASN G 78 16.01 0.17 -5.60
CA ASN G 78 16.66 -1.08 -5.24
C ASN G 78 16.83 -1.97 -6.45
N VAL G 79 15.80 -2.07 -7.28
CA VAL G 79 15.88 -2.87 -8.49
C VAL G 79 16.88 -2.27 -9.46
N ASN G 80 16.83 -0.96 -9.65
CA ASN G 80 17.73 -0.31 -10.60
C ASN G 80 19.20 -0.55 -10.25
N GLU G 81 19.53 -0.49 -8.97
CA GLU G 81 20.90 -0.65 -8.52
C GLU G 81 21.36 -2.10 -8.37
N LYS G 82 20.47 -2.98 -7.91
CA LYS G 82 20.86 -4.36 -7.63
C LYS G 82 20.80 -5.32 -8.83
N CYS G 83 19.93 -5.02 -9.82
CA CYS G 83 19.72 -5.89 -10.98
C CYS G 83 20.70 -5.55 -12.11
N LYS G 84 21.56 -4.57 -11.87
CA LYS G 84 22.60 -4.22 -12.83
C LYS G 84 23.83 -5.08 -12.56
N PHE G 85 24.35 -5.74 -13.58
CA PHE G 85 25.50 -6.60 -13.37
C PHE G 85 26.29 -6.77 -14.66
N THR G 86 27.50 -7.27 -14.52
CA THR G 86 28.28 -7.71 -15.66
C THR G 86 28.52 -9.19 -15.47
N LEU G 87 28.69 -9.92 -16.56
CA LEU G 87 28.92 -11.35 -16.42
C LEU G 87 30.16 -11.60 -15.57
N PRO G 88 30.14 -12.61 -14.70
CA PRO G 88 31.26 -13.08 -13.92
C PRO G 88 32.12 -13.95 -14.82
N PRO G 89 33.39 -14.16 -14.48
CA PRO G 89 34.21 -15.22 -15.01
C PRO G 89 33.53 -16.54 -14.69
N LEU G 90 33.52 -17.45 -15.65
CA LEU G 90 32.90 -18.74 -15.41
C LEU G 90 33.95 -19.80 -15.15
N LYS G 91 33.90 -20.38 -13.97
CA LYS G 91 34.87 -21.41 -13.64
C LYS G 91 34.35 -22.75 -14.11
N ILE G 92 35.14 -23.43 -14.94
CA ILE G 92 34.78 -24.75 -15.41
C ILE G 92 35.83 -25.74 -14.93
N HIS G 93 35.40 -26.67 -14.10
CA HIS G 93 36.33 -27.57 -13.42
C HIS G 93 37.37 -26.73 -12.69
N GLU G 94 38.62 -26.82 -13.12
CA GLU G 94 39.73 -26.10 -12.47
C GLU G 94 40.16 -24.77 -13.13
N CYS G 95 39.53 -24.36 -14.25
CA CYS G 95 39.93 -23.17 -15.02
C CYS G 95 38.97 -21.99 -14.89
N ASN G 96 39.52 -20.80 -14.69
CA ASN G 96 38.76 -19.56 -14.59
C ASN G 96 38.69 -18.86 -15.95
N ILE G 97 37.50 -18.80 -16.58
CA ILE G 97 37.34 -18.19 -17.91
C ILE G 97 36.72 -16.79 -17.83
N SER G 98 37.53 -15.77 -18.09
CA SER G 98 37.06 -14.39 -18.03
C SER G 98 36.74 -13.84 -19.41
N CYS G 99 35.44 -13.67 -19.70
CA CYS G 99 34.93 -13.24 -20.99
C CYS G 99 34.55 -11.76 -20.97
N PRO G 100 34.60 -11.09 -22.13
CA PRO G 100 34.16 -9.73 -22.36
C PRO G 100 32.65 -9.68 -22.31
N GLY G 114 1.92 8.13 -13.98
CA GLY G 114 0.52 8.36 -14.27
C GLY G 114 0.27 9.79 -14.74
N VAL G 115 0.59 10.78 -13.87
CA VAL G 115 0.39 12.20 -14.14
C VAL G 115 1.70 12.96 -14.23
N SER G 116 1.83 13.72 -15.31
CA SER G 116 3.02 14.54 -15.53
C SER G 116 2.62 15.91 -16.03
N ASN G 117 3.57 16.84 -16.05
CA ASN G 117 3.26 18.18 -16.53
C ASN G 117 3.05 18.14 -18.03
N LEU G 118 2.29 19.10 -18.53
CA LEU G 118 1.97 19.18 -19.94
C LEU G 118 3.11 19.84 -20.70
N VAL G 119 4.19 19.08 -20.84
CA VAL G 119 5.40 19.54 -21.52
C VAL G 119 6.00 18.50 -22.46
N GLY G 120 6.34 18.93 -23.68
CA GLY G 120 7.14 18.12 -24.61
C GLY G 120 6.40 17.30 -25.68
N LEU G 121 5.10 17.09 -25.54
CA LEU G 121 4.40 16.29 -26.54
C LEU G 121 3.35 17.06 -27.32
N PRO G 122 3.26 16.82 -28.64
CA PRO G 122 2.27 17.37 -29.55
C PRO G 122 0.97 16.59 -29.44
N ASN G 123 0.32 16.73 -28.29
CA ASN G 123 -0.87 15.96 -27.98
C ASN G 123 -2.00 16.24 -28.96
N ASN G 124 -2.83 15.24 -29.18
CA ASN G 124 -3.96 15.35 -30.10
C ASN G 124 -5.18 15.93 -29.41
N ILE G 125 -5.69 17.02 -29.93
CA ILE G 125 -6.91 17.61 -29.41
C ILE G 125 -7.82 17.98 -30.58
N CYS G 126 -9.11 18.21 -30.30
CA CYS G 126 -10.03 18.83 -31.25
C CYS G 126 -9.72 20.33 -31.33
N LEU G 127 -9.43 20.79 -32.54
CA LEU G 127 -9.09 22.18 -32.73
C LEU G 127 -9.98 22.86 -33.77
N GLN G 128 -11.10 22.20 -34.09
CA GLN G 128 -12.06 22.74 -35.04
C GLN G 128 -13.21 23.36 -34.29
N LYS G 129 -13.90 24.29 -34.92
CA LYS G 129 -15.06 24.87 -34.28
C LYS G 129 -16.27 23.98 -34.49
N THR G 130 -16.92 23.62 -33.39
CA THR G 130 -18.09 22.76 -33.46
C THR G 130 -19.19 23.25 -32.53
N SER G 131 -20.34 22.59 -32.57
CA SER G 131 -21.46 22.96 -31.72
C SER G 131 -22.08 21.76 -31.04
N ASN G 132 -21.29 20.72 -30.84
CA ASN G 132 -21.75 19.53 -30.15
C ASN G 132 -21.14 19.45 -28.76
N GLN G 133 -21.50 18.40 -28.02
CA GLN G 133 -20.97 18.23 -26.69
C GLN G 133 -19.94 17.12 -26.63
N ILE G 134 -18.68 17.54 -26.63
CA ILE G 134 -17.55 16.61 -26.64
C ILE G 134 -16.69 16.75 -25.38
N LEU G 135 -17.18 17.56 -24.44
CA LEU G 135 -16.54 17.74 -23.14
C LEU G 135 -17.29 16.93 -22.09
N LYS G 136 -16.55 16.34 -21.16
CA LYS G 136 -17.13 15.52 -20.10
C LYS G 136 -16.67 15.97 -18.71
N PRO G 137 -17.29 17.02 -18.13
CA PRO G 137 -16.88 17.70 -16.91
C PRO G 137 -17.25 16.94 -15.65
N LYS G 138 -16.55 15.85 -15.39
CA LYS G 138 -16.79 15.02 -14.22
C LYS G 138 -16.40 15.76 -12.94
N LEU G 139 -17.22 15.64 -11.91
CA LEU G 139 -16.96 16.33 -10.65
C LEU G 139 -16.12 15.49 -9.69
N ILE G 140 -14.99 16.04 -9.24
CA ILE G 140 -14.06 15.32 -8.36
C ILE G 140 -13.86 16.00 -7.00
N SER G 141 -14.67 17.00 -6.68
CA SER G 141 -14.50 17.80 -5.46
C SER G 141 -14.73 17.03 -4.18
N TYR G 142 -15.38 15.89 -4.29
CA TYR G 142 -15.73 15.08 -3.14
C TYR G 142 -14.50 14.46 -2.47
N THR G 143 -13.34 14.47 -3.14
CA THR G 143 -12.16 13.87 -2.56
C THR G 143 -11.38 14.86 -1.69
N LEU G 144 -11.77 16.13 -1.73
CA LEU G 144 -11.13 17.17 -0.93
C LEU G 144 -12.04 17.56 0.24
N PRO G 145 -11.49 18.05 1.36
CA PRO G 145 -12.22 18.58 2.49
C PRO G 145 -12.71 19.99 2.19
N VAL G 146 -13.55 20.09 1.17
CA VAL G 146 -14.08 21.36 0.70
C VAL G 146 -15.59 21.42 0.77
N VAL G 147 -16.18 20.36 1.29
CA VAL G 147 -17.62 20.31 1.37
C VAL G 147 -18.03 20.74 2.77
N GLY G 148 -18.70 21.88 2.85
CA GLY G 148 -19.06 22.44 4.13
C GLY G 148 -20.47 22.08 4.52
N GLN G 149 -20.91 22.60 5.64
CA GLN G 149 -22.24 22.37 6.15
C GLN G 149 -22.77 23.61 6.84
N SER G 150 -24.08 23.76 6.86
CA SER G 150 -24.73 24.89 7.51
C SER G 150 -24.12 26.20 7.02
N GLY G 151 -23.91 27.16 7.93
CA GLY G 151 -23.37 28.48 7.58
C GLY G 151 -21.85 28.49 7.51
N THR G 152 -21.29 27.58 6.75
CA THR G 152 -19.84 27.50 6.58
C THR G 152 -19.49 27.86 5.14
N CYS G 153 -18.80 28.99 4.96
CA CYS G 153 -18.45 29.56 3.64
C CYS G 153 -16.99 29.26 3.30
N ILE G 154 -16.79 28.73 2.11
CA ILE G 154 -15.44 28.48 1.65
C ILE G 154 -15.10 29.52 0.59
N THR G 155 -14.12 30.35 0.89
CA THR G 155 -13.76 31.44 -0.01
C THR G 155 -12.28 31.53 -0.29
N ASP G 156 -11.93 32.43 -1.21
CA ASP G 156 -10.56 32.68 -1.59
C ASP G 156 -9.76 31.40 -1.76
N PRO G 157 -10.16 30.51 -2.66
CA PRO G 157 -9.51 29.25 -2.97
C PRO G 157 -8.21 29.44 -3.72
N LEU G 158 -7.32 28.47 -3.57
CA LEU G 158 -6.06 28.39 -4.29
C LEU G 158 -5.96 27.00 -4.91
N LEU G 159 -5.35 26.89 -6.09
CA LEU G 159 -5.08 25.57 -6.65
C LEU G 159 -3.91 25.66 -7.62
N ALA G 160 -2.90 24.86 -7.37
CA ALA G 160 -1.70 24.88 -8.18
C ALA G 160 -1.25 23.47 -8.49
N MET G 161 -0.71 23.25 -9.68
CA MET G 161 -0.22 21.91 -10.00
C MET G 161 1.11 21.94 -10.73
N ASP G 162 1.96 20.96 -10.41
CA ASP G 162 3.23 20.76 -11.10
C ASP G 162 3.82 19.38 -10.80
N GLU G 163 4.38 18.77 -11.83
CA GLU G 163 5.01 17.44 -11.77
C GLU G 163 4.16 16.39 -11.05
N GLY G 164 2.86 16.39 -11.28
CA GLY G 164 1.99 15.38 -10.70
C GLY G 164 1.51 15.69 -9.28
N TYR G 165 1.94 16.82 -8.72
CA TYR G 165 1.58 17.20 -7.36
C TYR G 165 0.70 18.43 -7.37
N PHE G 166 -0.08 18.63 -6.32
CA PHE G 166 -0.89 19.83 -6.27
C PHE G 166 -0.84 20.51 -4.92
N ALA G 167 -1.16 21.79 -4.92
CA ALA G 167 -1.36 22.55 -3.70
C ALA G 167 -2.77 23.06 -3.71
N TYR G 168 -3.38 23.10 -2.55
CA TYR G 168 -4.74 23.58 -2.43
C TYR G 168 -4.93 24.35 -1.14
N SER G 169 -5.71 25.42 -1.22
CA SER G 169 -5.98 26.20 -0.03
C SER G 169 -7.31 26.89 -0.06
N HIS G 170 -7.90 27.05 1.12
CA HIS G 170 -9.13 27.84 1.23
C HIS G 170 -9.31 28.43 2.62
N LEU G 171 -10.14 29.46 2.70
CA LEU G 171 -10.48 30.06 3.98
C LEU G 171 -11.93 29.76 4.35
N GLU G 172 -12.13 29.25 5.55
CA GLU G 172 -13.47 28.94 6.04
C GLU G 172 -13.97 30.07 6.93
N ARG G 173 -15.14 30.61 6.61
CA ARG G 173 -15.71 31.70 7.40
C ARG G 173 -17.12 31.38 7.89
N ILE G 174 -17.51 32.02 8.99
CA ILE G 174 -18.80 31.81 9.64
C ILE G 174 -19.88 32.75 9.12
N CYS G 177 -20.73 35.23 3.43
CA CYS G 177 -19.50 35.18 2.63
C CYS G 177 -18.95 36.59 2.38
N SER G 178 -19.73 37.61 2.74
CA SER G 178 -19.29 38.99 2.57
C SER G 178 -18.50 39.44 3.79
N ARG G 179 -19.16 39.38 4.95
CA ARG G 179 -18.55 39.76 6.21
C ARG G 179 -18.89 38.74 7.28
N GLY G 180 -17.86 38.25 7.96
CA GLY G 180 -18.05 37.28 9.02
C GLY G 180 -16.72 36.93 9.68
N VAL G 181 -16.79 36.07 10.68
CA VAL G 181 -15.62 35.64 11.44
C VAL G 181 -14.90 34.50 10.76
N SER G 182 -13.57 34.60 10.64
CA SER G 182 -12.83 33.49 10.04
C SER G 182 -12.71 32.34 11.02
N LYS G 183 -13.01 31.14 10.56
CA LYS G 183 -12.87 29.94 11.38
C LYS G 183 -11.46 29.41 11.29
N GLN G 184 -11.03 29.10 10.08
CA GLN G 184 -9.72 28.52 9.86
C GLN G 184 -9.22 28.68 8.45
N ARG G 185 -7.90 28.67 8.32
CA ARG G 185 -7.23 28.72 7.03
C ARG G 185 -6.54 27.39 6.78
N ILE G 186 -6.95 26.71 5.73
CA ILE G 186 -6.40 25.40 5.44
C ILE G 186 -5.54 25.41 4.20
N ILE G 187 -4.26 25.09 4.37
CA ILE G 187 -3.33 25.05 3.26
C ILE G 187 -2.69 23.67 3.21
N GLY G 188 -2.71 23.02 2.07
CA GLY G 188 -2.07 21.72 2.03
C GLY G 188 -1.71 21.27 0.64
N VAL G 189 -1.05 20.13 0.58
CA VAL G 189 -0.59 19.56 -0.66
C VAL G 189 -0.96 18.10 -0.80
N GLY G 190 -0.82 17.60 -2.00
CA GLY G 190 -1.09 16.20 -2.28
C GLY G 190 -0.67 15.80 -3.68
N GLU G 191 -1.21 14.69 -4.14
CA GLU G 191 -0.90 14.14 -5.44
C GLU G 191 -2.10 14.12 -6.36
N VAL G 192 -1.84 14.21 -7.65
CA VAL G 192 -2.91 14.07 -8.62
C VAL G 192 -2.88 12.61 -9.05
N LEU G 193 -3.91 11.88 -8.70
CA LEU G 193 -3.93 10.44 -8.90
C LEU G 193 -4.75 10.00 -10.08
N ASP G 194 -4.42 8.83 -10.59
CA ASP G 194 -5.22 8.18 -11.60
C ASP G 194 -6.33 7.37 -10.90
N ARG G 195 -7.57 7.81 -11.02
CA ARG G 195 -8.67 7.13 -10.37
C ARG G 195 -8.99 5.86 -11.16
N GLY G 196 -9.68 4.90 -10.55
CA GLY G 196 -9.93 3.62 -11.22
C GLY G 196 -10.56 3.74 -12.61
N ASP G 197 -11.34 4.79 -12.87
CA ASP G 197 -11.99 5.00 -14.17
C ASP G 197 -11.28 5.97 -15.10
N GLU G 198 -9.95 6.13 -14.91
CA GLU G 198 -9.13 7.00 -15.74
C GLU G 198 -9.56 8.46 -15.69
N VAL G 199 -9.85 8.92 -14.48
CA VAL G 199 -10.21 10.29 -14.19
C VAL G 199 -9.24 10.77 -13.12
N PRO G 200 -8.59 11.92 -13.29
CA PRO G 200 -7.64 12.43 -12.34
C PRO G 200 -8.40 12.82 -11.09
N SER G 201 -7.75 12.67 -9.94
CA SER G 201 -8.38 13.00 -8.68
C SER G 201 -7.37 13.55 -7.69
N LEU G 202 -7.82 14.43 -6.81
CA LEU G 202 -6.91 15.07 -5.87
C LEU G 202 -6.95 14.46 -4.48
N PHE G 203 -5.80 13.91 -4.08
CA PHE G 203 -5.60 13.24 -2.79
C PHE G 203 -4.61 14.01 -1.94
N MET G 204 -5.06 14.57 -0.81
CA MET G 204 -4.20 15.39 0.04
C MET G 204 -3.35 14.53 0.97
N THR G 205 -2.09 14.92 1.15
CA THR G 205 -1.17 14.20 2.03
C THR G 205 -0.62 15.04 3.19
N ASN G 206 -0.70 16.35 3.07
CA ASN G 206 -0.07 17.21 4.09
C ASN G 206 -0.79 18.54 4.29
N VAL G 207 -1.41 18.72 5.46
CA VAL G 207 -2.19 19.94 5.72
C VAL G 207 -1.67 20.74 6.90
N TRP G 208 -1.44 22.03 6.65
CA TRP G 208 -0.96 23.01 7.60
C TRP G 208 -2.01 24.08 7.89
N THR G 209 -2.07 24.54 9.13
CA THR G 209 -2.94 25.66 9.46
C THR G 209 -2.15 26.68 10.28
N PRO G 210 -2.45 27.98 10.18
CA PRO G 210 -1.90 29.05 10.98
C PRO G 210 -2.56 29.04 12.34
N PRO G 211 -1.91 29.65 13.35
CA PRO G 211 -2.43 29.89 14.68
C PRO G 211 -3.57 30.91 14.70
N ASN G 212 -3.67 31.71 13.64
CA ASN G 212 -4.69 32.74 13.56
C ASN G 212 -4.99 33.10 12.10
N PRO G 213 -6.11 32.62 11.54
CA PRO G 213 -6.47 32.71 10.13
C PRO G 213 -6.76 34.14 9.70
N ASN G 214 -6.94 35.02 10.68
CA ASN G 214 -7.34 36.39 10.37
C ASN G 214 -6.14 37.23 10.00
N THR G 215 -4.98 36.61 9.99
CA THR G 215 -3.77 37.33 9.63
C THR G 215 -3.18 36.82 8.31
N VAL G 216 -3.82 35.83 7.69
CA VAL G 216 -3.23 35.24 6.49
C VAL G 216 -4.02 35.58 5.23
N TYR G 217 -3.36 36.30 4.32
CA TYR G 217 -4.01 36.74 3.09
C TYR G 217 -3.23 36.47 1.80
N HIS G 218 -3.96 36.20 0.73
CA HIS G 218 -3.40 36.12 -0.63
C HIS G 218 -2.17 35.24 -0.77
N CYS G 219 -2.29 33.97 -0.35
CA CYS G 219 -1.22 32.97 -0.45
C CYS G 219 -1.05 32.52 -1.89
N SER G 220 0.19 32.27 -2.30
CA SER G 220 0.48 31.80 -3.66
C SER G 220 1.47 30.65 -3.62
N ALA G 221 1.25 29.62 -4.44
CA ALA G 221 2.11 28.44 -4.32
C ALA G 221 3.02 28.17 -5.53
N VAL G 222 4.25 27.74 -5.25
CA VAL G 222 5.21 27.28 -6.24
C VAL G 222 5.85 25.94 -5.85
N TYR G 223 5.80 24.97 -6.75
CA TYR G 223 6.39 23.66 -6.48
C TYR G 223 7.87 23.63 -6.82
N ASN G 224 8.68 23.07 -5.92
CA ASN G 224 10.11 22.93 -6.17
C ASN G 224 10.76 21.82 -5.33
N ASN G 225 11.41 20.86 -6.00
CA ASN G 225 12.16 19.79 -5.34
C ASN G 225 11.40 19.00 -4.27
N GLU G 226 10.19 18.57 -4.59
CA GLU G 226 9.31 17.79 -3.71
C GLU G 226 8.81 18.56 -2.49
N PHE G 227 8.86 19.88 -2.57
CA PHE G 227 8.23 20.73 -1.57
C PHE G 227 7.34 21.71 -2.29
N TYR G 228 6.30 22.17 -1.61
CA TYR G 228 5.43 23.12 -2.25
C TYR G 228 5.45 24.38 -1.40
N TYR G 229 6.11 25.41 -1.92
CA TYR G 229 6.35 26.61 -1.14
C TYR G 229 5.18 27.55 -1.28
N VAL G 230 4.63 27.98 -0.16
CA VAL G 230 3.49 28.88 -0.21
C VAL G 230 3.84 30.22 0.42
N LEU G 231 3.78 31.26 -0.39
CA LEU G 231 4.12 32.61 0.05
C LEU G 231 2.86 33.37 0.39
N CYS G 232 2.73 33.82 1.65
CA CYS G 232 1.53 34.49 2.17
C CYS G 232 1.87 35.89 2.68
N ALA G 233 0.91 36.78 2.60
CA ALA G 233 1.07 38.09 3.19
C ALA G 233 0.61 38.00 4.64
N VAL G 234 1.30 38.67 5.54
CA VAL G 234 0.87 38.67 6.94
C VAL G 234 0.34 40.03 7.27
N SER G 235 -0.87 40.09 7.79
CA SER G 235 -1.46 41.39 8.06
C SER G 235 -2.29 41.42 9.32
N THR G 236 -2.21 42.55 10.02
CA THR G 236 -3.00 42.77 11.22
C THR G 236 -4.14 43.75 10.93
N VAL G 237 -4.26 44.15 9.66
CA VAL G 237 -5.28 45.10 9.24
C VAL G 237 -6.21 44.52 8.18
N GLY G 238 -6.16 43.21 8.02
CA GLY G 238 -7.00 42.58 7.01
C GLY G 238 -6.34 42.60 5.64
N ASP G 239 -7.14 42.50 4.60
CA ASP G 239 -6.62 42.40 3.24
C ASP G 239 -5.84 43.66 2.85
N PRO G 240 -4.52 43.56 2.61
CA PRO G 240 -3.61 44.64 2.26
C PRO G 240 -4.08 45.47 1.08
N ILE G 241 -4.88 44.88 0.22
CA ILE G 241 -5.37 45.56 -0.97
C ILE G 241 -6.30 46.71 -0.60
N LEU G 242 -7.12 46.49 0.40
CA LEU G 242 -8.11 47.49 0.80
C LEU G 242 -7.64 48.38 1.97
N ASN G 243 -6.78 47.84 2.86
CA ASN G 243 -6.28 48.53 4.05
C ASN G 243 -4.75 48.77 3.95
N SER G 244 -4.28 49.09 2.73
CA SER G 244 -2.86 49.22 2.39
C SER G 244 -2.09 50.28 3.17
N THR G 245 -2.77 51.33 3.60
CA THR G 245 -2.10 52.43 4.27
C THR G 245 -1.65 52.09 5.68
N TYR G 246 -2.17 50.98 6.22
CA TYR G 246 -1.78 50.54 7.56
C TYR G 246 -1.14 49.16 7.55
N TRP G 247 -0.84 48.63 6.37
CA TRP G 247 -0.24 47.30 6.29
C TRP G 247 1.24 47.38 6.63
N SER G 248 1.72 46.40 7.42
CA SER G 248 3.12 46.38 7.84
C SER G 248 4.08 46.01 6.72
N GLY G 249 3.60 45.24 5.75
CA GLY G 249 4.44 44.85 4.62
C GLY G 249 5.21 43.54 4.81
N SER G 250 5.08 42.88 5.96
CA SER G 250 5.83 41.65 6.17
C SER G 250 5.23 40.44 5.45
N LEU G 251 6.10 39.49 5.08
CA LEU G 251 5.72 38.27 4.40
C LEU G 251 6.24 37.02 5.13
N MET G 252 5.53 35.91 4.97
CA MET G 252 5.97 34.63 5.53
C MET G 252 5.89 33.56 4.46
N MET G 253 6.66 32.49 4.63
CA MET G 253 6.58 31.39 3.69
C MET G 253 6.47 30.04 4.38
N THR G 254 5.61 29.18 3.85
CA THR G 254 5.46 27.84 4.41
C THR G 254 5.97 26.80 3.42
N ARG G 255 6.81 25.89 3.89
CA ARG G 255 7.33 24.86 3.00
C ARG G 255 6.75 23.49 3.34
N LEU G 256 5.83 23.02 2.52
CA LEU G 256 5.18 21.75 2.81
C LEU G 256 5.75 20.62 1.97
N ALA G 257 6.09 19.50 2.60
CA ALA G 257 6.55 18.36 1.83
C ALA G 257 5.38 17.78 1.07
N VAL G 258 5.60 17.32 -0.16
CA VAL G 258 4.49 16.70 -0.90
C VAL G 258 4.50 15.19 -0.67
N LYS G 259 5.56 14.71 -0.04
CA LYS G 259 5.70 13.31 0.36
C LYS G 259 6.23 13.25 1.79
N PRO G 260 5.41 13.54 2.80
CA PRO G 260 5.74 13.74 4.20
C PRO G 260 6.18 12.46 4.90
N LYS G 261 6.90 12.63 6.00
CA LYS G 261 7.32 11.51 6.82
C LYS G 261 6.53 11.50 8.13
N SER G 262 6.37 10.33 8.73
CA SER G 262 5.56 10.22 9.93
C SER G 262 6.08 11.06 11.09
N ASN G 263 7.38 11.27 11.14
CA ASN G 263 7.97 12.11 12.16
C ASN G 263 8.87 13.14 11.51
N GLY G 264 8.44 13.65 10.37
CA GLY G 264 9.22 14.61 9.59
C GLY G 264 9.52 15.91 10.35
N GLY G 265 8.58 16.36 11.17
CA GLY G 265 8.79 17.62 11.87
C GLY G 265 8.93 18.75 10.86
N GLY G 266 10.07 19.45 10.91
CA GLY G 266 10.34 20.57 10.01
C GLY G 266 10.41 20.10 8.56
N TYR G 267 10.61 18.80 8.36
CA TYR G 267 10.60 18.25 7.03
C TYR G 267 9.23 18.40 6.41
N ASN G 268 8.20 18.18 7.20
CA ASN G 268 6.85 18.20 6.67
C ASN G 268 6.28 19.59 6.56
N GLN G 269 6.46 20.41 7.61
CA GLN G 269 5.85 21.73 7.62
C GLN G 269 6.80 22.80 8.14
N HIS G 270 7.75 23.21 7.32
CA HIS G 270 8.74 24.17 7.80
C HIS G 270 8.19 25.58 7.74
N GLN G 271 8.45 26.37 8.78
CA GLN G 271 8.00 27.75 8.81
C GLN G 271 9.15 28.72 8.54
N LEU G 272 9.06 29.43 7.44
CA LEU G 272 10.07 30.38 7.02
C LEU G 272 9.53 31.79 7.21
N ALA G 273 10.44 32.74 7.34
CA ALA G 273 10.06 34.13 7.37
C ALA G 273 10.98 34.88 6.43
N LEU G 274 10.49 35.93 5.81
CA LEU G 274 11.36 36.66 4.91
C LEU G 274 11.89 37.90 5.60
N ARG G 275 13.19 37.85 5.89
CA ARG G 275 13.87 38.90 6.64
C ARG G 275 14.33 40.03 5.74
N SER G 276 14.27 39.81 4.45
CA SER G 276 14.73 40.79 3.48
C SER G 276 13.84 40.80 2.25
N ILE G 277 13.28 41.98 1.97
CA ILE G 277 12.45 42.16 0.80
C ILE G 277 13.01 43.28 -0.04
N GLU G 278 13.34 42.98 -1.29
CA GLU G 278 13.88 43.99 -2.18
C GLU G 278 12.74 44.58 -2.98
N LYS G 279 12.34 45.78 -2.59
CA LYS G 279 11.15 46.41 -3.14
C LYS G 279 11.45 47.38 -4.26
N GLY G 280 12.70 47.84 -4.35
CA GLY G 280 13.01 48.83 -5.35
C GLY G 280 12.25 50.12 -5.08
N ARG G 281 11.40 50.52 -6.01
CA ARG G 281 10.63 51.76 -5.88
C ARG G 281 9.34 51.58 -5.08
N TYR G 282 9.02 50.35 -4.72
CA TYR G 282 7.74 50.08 -4.09
C TYR G 282 7.81 50.24 -2.58
N ASP G 283 6.71 50.70 -1.99
CA ASP G 283 6.64 50.87 -0.55
C ASP G 283 6.44 49.52 0.12
N LYS G 284 5.53 48.72 -0.44
CA LYS G 284 5.25 47.39 0.07
C LYS G 284 4.97 46.45 -1.08
N VAL G 285 5.26 45.16 -0.91
CA VAL G 285 4.94 44.18 -1.95
C VAL G 285 4.24 42.96 -1.34
N MET G 286 3.43 42.27 -2.13
CA MET G 286 2.77 41.06 -1.64
C MET G 286 2.57 40.03 -2.75
N PRO G 287 2.41 38.75 -2.41
CA PRO G 287 1.99 37.67 -3.28
C PRO G 287 0.56 37.94 -3.69
N TYR G 288 0.21 37.61 -4.93
CA TYR G 288 -1.13 37.91 -5.39
C TYR G 288 -1.57 37.04 -6.56
N GLY G 289 -2.02 35.82 -6.27
CA GLY G 289 -2.52 34.93 -7.32
C GLY G 289 -2.23 33.45 -7.07
N PRO G 290 -2.95 32.54 -7.75
CA PRO G 290 -2.90 31.09 -7.63
C PRO G 290 -1.53 30.44 -7.55
N SER G 291 -0.70 30.61 -8.57
CA SER G 291 0.51 29.83 -8.58
C SER G 291 1.60 30.42 -9.42
N GLY G 292 2.80 29.91 -9.20
CA GLY G 292 3.94 30.34 -9.96
C GLY G 292 4.70 29.21 -10.64
N ILE G 293 5.95 29.49 -10.96
CA ILE G 293 6.84 28.57 -11.66
C ILE G 293 8.17 28.39 -10.97
N LYS G 294 8.89 27.36 -11.38
CA LYS G 294 10.23 27.13 -10.87
C LYS G 294 11.22 27.15 -12.01
N GLN G 295 12.37 27.75 -11.76
CA GLN G 295 13.47 27.75 -12.71
C GLN G 295 14.74 27.36 -11.98
N GLY G 296 15.11 26.10 -12.04
CA GLY G 296 16.22 25.65 -11.22
C GLY G 296 15.82 25.77 -9.76
N ASP G 297 16.60 26.50 -8.97
CA ASP G 297 16.34 26.67 -7.56
C ASP G 297 15.69 28.02 -7.24
N THR G 298 15.16 28.69 -8.27
CA THR G 298 14.50 29.97 -8.09
C THR G 298 13.00 29.87 -8.32
N LEU G 299 12.25 30.36 -7.35
CA LEU G 299 10.80 30.29 -7.39
C LEU G 299 10.19 31.65 -7.71
N TYR G 300 9.32 31.70 -8.71
CA TYR G 300 8.69 32.96 -9.09
C TYR G 300 7.21 32.96 -8.76
N PHE G 301 6.82 33.80 -7.80
CA PHE G 301 5.45 33.86 -7.35
C PHE G 301 4.74 35.07 -7.96
N PRO G 302 3.47 34.97 -8.37
CA PRO G 302 2.62 36.06 -8.78
C PRO G 302 2.58 37.08 -7.67
N ALA G 303 2.69 38.35 -8.01
CA ALA G 303 2.74 39.39 -7.00
C ALA G 303 2.25 40.74 -7.48
N VAL G 304 1.97 41.61 -6.53
CA VAL G 304 1.62 42.99 -6.82
C VAL G 304 2.38 43.92 -5.90
N GLY G 305 2.87 45.03 -6.44
CA GLY G 305 3.55 46.03 -5.63
C GLY G 305 2.65 47.22 -5.34
N PHE G 306 2.85 47.83 -4.17
CA PHE G 306 2.14 49.03 -3.74
C PHE G 306 3.03 50.23 -3.92
N LEU G 307 2.74 51.01 -4.95
CA LEU G 307 3.56 52.15 -5.31
C LEU G 307 2.85 53.43 -4.94
N VAL G 308 3.56 54.40 -4.43
CA VAL G 308 2.92 55.65 -4.06
C VAL G 308 2.42 56.37 -5.31
N ARG G 309 1.15 56.77 -5.29
CA ARG G 309 0.54 57.46 -6.42
C ARG G 309 1.31 58.68 -6.90
N THR G 310 1.90 59.42 -5.97
CA THR G 310 2.63 60.63 -6.34
C THR G 310 4.02 60.35 -6.91
N GLU G 311 4.53 59.14 -6.74
CA GLU G 311 5.83 58.78 -7.33
C GLU G 311 5.60 58.22 -8.72
N PHE G 312 4.49 57.51 -8.86
CA PHE G 312 4.13 56.89 -10.12
C PHE G 312 3.92 57.91 -11.20
N LYS G 313 4.44 57.62 -12.38
CA LYS G 313 4.27 58.52 -13.49
C LYS G 313 3.54 57.82 -14.61
N TYR G 314 2.89 58.60 -15.45
CA TYR G 314 2.18 58.07 -16.58
C TYR G 314 2.18 59.14 -17.67
N ASN G 315 1.59 58.83 -18.84
CA ASN G 315 1.51 59.77 -19.96
C ASN G 315 0.10 59.72 -20.57
N ASP G 316 -0.65 60.82 -20.39
CA ASP G 316 -2.04 60.95 -20.85
C ASP G 316 -2.12 60.99 -22.37
N SER G 317 -0.98 61.28 -23.01
CA SER G 317 -0.88 61.35 -24.46
C SER G 317 -0.40 60.03 -25.04
N ASN G 318 -0.22 59.03 -24.18
CA ASN G 318 0.24 57.71 -24.61
C ASN G 318 -0.70 56.62 -24.12
N CYS G 319 -1.99 56.74 -24.49
CA CYS G 319 -3.06 55.81 -24.14
C CYS G 319 -4.04 55.74 -25.30
N PRO G 320 -4.47 54.54 -25.73
CA PRO G 320 -5.38 54.31 -26.84
C PRO G 320 -6.81 54.66 -26.44
N ILE G 321 -7.03 55.95 -26.22
CA ILE G 321 -8.30 56.50 -25.77
C ILE G 321 -9.01 57.25 -26.88
N THR G 322 -8.34 57.43 -28.00
CA THR G 322 -8.86 58.24 -29.10
C THR G 322 -9.99 57.54 -29.84
N LYS G 323 -10.19 56.25 -29.56
CA LYS G 323 -11.27 55.48 -30.18
C LYS G 323 -12.59 55.50 -29.38
N CYS G 324 -12.62 56.10 -28.18
CA CYS G 324 -13.78 56.18 -27.33
C CYS G 324 -14.28 57.64 -27.21
N GLN G 325 -15.56 57.83 -27.53
CA GLN G 325 -16.14 59.15 -27.56
C GLN G 325 -16.66 59.61 -26.21
N TYR G 326 -16.61 58.73 -25.21
CA TYR G 326 -17.16 59.05 -23.91
C TYR G 326 -16.13 58.90 -22.80
N SER G 327 -14.96 59.49 -22.98
CA SER G 327 -13.92 59.38 -21.97
C SER G 327 -12.91 60.52 -22.03
N LYS G 328 -12.04 60.56 -21.02
CA LYS G 328 -11.01 61.58 -20.92
C LYS G 328 -9.69 60.90 -20.51
N PRO G 329 -8.52 61.38 -21.03
CA PRO G 329 -7.18 60.82 -20.86
C PRO G 329 -6.74 60.45 -19.44
N GLU G 330 -7.14 61.22 -18.42
CA GLU G 330 -6.68 60.90 -17.08
C GLU G 330 -7.27 59.59 -16.56
N ASN G 331 -8.29 59.06 -17.23
CA ASN G 331 -8.86 57.78 -16.78
C ASN G 331 -7.81 56.65 -16.83
N CYS G 332 -6.84 56.77 -17.77
CA CYS G 332 -5.80 55.80 -18.03
C CYS G 332 -4.79 55.74 -16.87
N ARG G 333 -4.80 56.77 -16.02
CA ARG G 333 -3.91 56.83 -14.86
C ARG G 333 -4.65 56.63 -13.55
N LEU G 334 -5.86 57.16 -13.45
CA LEU G 334 -6.62 57.10 -12.21
C LEU G 334 -7.08 55.69 -11.89
N SER G 335 -7.29 54.91 -12.94
CA SER G 335 -7.70 53.51 -12.85
C SER G 335 -6.65 52.61 -12.18
N MET G 336 -5.41 53.09 -12.06
CA MET G 336 -4.34 52.29 -11.45
C MET G 336 -4.57 52.01 -9.96
N GLY G 337 -5.43 52.79 -9.32
CA GLY G 337 -5.72 52.53 -7.90
C GLY G 337 -7.07 51.87 -7.75
N ILE G 338 -7.48 51.58 -6.52
CA ILE G 338 -8.78 50.94 -6.29
C ILE G 338 -9.85 52.02 -6.21
N ARG G 339 -9.39 53.24 -6.30
CA ARG G 339 -10.16 54.48 -6.34
C ARG G 339 -9.21 55.55 -6.85
N PRO G 340 -9.69 56.55 -7.60
CA PRO G 340 -8.91 57.61 -8.24
C PRO G 340 -8.14 58.49 -7.26
N ASN G 341 -8.52 58.45 -5.99
CA ASN G 341 -7.87 59.26 -4.98
C ASN G 341 -7.14 58.43 -3.92
N SER G 342 -6.76 57.20 -4.26
CA SER G 342 -6.01 56.35 -3.33
C SER G 342 -4.58 56.84 -3.12
N HIS G 343 -4.00 56.46 -1.97
CA HIS G 343 -2.61 56.77 -1.65
C HIS G 343 -1.67 55.95 -2.51
N TYR G 344 -1.94 54.65 -2.58
CA TYR G 344 -1.10 53.72 -3.31
C TYR G 344 -1.83 53.18 -4.51
N ILE G 345 -1.08 52.80 -5.51
CA ILE G 345 -1.63 52.13 -6.68
C ILE G 345 -1.07 50.75 -6.76
N LEU G 346 -1.71 49.91 -7.54
CA LEU G 346 -1.26 48.53 -7.64
C LEU G 346 -0.64 48.25 -9.00
N ARG G 347 0.54 47.64 -9.00
CA ARG G 347 1.15 47.24 -10.26
C ARG G 347 1.65 45.81 -10.16
N SER G 348 1.29 44.99 -11.13
CA SER G 348 1.64 43.57 -11.11
C SER G 348 3.13 43.33 -11.27
N GLY G 349 3.55 42.15 -10.85
CA GLY G 349 4.94 41.70 -10.93
C GLY G 349 5.08 40.31 -10.33
N LEU G 350 6.32 39.96 -10.03
CA LEU G 350 6.67 38.66 -9.46
C LEU G 350 7.53 38.82 -8.23
N LEU G 351 7.42 37.89 -7.31
CA LEU G 351 8.35 37.83 -6.20
C LEU G 351 9.28 36.64 -6.39
N LYS G 352 10.55 36.97 -6.63
CA LYS G 352 11.59 36.00 -6.90
C LYS G 352 12.28 35.53 -5.63
N TYR G 353 12.22 34.23 -5.39
CA TYR G 353 12.82 33.66 -4.19
C TYR G 353 13.89 32.63 -4.58
N ASN G 354 15.16 32.93 -4.26
CA ASN G 354 16.30 32.08 -4.59
C ASN G 354 16.69 31.20 -3.41
N LEU G 355 16.52 29.88 -3.54
CA LEU G 355 16.75 28.91 -2.46
C LEU G 355 18.22 28.79 -2.09
N SER G 356 19.11 29.26 -2.95
CA SER G 356 20.55 29.23 -2.64
C SER G 356 21.10 30.54 -2.05
N ASP G 357 20.24 31.57 -1.85
CA ASP G 357 20.65 32.85 -1.28
C ASP G 357 20.56 32.80 0.25
N PRO G 361 17.60 33.64 2.66
CA PRO G 361 17.46 34.17 1.30
C PRO G 361 16.48 35.34 1.24
N LYS G 362 16.78 36.28 0.35
CA LYS G 362 15.90 37.43 0.13
C LYS G 362 14.87 37.15 -0.94
N VAL G 363 13.79 37.92 -0.93
CA VAL G 363 12.81 37.87 -1.99
C VAL G 363 12.84 39.18 -2.77
N VAL G 364 12.83 39.09 -4.10
CA VAL G 364 12.96 40.27 -4.95
C VAL G 364 11.72 40.57 -5.79
N PHE G 365 11.21 41.79 -5.70
CA PHE G 365 10.06 42.15 -6.52
C PHE G 365 10.48 42.57 -7.92
N ILE G 366 9.88 41.93 -8.90
CA ILE G 366 10.16 42.18 -10.30
C ILE G 366 8.99 42.89 -10.95
N GLU G 367 9.29 44.03 -11.56
CA GLU G 367 8.30 44.88 -12.21
C GLU G 367 7.92 44.32 -13.58
N ILE G 368 6.77 44.75 -14.10
CA ILE G 368 6.36 44.36 -15.45
C ILE G 368 6.43 45.54 -16.39
N SER G 369 6.45 45.26 -17.67
CA SER G 369 6.44 46.31 -18.68
C SER G 369 5.10 47.03 -18.66
N ASP G 370 5.07 48.25 -19.22
CA ASP G 370 3.86 49.04 -19.21
C ASP G 370 2.97 48.82 -20.42
N GLN G 371 3.32 47.85 -21.25
CA GLN G 371 2.49 47.53 -22.39
C GLN G 371 1.15 47.06 -21.84
N ARG G 372 0.09 47.74 -22.25
CA ARG G 372 -1.24 47.44 -21.74
C ARG G 372 -1.26 47.44 -20.21
N LEU G 373 -0.60 48.42 -19.60
CA LEU G 373 -0.58 48.51 -18.15
C LEU G 373 -1.99 48.67 -17.58
N SER G 374 -2.32 47.84 -16.60
CA SER G 374 -3.61 47.88 -15.92
C SER G 374 -3.37 47.74 -14.43
N ILE G 375 -4.41 47.92 -13.62
CA ILE G 375 -4.22 47.80 -12.19
C ILE G 375 -3.75 46.42 -11.84
N GLY G 376 -2.79 46.35 -10.93
CA GLY G 376 -2.31 45.06 -10.50
C GLY G 376 -3.49 44.26 -10.01
N SER G 377 -3.68 43.11 -10.61
CA SER G 377 -4.78 42.22 -10.32
C SER G 377 -4.18 40.84 -10.09
N PRO G 378 -4.90 39.88 -9.50
CA PRO G 378 -4.43 38.54 -9.26
C PRO G 378 -3.91 37.99 -10.55
N SER G 379 -2.78 37.32 -10.49
CA SER G 379 -2.12 36.82 -11.69
C SER G 379 -1.54 35.45 -11.50
N LYS G 380 -1.17 34.81 -12.59
CA LYS G 380 -0.63 33.46 -12.53
C LYS G 380 0.45 33.24 -13.58
N ILE G 381 1.45 32.45 -13.25
CA ILE G 381 2.44 32.12 -14.27
C ILE G 381 2.53 30.60 -14.37
N TYR G 382 2.48 30.08 -15.60
CA TYR G 382 2.40 28.64 -15.84
C TYR G 382 3.72 28.15 -16.37
N ASP G 383 4.03 26.89 -16.14
CA ASP G 383 5.10 26.25 -16.89
C ASP G 383 4.43 25.35 -17.93
N SER G 384 4.29 25.82 -19.17
CA SER G 384 3.46 25.11 -20.13
C SER G 384 4.10 24.89 -21.49
N LEU G 385 4.16 23.62 -21.90
CA LEU G 385 4.68 23.24 -23.19
C LEU G 385 6.07 23.82 -23.49
N GLY G 386 6.92 23.89 -22.47
CA GLY G 386 8.30 24.33 -22.65
C GLY G 386 8.60 25.80 -22.35
N GLN G 387 7.58 26.63 -22.15
CA GLN G 387 7.84 28.04 -21.88
C GLN G 387 6.85 28.61 -20.85
N PRO G 388 7.32 29.47 -19.93
CA PRO G 388 6.50 30.25 -19.02
C PRO G 388 5.47 31.09 -19.75
N VAL G 389 4.24 31.07 -19.24
CA VAL G 389 3.10 31.82 -19.77
C VAL G 389 2.49 32.64 -18.66
N PHE G 390 2.20 33.91 -18.91
CA PHE G 390 1.68 34.75 -17.85
C PHE G 390 0.25 35.17 -18.09
N TYR G 391 -0.56 35.06 -17.06
CA TYR G 391 -1.94 35.48 -17.08
C TYR G 391 -2.20 36.57 -16.05
N GLN G 392 -2.96 37.58 -16.42
CA GLN G 392 -3.34 38.60 -15.45
C GLN G 392 -4.83 38.87 -15.52
N ALA G 393 -5.49 38.86 -14.37
CA ALA G 393 -6.90 39.20 -14.32
C ALA G 393 -7.04 40.67 -14.62
N SER G 394 -8.18 41.09 -15.13
CA SER G 394 -8.35 42.51 -15.36
C SER G 394 -9.57 43.07 -14.66
N PHE G 395 -9.32 43.89 -13.65
CA PHE G 395 -10.38 44.52 -12.88
C PHE G 395 -10.47 45.97 -13.30
N SER G 396 -9.68 46.29 -14.32
CA SER G 396 -9.58 47.62 -14.91
C SER G 396 -10.54 47.75 -16.06
N TRP G 397 -10.55 48.93 -16.64
CA TRP G 397 -11.36 49.24 -17.81
C TRP G 397 -11.12 48.31 -19.00
N ASP G 398 -9.93 47.72 -19.10
CA ASP G 398 -9.68 46.80 -20.19
C ASP G 398 -10.18 45.44 -19.77
N THR G 399 -11.32 45.06 -20.29
CA THR G 399 -12.01 43.89 -19.80
C THR G 399 -11.64 42.63 -20.57
N MET G 400 -10.83 42.78 -21.61
CA MET G 400 -10.49 41.64 -22.44
C MET G 400 -9.51 40.74 -21.71
N ILE G 401 -9.55 39.45 -21.98
CA ILE G 401 -8.61 38.56 -21.31
C ILE G 401 -7.20 38.99 -21.63
N LYS G 402 -6.38 39.10 -20.60
CA LYS G 402 -5.03 39.58 -20.74
C LYS G 402 -3.98 38.55 -20.36
N PHE G 403 -3.43 37.87 -21.36
CA PHE G 403 -2.44 36.84 -21.09
C PHE G 403 -1.58 36.62 -22.31
N GLY G 404 -0.44 35.95 -22.13
CA GLY G 404 0.42 35.61 -23.26
C GLY G 404 1.77 35.06 -22.82
N ASP G 405 2.59 34.72 -23.79
CA ASP G 405 3.92 34.15 -23.56
C ASP G 405 4.84 35.12 -22.85
N VAL G 406 5.65 34.61 -21.94
CA VAL G 406 6.63 35.44 -21.28
C VAL G 406 7.90 35.53 -22.10
N LEU G 407 8.31 36.74 -22.47
CA LEU G 407 9.49 36.91 -23.30
C LEU G 407 10.72 36.98 -22.42
N THR G 408 10.58 37.71 -21.33
CA THR G 408 11.63 37.82 -20.34
C THR G 408 10.99 37.72 -18.97
N VAL G 409 11.75 37.26 -17.98
CA VAL G 409 11.19 37.16 -16.63
C VAL G 409 11.55 38.36 -15.78
N ASN G 410 12.79 38.84 -15.89
CA ASN G 410 13.25 39.96 -15.08
C ASN G 410 13.95 41.00 -15.96
N PRO G 411 13.25 42.06 -16.36
CA PRO G 411 11.90 42.49 -16.02
C PRO G 411 10.91 41.56 -16.66
N LEU G 412 9.67 41.56 -16.19
CA LEU G 412 8.70 40.66 -16.79
C LEU G 412 8.02 41.33 -17.97
N VAL G 413 8.26 40.76 -19.14
CA VAL G 413 7.74 41.28 -20.38
C VAL G 413 6.89 40.21 -21.03
N VAL G 414 5.63 40.53 -21.27
CA VAL G 414 4.70 39.53 -21.78
C VAL G 414 4.16 39.88 -23.16
N ASN G 415 4.21 38.91 -24.06
CA ASN G 415 3.76 39.07 -25.41
C ASN G 415 2.27 38.85 -25.43
N TRP G 416 1.54 39.85 -24.93
CA TRP G 416 0.11 39.71 -24.74
C TRP G 416 -0.52 39.29 -26.05
N ARG G 417 -1.43 38.32 -26.00
CA ARG G 417 -2.09 37.81 -27.19
C ARG G 417 -3.13 38.80 -27.71
N ASN G 418 -3.36 38.84 -29.04
CA ASN G 418 -4.40 39.63 -29.66
C ASN G 418 -5.75 38.91 -29.54
N ASN G 419 -6.23 38.73 -28.30
CA ASN G 419 -7.48 38.01 -28.02
C ASN G 419 -8.67 38.96 -28.14
N THR G 420 -9.56 38.65 -29.07
CA THR G 420 -10.69 39.53 -29.37
C THR G 420 -12.02 38.90 -28.98
N VAL G 421 -11.97 37.75 -28.33
CA VAL G 421 -13.19 36.98 -28.07
C VAL G 421 -13.54 36.81 -26.59
N ILE G 422 -12.54 36.57 -25.75
CA ILE G 422 -12.79 36.28 -24.34
C ILE G 422 -12.68 37.53 -23.49
N SER G 423 -13.71 37.76 -22.67
CA SER G 423 -13.78 38.93 -21.79
C SER G 423 -14.55 38.61 -20.52
N ARG G 424 -14.07 39.13 -19.38
CA ARG G 424 -14.70 38.85 -18.08
C ARG G 424 -15.95 39.75 -17.88
N PRO G 425 -16.92 39.35 -17.04
CA PRO G 425 -18.10 40.09 -16.65
C PRO G 425 -17.77 41.22 -15.70
N GLY G 426 -18.62 42.22 -15.61
CA GLY G 426 -18.41 43.26 -14.62
C GLY G 426 -19.58 44.22 -14.58
N GLN G 427 -19.50 45.20 -13.69
CA GLN G 427 -20.58 46.16 -13.52
C GLN G 427 -20.66 47.08 -14.72
N SER G 428 -21.80 47.75 -14.87
CA SER G 428 -22.09 48.59 -16.04
C SER G 428 -21.08 49.69 -16.28
N GLN G 429 -20.28 50.02 -15.26
CA GLN G 429 -19.21 51.00 -15.43
C GLN G 429 -18.10 50.47 -16.37
N CYS G 430 -17.80 49.14 -16.31
CA CYS G 430 -16.80 48.44 -17.10
C CYS G 430 -17.27 47.00 -17.39
N PRO G 431 -18.33 46.85 -18.21
CA PRO G 431 -19.02 45.61 -18.52
C PRO G 431 -18.21 44.78 -19.49
N ARG G 432 -18.63 43.53 -19.70
CA ARG G 432 -17.92 42.62 -20.59
C ARG G 432 -17.70 43.25 -21.97
N PHE G 433 -16.51 43.02 -22.50
CA PHE G 433 -16.05 43.51 -23.81
C PHE G 433 -15.80 45.01 -23.87
N ASN G 434 -15.85 45.69 -22.73
CA ASN G 434 -15.44 47.10 -22.72
C ASN G 434 -13.96 47.27 -23.00
N THR G 435 -13.66 48.18 -23.92
CA THR G 435 -12.28 48.56 -24.22
C THR G 435 -12.00 50.07 -24.08
N CYS G 436 -12.93 50.84 -23.49
CA CYS G 436 -12.83 52.28 -23.28
C CYS G 436 -12.24 52.58 -21.90
N PRO G 437 -11.13 53.33 -21.80
CA PRO G 437 -10.54 53.78 -20.56
C PRO G 437 -11.54 54.54 -19.72
N GLU G 438 -11.83 54.00 -18.55
CA GLU G 438 -12.78 54.54 -17.60
C GLU G 438 -12.29 54.24 -16.20
N ILE G 439 -12.77 54.96 -15.22
CA ILE G 439 -12.35 54.69 -13.85
C ILE G 439 -13.35 53.74 -13.17
N CYS G 440 -12.85 52.55 -12.79
CA CYS G 440 -13.62 51.45 -12.20
C CYS G 440 -12.66 50.50 -11.51
N TRP G 441 -13.18 49.56 -10.74
CA TRP G 441 -12.37 48.53 -10.14
C TRP G 441 -13.21 47.37 -9.67
N GLU G 442 -13.31 46.37 -10.52
CA GLU G 442 -14.13 45.20 -10.25
C GLU G 442 -14.03 44.19 -11.38
N GLY G 443 -14.16 42.93 -11.03
CA GLY G 443 -14.12 41.84 -11.99
C GLY G 443 -13.78 40.57 -11.25
N VAL G 444 -13.64 39.49 -11.99
CA VAL G 444 -13.31 38.20 -11.40
C VAL G 444 -12.11 37.61 -12.11
N TYR G 445 -11.47 36.64 -11.48
CA TYR G 445 -10.33 35.95 -12.07
C TYR G 445 -10.80 34.77 -12.90
N ASN G 446 -10.43 34.77 -14.18
CA ASN G 446 -10.77 33.67 -15.09
C ASN G 446 -9.54 33.18 -15.79
N ASP G 447 -9.10 31.98 -15.44
CA ASP G 447 -7.84 31.49 -15.96
C ASP G 447 -7.94 31.07 -17.42
N ALA G 448 -6.81 30.67 -17.99
CA ALA G 448 -6.73 30.25 -19.38
C ALA G 448 -5.44 29.50 -19.64
N PHE G 449 -5.43 28.22 -19.30
CA PHE G 449 -4.20 27.45 -19.35
C PHE G 449 -3.91 27.05 -20.79
N LEU G 450 -2.67 27.15 -21.22
CA LEU G 450 -2.35 26.77 -22.59
C LEU G 450 -2.30 25.25 -22.72
N ILE G 451 -3.02 24.70 -23.70
CA ILE G 451 -3.01 23.24 -23.86
C ILE G 451 -2.32 22.81 -25.15
N ASP G 452 -2.28 23.68 -26.15
CA ASP G 452 -1.60 23.36 -27.41
C ASP G 452 -0.97 24.61 -28.01
N ARG G 453 0.35 24.68 -27.93
CA ARG G 453 1.09 25.88 -28.33
C ARG G 453 1.09 26.18 -29.82
N ILE G 454 1.10 25.16 -30.66
CA ILE G 454 1.24 25.41 -32.10
C ILE G 454 0.11 26.28 -32.63
N ASN G 455 -1.11 26.00 -32.18
CA ASN G 455 -2.26 26.79 -32.58
C ASN G 455 -2.65 27.80 -31.50
N TRP G 456 -1.83 27.92 -30.47
CA TRP G 456 -2.17 28.72 -29.29
C TRP G 456 -3.60 28.54 -28.82
N ILE G 457 -3.93 27.31 -28.48
CA ILE G 457 -5.21 26.92 -27.94
C ILE G 457 -5.13 26.79 -26.44
N SER G 458 -6.01 27.48 -25.74
CA SER G 458 -6.01 27.49 -24.29
C SER G 458 -7.39 27.11 -23.76
N ALA G 459 -7.45 26.78 -22.48
CA ALA G 459 -8.71 26.37 -21.89
C ALA G 459 -8.87 26.89 -20.48
N GLY G 460 -10.11 27.12 -20.11
CA GLY G 460 -10.42 27.60 -18.77
C GLY G 460 -11.91 27.82 -18.63
N VAL G 461 -12.33 28.38 -17.50
CA VAL G 461 -13.74 28.59 -17.26
C VAL G 461 -14.07 30.07 -17.23
N PHE G 462 -15.01 30.45 -18.06
CA PHE G 462 -15.38 31.85 -18.20
C PHE G 462 -16.84 32.02 -17.85
N LEU G 463 -17.22 33.21 -17.44
CA LEU G 463 -18.61 33.42 -17.07
C LEU G 463 -19.35 34.10 -18.23
N ASP G 464 -20.34 33.40 -18.76
CA ASP G 464 -21.01 33.88 -19.97
C ASP G 464 -22.14 34.86 -19.65
N SER G 465 -21.76 36.05 -19.19
CA SER G 465 -22.72 37.11 -18.84
C SER G 465 -22.04 38.48 -18.95
N ASN G 466 -22.82 39.53 -19.28
CA ASN G 466 -22.30 40.88 -19.50
C ASN G 466 -22.17 41.71 -18.21
N GLN G 467 -23.22 41.73 -17.38
CA GLN G 467 -23.31 42.61 -16.20
C GLN G 467 -23.01 41.94 -14.87
N THR G 468 -23.11 40.62 -14.83
CA THR G 468 -22.93 39.90 -13.58
C THR G 468 -22.03 38.70 -13.73
N ALA G 469 -21.46 38.24 -12.64
CA ALA G 469 -20.59 37.09 -12.68
C ALA G 469 -21.40 35.80 -12.64
N GLU G 470 -21.93 35.39 -13.80
CA GLU G 470 -22.84 34.25 -13.87
C GLU G 470 -22.58 33.27 -15.00
N ASN G 471 -23.05 32.03 -14.83
CA ASN G 471 -23.00 31.00 -15.88
C ASN G 471 -21.59 30.58 -16.28
N PRO G 472 -20.84 29.87 -15.42
CA PRO G 472 -19.51 29.37 -15.70
C PRO G 472 -19.56 28.30 -16.76
N VAL G 473 -18.74 28.48 -17.79
CA VAL G 473 -18.65 27.57 -18.91
C VAL G 473 -17.21 27.18 -19.18
N PHE G 474 -16.94 25.89 -19.30
CA PHE G 474 -15.58 25.47 -19.63
C PHE G 474 -15.43 25.60 -21.12
N THR G 475 -14.43 26.33 -21.57
CA THR G 475 -14.27 26.53 -22.99
C THR G 475 -12.87 26.20 -23.44
N VAL G 476 -12.75 25.83 -24.70
CA VAL G 476 -11.47 25.68 -25.35
C VAL G 476 -11.45 26.68 -26.48
N PHE G 477 -10.42 27.53 -26.53
CA PHE G 477 -10.45 28.63 -27.46
C PHE G 477 -9.11 29.07 -28.04
N LYS G 478 -9.22 29.81 -29.13
CA LYS G 478 -8.14 30.46 -29.84
C LYS G 478 -8.32 31.96 -29.69
N ASP G 479 -7.31 32.74 -30.01
CA ASP G 479 -7.42 34.19 -29.86
C ASP G 479 -8.61 34.79 -30.59
N ASN G 480 -8.97 34.24 -31.75
CA ASN G 480 -10.08 34.82 -32.50
C ASN G 480 -11.31 33.90 -32.58
N GLU G 481 -11.34 32.82 -31.81
CA GLU G 481 -12.44 31.84 -31.92
C GLU G 481 -12.71 31.07 -30.65
N ILE G 482 -13.94 30.60 -30.49
CA ILE G 482 -14.21 29.59 -29.47
C ILE G 482 -14.50 28.30 -30.19
N LEU G 483 -13.80 27.24 -29.81
CA LEU G 483 -13.92 25.99 -30.52
C LEU G 483 -15.06 25.15 -29.96
N TYR G 484 -15.16 25.09 -28.65
CA TYR G 484 -16.25 24.34 -28.02
C TYR G 484 -16.47 24.74 -26.57
N ARG G 485 -17.71 24.55 -26.11
CA ARG G 485 -18.11 24.98 -24.78
C ARG G 485 -18.95 23.92 -24.05
N ALA G 486 -18.85 23.88 -22.73
CA ALA G 486 -19.78 23.10 -21.92
C ALA G 486 -20.04 23.78 -20.58
N GLN G 487 -21.31 23.82 -20.19
CA GLN G 487 -21.70 24.47 -18.93
C GLN G 487 -21.33 23.65 -17.71
N LEU G 488 -20.89 24.31 -16.66
CA LEU G 488 -20.59 23.65 -15.40
C LEU G 488 -21.69 23.90 -14.37
N ALA G 489 -22.64 24.74 -14.73
CA ALA G 489 -23.74 25.14 -13.87
C ALA G 489 -24.85 25.72 -14.74
N SER G 490 -26.05 25.85 -14.20
CA SER G 490 -27.12 26.46 -14.97
C SER G 490 -26.85 27.94 -15.15
N GLU G 491 -27.52 28.55 -16.12
CA GLU G 491 -27.30 29.97 -16.44
C GLU G 491 -27.72 30.91 -15.31
N ASP G 492 -28.57 30.42 -14.42
CA ASP G 492 -29.07 31.23 -13.32
C ASP G 492 -28.23 31.05 -12.06
N THR G 493 -27.15 30.29 -12.16
CA THR G 493 -26.26 30.08 -11.03
C THR G 493 -25.06 31.00 -11.17
N ASN G 494 -24.74 31.75 -10.12
CA ASN G 494 -23.62 32.67 -10.22
C ASN G 494 -22.31 31.99 -9.85
N ALA G 495 -21.19 32.62 -10.19
CA ALA G 495 -19.88 32.08 -9.90
C ALA G 495 -18.83 33.19 -9.83
N GLN G 496 -17.73 32.93 -9.15
CA GLN G 496 -16.69 33.94 -8.99
C GLN G 496 -15.32 33.54 -9.56
N LYS G 497 -14.41 33.12 -8.69
CA LYS G 497 -13.05 32.80 -9.10
C LYS G 497 -12.95 31.45 -9.80
N THR G 498 -12.22 31.39 -10.93
CA THR G 498 -12.00 30.10 -11.58
C THR G 498 -10.52 29.84 -11.89
N ILE G 499 -9.98 28.76 -11.33
CA ILE G 499 -8.56 28.41 -11.49
C ILE G 499 -8.39 27.12 -12.29
N THR G 500 -7.60 27.15 -13.38
CA THR G 500 -7.47 25.96 -14.22
C THR G 500 -6.03 25.46 -14.34
N ASN G 501 -5.86 24.17 -14.07
CA ASN G 501 -4.56 23.53 -14.18
C ASN G 501 -4.64 22.29 -15.08
N CYS G 502 -3.91 22.30 -16.21
CA CYS G 502 -3.93 21.20 -17.16
C CYS G 502 -2.64 20.37 -17.07
N PHE G 503 -2.79 19.09 -17.32
CA PHE G 503 -1.72 18.12 -17.20
C PHE G 503 -1.99 16.89 -18.04
N LEU G 504 -1.01 16.02 -18.16
CA LEU G 504 -1.22 14.78 -18.87
C LEU G 504 -1.45 13.61 -17.94
N LEU G 505 -2.51 12.86 -18.22
CA LEU G 505 -2.81 11.61 -17.53
C LEU G 505 -2.77 10.50 -18.55
N LYS G 506 -1.81 9.59 -18.40
CA LYS G 506 -1.67 8.52 -19.39
C LYS G 506 -1.56 9.07 -20.80
N ASN G 507 -0.81 10.16 -20.94
CA ASN G 507 -0.55 10.86 -22.21
C ASN G 507 -1.77 11.53 -22.83
N LYS G 508 -2.85 11.72 -22.08
CA LYS G 508 -4.01 12.44 -22.58
C LYS G 508 -4.19 13.75 -21.81
N ILE G 509 -4.68 14.79 -22.47
CA ILE G 509 -4.85 16.05 -21.75
C ILE G 509 -6.12 16.13 -20.94
N TRP G 510 -5.94 16.45 -19.67
CA TRP G 510 -7.01 16.71 -18.73
C TRP G 510 -6.79 18.07 -18.10
N CYS G 511 -7.88 18.77 -17.79
CA CYS G 511 -7.81 20.06 -17.09
C CYS G 511 -8.73 20.03 -15.89
N ILE G 512 -8.19 20.43 -14.74
CA ILE G 512 -9.01 20.52 -13.56
C ILE G 512 -9.32 21.96 -13.26
N SER G 513 -10.59 22.29 -13.29
CA SER G 513 -11.04 23.65 -13.08
C SER G 513 -11.75 23.81 -11.76
N LEU G 514 -11.21 24.68 -10.93
CA LEU G 514 -11.76 25.00 -9.63
C LEU G 514 -12.61 26.23 -9.73
N VAL G 515 -13.91 26.04 -9.61
CA VAL G 515 -14.86 27.11 -9.84
C VAL G 515 -15.70 27.39 -8.60
N GLU G 516 -15.75 28.65 -8.19
CA GLU G 516 -16.60 28.99 -7.05
C GLU G 516 -18.04 29.11 -7.53
N ILE G 517 -18.90 28.19 -7.09
CA ILE G 517 -20.29 28.17 -7.56
C ILE G 517 -21.27 28.34 -6.41
N TYR G 518 -22.15 29.33 -6.53
CA TYR G 518 -23.10 29.64 -5.47
C TYR G 518 -24.24 28.62 -5.35
N ASP G 519 -24.57 28.23 -4.10
CA ASP G 519 -25.68 27.30 -3.80
C ASP G 519 -26.03 27.36 -2.32
N VAL G 524 -24.68 30.87 0.44
CA VAL G 524 -23.28 30.56 0.67
C VAL G 524 -22.69 29.94 -0.62
N ILE G 525 -21.43 30.27 -0.92
CA ILE G 525 -20.71 29.81 -2.13
C ILE G 525 -19.67 28.75 -1.75
N ARG G 526 -19.58 27.69 -2.56
CA ARG G 526 -18.60 26.62 -2.34
C ARG G 526 -17.91 26.31 -3.67
N PRO G 527 -16.64 25.91 -3.66
CA PRO G 527 -15.90 25.48 -4.82
C PRO G 527 -16.34 24.12 -5.32
N LYS G 528 -16.25 23.93 -6.63
CA LYS G 528 -16.41 22.65 -7.27
C LYS G 528 -15.23 22.41 -8.20
N LEU G 529 -14.79 21.17 -8.31
CA LEU G 529 -13.63 20.85 -9.13
C LEU G 529 -13.99 19.92 -10.24
N PHE G 530 -13.89 20.41 -11.46
CA PHE G 530 -14.30 19.62 -12.60
C PHE G 530 -13.10 19.12 -13.37
N ALA G 531 -13.03 17.81 -13.53
CA ALA G 531 -11.95 17.20 -14.29
C ALA G 531 -12.45 17.01 -15.70
N VAL G 532 -12.01 17.88 -16.60
CA VAL G 532 -12.52 17.89 -17.94
C VAL G 532 -11.49 17.28 -18.89
N LYS G 533 -11.87 16.24 -19.60
CA LYS G 533 -10.96 15.65 -20.55
C LYS G 533 -10.99 16.49 -21.82
N ILE G 534 -9.84 16.72 -22.43
CA ILE G 534 -9.84 17.41 -23.71
C ILE G 534 -9.92 16.37 -24.81
N PRO G 535 -10.98 16.40 -25.66
CA PRO G 535 -11.27 15.43 -26.69
C PRO G 535 -10.29 15.49 -27.84
N GLU G 536 -10.04 14.33 -28.45
CA GLU G 536 -9.21 14.21 -29.64
C GLU G 536 -10.02 14.41 -30.91
N GLN G 537 -11.29 14.01 -30.85
CA GLN G 537 -12.18 14.11 -31.99
C GLN G 537 -13.18 15.24 -31.77
N CYS G 538 -13.70 15.80 -32.88
CA CYS G 538 -14.66 16.90 -32.87
C CYS G 538 -16.07 16.36 -33.04
N TYR G 539 -16.22 15.08 -32.80
CA TYR G 539 -17.50 14.38 -32.89
C TYR G 539 -17.63 13.39 -31.74
N LEU H 34 -37.63 21.65 19.29
CA LEU H 34 -36.52 20.84 19.80
C LEU H 34 -36.70 19.36 19.53
N ALA H 35 -37.91 18.87 19.73
CA ALA H 35 -38.22 17.47 19.53
C ALA H 35 -38.00 17.09 18.07
N ASP H 36 -38.28 18.03 17.17
CA ASP H 36 -38.16 17.75 15.75
C ASP H 36 -36.71 17.84 15.32
N LYS H 37 -35.95 18.76 15.90
CA LYS H 37 -34.54 18.84 15.55
C LYS H 37 -33.81 17.57 15.97
N ILE H 38 -34.08 17.09 17.17
CA ILE H 38 -33.40 15.89 17.61
C ILE H 38 -33.77 14.71 16.70
N GLY H 39 -35.06 14.55 16.41
CA GLY H 39 -35.52 13.45 15.58
C GLY H 39 -35.26 13.58 14.08
N THR H 40 -35.05 14.80 13.58
CA THR H 40 -34.86 15.00 12.14
C THR H 40 -33.45 15.44 11.74
N GLU H 41 -32.83 16.32 12.54
CA GLU H 41 -31.54 16.88 12.17
C GLU H 41 -30.38 16.10 12.75
N ILE H 42 -30.57 15.51 13.93
CA ILE H 42 -29.47 14.80 14.58
C ILE H 42 -29.57 13.29 14.45
N GLY H 43 -30.69 12.74 14.89
CA GLY H 43 -30.89 11.29 14.92
C GLY H 43 -30.45 10.58 13.64
N PRO H 44 -31.09 10.87 12.49
CA PRO H 44 -30.82 10.29 11.19
C PRO H 44 -29.35 10.36 10.77
N LYS H 45 -28.68 11.44 11.15
CA LYS H 45 -27.27 11.59 10.80
C LYS H 45 -26.43 10.70 11.66
N VAL H 46 -26.75 10.62 12.93
CA VAL H 46 -25.99 9.79 13.85
C VAL H 46 -26.13 8.33 13.42
N SER H 47 -27.33 7.96 12.99
CA SER H 47 -27.58 6.61 12.49
C SER H 47 -26.73 6.31 11.24
N LEU H 48 -26.68 7.24 10.30
CA LEU H 48 -25.86 7.01 9.12
C LEU H 48 -24.37 6.96 9.49
N ILE H 49 -23.96 7.81 10.43
CA ILE H 49 -22.57 7.87 10.84
C ILE H 49 -22.11 6.56 11.46
N ASP H 50 -22.90 5.95 12.36
CA ASP H 50 -22.37 4.73 12.97
C ASP H 50 -22.30 3.63 11.92
N THR H 51 -23.20 3.62 10.95
CA THR H 51 -23.11 2.61 9.91
C THR H 51 -21.79 2.76 9.17
N SER H 52 -21.47 3.99 8.82
CA SER H 52 -20.25 4.23 8.08
C SER H 52 -19.00 3.93 8.91
N SER H 53 -18.97 4.39 10.17
CA SER H 53 -17.80 4.21 11.02
C SER H 53 -17.60 2.80 11.58
N THR H 54 -18.69 2.06 11.80
CA THR H 54 -18.52 0.73 12.39
C THR H 54 -18.50 -0.37 11.33
N ILE H 55 -19.04 -0.11 10.14
CA ILE H 55 -19.09 -1.15 9.12
C ILE H 55 -18.28 -0.82 7.87
N THR H 56 -18.67 0.22 7.14
CA THR H 56 -18.11 0.40 5.81
C THR H 56 -16.67 0.88 5.82
N ILE H 57 -16.31 1.76 6.74
CA ILE H 57 -14.94 2.23 6.78
C ILE H 57 -13.98 1.12 7.21
N PRO H 58 -14.17 0.43 8.35
CA PRO H 58 -13.39 -0.72 8.75
C PRO H 58 -13.29 -1.77 7.65
N ALA H 59 -14.40 -1.97 6.92
CA ALA H 59 -14.38 -2.95 5.85
C ALA H 59 -13.47 -2.51 4.71
N ASN H 60 -13.50 -1.22 4.39
CA ASN H 60 -12.70 -0.71 3.29
C ASN H 60 -11.22 -0.68 3.68
N ILE H 61 -10.94 -0.46 4.95
CA ILE H 61 -9.56 -0.47 5.44
C ILE H 61 -9.03 -1.90 5.41
N GLY H 62 -9.85 -2.85 5.87
CA GLY H 62 -9.46 -4.24 5.88
C GLY H 62 -9.13 -4.69 4.45
N LEU H 63 -9.97 -4.33 3.51
CA LEU H 63 -9.74 -4.67 2.12
C LEU H 63 -8.47 -4.01 1.60
N LEU H 64 -8.27 -2.74 1.95
CA LEU H 64 -7.09 -2.02 1.53
C LEU H 64 -5.84 -2.79 1.96
N GLY H 65 -5.86 -3.30 3.20
CA GLY H 65 -4.76 -4.10 3.71
C GLY H 65 -4.57 -5.39 2.93
N SER H 66 -5.66 -5.97 2.45
CA SER H 66 -5.54 -7.18 1.67
C SER H 66 -4.82 -6.87 0.37
N LYS H 67 -5.18 -5.74 -0.24
CA LYS H 67 -4.55 -5.32 -1.49
C LYS H 67 -3.05 -5.20 -1.33
N ILE H 68 -2.60 -4.74 -0.16
CA ILE H 68 -1.18 -4.66 0.12
C ILE H 68 -0.56 -6.06 0.08
N SER H 69 -1.22 -7.04 0.69
CA SER H 69 -0.67 -8.40 0.66
C SER H 69 -0.64 -8.99 -0.73
N GLN H 70 -1.69 -8.73 -1.50
CA GLN H 70 -1.82 -9.29 -2.83
C GLN H 70 -0.75 -8.71 -3.75
N SER H 71 -0.47 -7.41 -3.62
CA SER H 71 0.56 -6.79 -4.43
C SER H 71 1.94 -7.27 -4.03
N THR H 72 2.14 -7.51 -2.74
CA THR H 72 3.44 -7.97 -2.29
C THR H 72 3.72 -9.34 -2.88
N ALA H 73 2.73 -10.21 -2.84
CA ALA H 73 2.90 -11.55 -3.38
C ALA H 73 3.16 -11.48 -4.87
N SER H 74 2.44 -10.61 -5.58
CA SER H 74 2.61 -10.51 -7.02
C SER H 74 4.00 -10.05 -7.38
N ILE H 75 4.50 -9.05 -6.67
CA ILE H 75 5.82 -8.51 -6.93
C ILE H 75 6.91 -9.53 -6.66
N ASN H 76 6.81 -10.24 -5.54
CA ASN H 76 7.82 -11.23 -5.23
C ASN H 76 7.80 -12.35 -6.26
N GLU H 77 6.60 -12.75 -6.69
CA GLU H 77 6.49 -13.79 -7.71
C GLU H 77 7.09 -13.31 -9.02
N ASN H 78 6.84 -12.05 -9.37
CA ASN H 78 7.35 -11.51 -10.61
C ASN H 78 8.86 -11.54 -10.62
N VAL H 79 9.49 -11.16 -9.50
CA VAL H 79 10.94 -11.19 -9.44
C VAL H 79 11.45 -12.63 -9.48
N ASN H 80 10.81 -13.52 -8.75
CA ASN H 80 11.25 -14.91 -8.70
C ASN H 80 11.22 -15.56 -10.08
N GLU H 81 10.20 -15.24 -10.86
CA GLU H 81 10.04 -15.81 -12.19
C GLU H 81 10.87 -15.11 -13.27
N LYS H 82 10.99 -13.78 -13.18
CA LYS H 82 11.68 -13.00 -14.20
C LYS H 82 13.21 -12.98 -14.05
N CYS H 83 13.72 -13.05 -12.80
CA CYS H 83 15.14 -12.94 -12.50
C CYS H 83 15.79 -14.31 -12.33
N LYS H 84 15.07 -15.34 -12.75
CA LYS H 84 15.60 -16.68 -12.76
C LYS H 84 16.37 -16.87 -14.07
N PHE H 85 17.63 -17.28 -13.97
CA PHE H 85 18.43 -17.41 -15.18
C PHE H 85 19.51 -18.47 -15.02
N THR H 86 20.04 -18.90 -16.15
CA THR H 86 21.17 -19.82 -16.18
C THR H 86 22.20 -19.28 -17.16
N LEU H 87 23.40 -19.85 -17.14
CA LEU H 87 24.40 -19.48 -18.12
C LEU H 87 23.96 -20.03 -19.49
N PRO H 88 24.34 -19.38 -20.60
CA PRO H 88 24.05 -19.77 -21.97
C PRO H 88 24.92 -20.94 -22.35
N PRO H 89 24.56 -21.70 -23.39
CA PRO H 89 25.42 -22.68 -24.00
C PRO H 89 26.58 -21.89 -24.53
N LEU H 90 27.79 -22.37 -24.31
CA LEU H 90 28.96 -21.64 -24.75
C LEU H 90 29.82 -22.48 -25.67
N LYS H 91 30.65 -21.83 -26.47
CA LYS H 91 31.40 -22.52 -27.50
C LYS H 91 32.91 -22.58 -27.31
N ILE H 92 33.50 -23.65 -27.83
CA ILE H 92 34.94 -23.80 -27.95
C ILE H 92 35.28 -23.94 -29.42
N HIS H 93 35.78 -22.89 -30.02
CA HIS H 93 36.03 -22.89 -31.45
C HIS H 93 34.76 -23.31 -32.20
N GLU H 94 34.82 -24.45 -32.87
CA GLU H 94 33.68 -24.93 -33.67
C GLU H 94 32.64 -25.81 -32.93
N CYS H 95 32.88 -26.13 -31.64
CA CYS H 95 32.01 -27.02 -30.85
C CYS H 95 31.10 -26.23 -29.90
N ASN H 96 29.85 -26.64 -29.77
CA ASN H 96 28.95 -25.95 -28.84
C ASN H 96 28.54 -26.87 -27.70
N ILE H 97 28.74 -26.41 -26.44
CA ILE H 97 28.49 -27.18 -25.21
C ILE H 97 27.03 -27.09 -24.77
N SER H 98 26.36 -28.23 -24.71
CA SER H 98 24.97 -28.26 -24.27
C SER H 98 24.84 -29.00 -22.94
N CYS H 99 24.58 -28.25 -21.85
CA CYS H 99 24.51 -28.76 -20.48
C CYS H 99 23.04 -28.97 -20.06
N PRO H 100 22.79 -29.91 -19.13
CA PRO H 100 21.49 -30.21 -18.55
C PRO H 100 21.03 -29.07 -17.65
N GLY H 114 6.85 -13.35 8.43
CA GLY H 114 6.75 -12.69 9.72
C GLY H 114 6.17 -13.61 10.79
N VAL H 115 4.92 -14.06 10.58
CA VAL H 115 4.19 -14.92 11.52
C VAL H 115 3.88 -16.30 10.97
N SER H 116 4.25 -17.32 11.72
CA SER H 116 3.96 -18.71 11.39
C SER H 116 3.51 -19.42 12.65
N ASN H 117 2.99 -20.63 12.50
CA ASN H 117 2.51 -21.39 13.65
C ASN H 117 3.71 -22.03 14.34
N LEU H 118 3.46 -22.76 15.42
CA LEU H 118 4.53 -23.46 16.08
C LEU H 118 4.84 -24.67 15.23
N VAL H 119 6.06 -24.72 14.75
CA VAL H 119 6.57 -25.73 13.82
C VAL H 119 7.73 -26.42 14.50
N GLY H 120 8.13 -27.58 13.99
CA GLY H 120 9.22 -28.34 14.58
C GLY H 120 10.56 -27.60 14.53
N LEU H 121 10.68 -26.61 15.41
CA LEU H 121 11.84 -25.75 15.58
C LEU H 121 12.08 -25.62 17.10
N PRO H 122 13.30 -25.78 17.63
CA PRO H 122 13.63 -25.70 19.05
C PRO H 122 13.58 -24.29 19.62
N ASN H 123 12.41 -23.68 19.59
CA ASN H 123 12.27 -22.36 20.18
C ASN H 123 12.41 -22.49 21.68
N ASN H 124 13.24 -21.65 22.28
CA ASN H 124 13.47 -21.77 23.71
C ASN H 124 12.57 -20.90 24.54
N ILE H 125 12.25 -21.42 25.71
CA ILE H 125 11.50 -20.72 26.73
C ILE H 125 12.22 -20.90 28.05
N CYS H 126 11.88 -20.07 29.05
CA CYS H 126 12.26 -20.31 30.44
C CYS H 126 11.70 -21.66 30.90
N LEU H 127 12.58 -22.52 31.40
CA LEU H 127 12.15 -23.85 31.79
C LEU H 127 12.65 -24.19 33.18
N GLN H 128 12.40 -23.27 34.11
CA GLN H 128 12.75 -23.43 35.52
C GLN H 128 11.61 -22.93 36.37
N LYS H 129 11.47 -23.49 37.56
CA LYS H 129 10.45 -22.99 38.44
C LYS H 129 10.96 -21.71 39.08
N THR H 130 10.23 -20.63 38.90
CA THR H 130 10.66 -19.34 39.46
C THR H 130 9.52 -18.59 40.14
N SER H 131 9.87 -17.50 40.79
CA SER H 131 8.88 -16.66 41.47
C SER H 131 8.99 -15.21 41.04
N ASN H 132 9.86 -14.93 40.08
CA ASN H 132 10.02 -13.56 39.62
C ASN H 132 8.98 -13.21 38.57
N GLN H 133 9.00 -11.96 38.11
CA GLN H 133 8.01 -11.52 37.13
C GLN H 133 8.63 -11.41 35.76
N ILE H 134 8.39 -12.39 34.92
CA ILE H 134 9.03 -12.43 33.61
C ILE H 134 8.06 -12.34 32.44
N LEU H 135 6.76 -12.37 32.71
CA LEU H 135 5.80 -12.21 31.63
C LEU H 135 5.22 -10.81 31.69
N LYS H 136 5.07 -10.18 30.53
CA LYS H 136 4.55 -8.82 30.49
C LYS H 136 3.46 -8.63 29.44
N PRO H 137 2.22 -9.05 29.73
CA PRO H 137 1.07 -9.04 28.85
C PRO H 137 0.74 -7.70 28.20
N LYS H 138 0.46 -7.73 26.90
CA LYS H 138 -0.04 -6.59 26.15
C LYS H 138 -1.47 -6.58 25.65
N LEU H 139 -2.17 -5.45 25.71
CA LEU H 139 -3.54 -5.47 25.23
C LEU H 139 -3.53 -5.06 23.76
N ILE H 140 -4.00 -5.96 22.91
CA ILE H 140 -4.05 -5.71 21.47
C ILE H 140 -5.49 -5.74 20.97
N SER H 141 -6.43 -5.66 21.91
CA SER H 141 -7.85 -5.75 21.59
C SER H 141 -8.36 -4.50 20.89
N TYR H 142 -7.57 -3.45 20.93
CA TYR H 142 -7.93 -2.15 20.37
C TYR H 142 -8.07 -2.17 18.85
N THR H 143 -7.54 -3.20 18.19
CA THR H 143 -7.63 -3.25 16.73
C THR H 143 -8.86 -4.03 16.24
N LEU H 144 -9.63 -4.58 17.16
CA LEU H 144 -10.84 -5.31 16.78
C LEU H 144 -12.08 -4.55 17.24
N PRO H 145 -13.22 -4.70 16.56
CA PRO H 145 -14.50 -4.12 16.91
C PRO H 145 -15.17 -4.89 18.04
N VAL H 146 -14.54 -4.91 19.20
CA VAL H 146 -15.06 -5.68 20.33
C VAL H 146 -15.65 -4.80 21.40
N VAL H 147 -15.29 -3.51 21.40
CA VAL H 147 -15.81 -2.62 22.39
C VAL H 147 -16.90 -1.75 21.79
N GLY H 148 -18.12 -1.93 22.28
CA GLY H 148 -19.27 -1.21 21.78
C GLY H 148 -19.82 -0.27 22.84
N GLN H 149 -21.14 -0.11 22.83
CA GLN H 149 -21.81 0.78 23.76
C GLN H 149 -22.10 0.06 25.08
N SER H 150 -22.31 0.83 26.14
CA SER H 150 -22.57 0.28 27.48
C SER H 150 -23.86 -0.52 27.59
N GLY H 151 -24.72 -0.40 26.60
CA GLY H 151 -26.00 -1.11 26.61
C GLY H 151 -25.88 -2.56 26.12
N THR H 152 -24.68 -2.96 25.67
CA THR H 152 -24.51 -4.31 25.14
C THR H 152 -23.45 -5.11 25.90
N CYS H 153 -23.48 -6.44 25.69
CA CYS H 153 -22.57 -7.44 26.24
C CYS H 153 -22.04 -8.34 25.12
N ILE H 154 -20.78 -8.71 25.21
CA ILE H 154 -20.19 -9.56 24.19
C ILE H 154 -20.09 -10.98 24.71
N THR H 155 -20.69 -11.93 24.01
CA THR H 155 -20.68 -13.31 24.47
C THR H 155 -20.19 -14.27 23.39
N ASP H 156 -19.90 -15.51 23.81
CA ASP H 156 -19.51 -16.58 22.88
C ASP H 156 -18.43 -16.21 21.88
N PRO H 157 -17.24 -15.80 22.33
CA PRO H 157 -16.10 -15.48 21.50
C PRO H 157 -15.46 -16.72 20.90
N LEU H 158 -14.83 -16.50 19.75
CA LEU H 158 -14.04 -17.48 19.03
C LEU H 158 -12.74 -16.84 18.60
N LEU H 159 -11.65 -17.57 18.70
CA LEU H 159 -10.38 -17.09 18.17
C LEU H 159 -9.56 -18.29 17.71
N ALA H 160 -9.12 -18.26 16.47
CA ALA H 160 -8.36 -19.38 15.90
C ALA H 160 -7.24 -18.84 15.03
N MET H 161 -6.11 -19.55 14.97
CA MET H 161 -5.01 -19.07 14.13
C MET H 161 -4.26 -20.17 13.40
N ASP H 162 -3.80 -19.85 12.19
CA ASP H 162 -2.90 -20.72 11.41
C ASP H 162 -2.31 -19.97 10.21
N GLU H 163 -1.09 -20.35 9.85
CA GLU H 163 -0.33 -19.78 8.73
C GLU H 163 -0.35 -18.26 8.68
N GLY H 164 -0.26 -17.59 9.83
CA GLY H 164 -0.20 -16.13 9.85
C GLY H 164 -1.57 -15.45 9.77
N TYR H 165 -2.64 -16.24 9.70
CA TYR H 165 -4.00 -15.72 9.58
C TYR H 165 -4.82 -16.07 10.81
N PHE H 166 -5.87 -15.30 11.07
CA PHE H 166 -6.73 -15.63 12.19
C PHE H 166 -8.20 -15.56 11.83
N ALA H 167 -8.99 -16.26 12.61
CA ALA H 167 -10.42 -16.16 12.57
C ALA H 167 -10.89 -15.67 13.91
N TYR H 168 -11.88 -14.82 13.90
CA TYR H 168 -12.41 -14.25 15.11
C TYR H 168 -13.89 -14.02 15.01
N SER H 169 -14.61 -14.31 16.09
CA SER H 169 -16.01 -13.97 16.09
C SER H 169 -16.56 -13.75 17.48
N HIS H 170 -17.69 -13.04 17.54
CA HIS H 170 -18.41 -12.86 18.79
C HIS H 170 -19.87 -12.52 18.56
N LEU H 171 -20.69 -12.74 19.57
CA LEU H 171 -22.09 -12.38 19.52
C LEU H 171 -22.36 -11.13 20.36
N GLU H 172 -23.03 -10.15 19.77
CA GLU H 172 -23.36 -8.94 20.49
C GLU H 172 -24.80 -8.98 20.95
N ARG H 173 -25.03 -8.86 22.26
CA ARG H 173 -26.38 -8.89 22.81
C ARG H 173 -26.76 -7.55 23.41
N ILE H 174 -28.06 -7.23 23.37
CA ILE H 174 -28.56 -6.02 24.00
C ILE H 174 -29.17 -6.36 25.34
N GLY H 175 -28.68 -5.72 26.40
CA GLY H 175 -29.15 -6.04 27.73
C GLY H 175 -28.27 -7.10 28.38
N SER H 176 -28.87 -7.92 29.24
CA SER H 176 -28.12 -8.87 30.04
C SER H 176 -27.35 -9.88 29.18
N CYS H 177 -26.15 -10.27 29.66
CA CYS H 177 -25.24 -11.20 28.97
C CYS H 177 -25.85 -12.59 28.73
N SER H 178 -26.81 -12.99 29.56
CA SER H 178 -27.41 -14.31 29.41
C SER H 178 -28.81 -14.31 28.81
N ARG H 179 -29.49 -13.15 28.83
CA ARG H 179 -30.87 -13.10 28.34
C ARG H 179 -31.13 -12.08 27.23
N GLY H 180 -30.15 -11.23 26.95
CA GLY H 180 -30.37 -10.16 25.97
C GLY H 180 -30.58 -10.72 24.58
N VAL H 181 -31.40 -10.01 23.80
CA VAL H 181 -31.67 -10.37 22.43
C VAL H 181 -30.42 -10.14 21.60
N SER H 182 -30.13 -11.01 20.65
CA SER H 182 -28.95 -10.78 19.85
C SER H 182 -29.16 -9.58 18.95
N LYS H 183 -28.12 -8.77 18.81
CA LYS H 183 -28.10 -7.64 17.91
C LYS H 183 -27.48 -8.06 16.61
N GLN H 184 -26.31 -8.69 16.72
CA GLN H 184 -25.60 -9.16 15.55
C GLN H 184 -24.54 -10.18 15.94
N ARG H 185 -24.16 -11.00 14.98
CA ARG H 185 -23.03 -11.89 15.19
C ARG H 185 -21.99 -11.58 14.16
N ILE H 186 -20.79 -11.29 14.61
CA ILE H 186 -19.72 -10.91 13.72
C ILE H 186 -18.73 -12.02 13.55
N ILE H 187 -18.61 -12.52 12.34
CA ILE H 187 -17.65 -13.57 12.03
C ILE H 187 -16.70 -13.08 10.97
N GLY H 188 -15.41 -13.13 11.23
CA GLY H 188 -14.51 -12.67 10.19
C GLY H 188 -13.11 -13.18 10.36
N VAL H 189 -12.30 -12.84 9.39
CA VAL H 189 -10.92 -13.27 9.34
C VAL H 189 -9.99 -12.11 9.09
N GLY H 190 -8.72 -12.35 9.31
CA GLY H 190 -7.71 -11.34 9.06
C GLY H 190 -6.30 -11.89 9.17
N GLU H 191 -5.36 -10.99 9.35
CA GLU H 191 -3.95 -11.32 9.39
C GLU H 191 -3.36 -11.02 10.75
N VAL H 192 -2.33 -11.77 11.13
CA VAL H 192 -1.59 -11.46 12.34
C VAL H 192 -0.38 -10.64 11.94
N LEU H 193 -0.40 -9.37 12.29
CA LEU H 193 0.63 -8.44 11.81
C LEU H 193 1.62 -8.05 12.89
N ASP H 194 2.80 -7.68 12.44
CA ASP H 194 3.84 -7.15 13.30
C ASP H 194 3.75 -5.63 13.39
N ARG H 195 3.40 -5.11 14.55
CA ARG H 195 3.34 -3.66 14.72
C ARG H 195 4.76 -3.18 15.05
N GLY H 196 4.98 -1.87 14.97
CA GLY H 196 6.33 -1.30 15.14
C GLY H 196 6.96 -1.54 16.50
N ASP H 197 6.19 -2.05 17.45
CA ASP H 197 6.67 -2.32 18.79
C ASP H 197 7.15 -3.77 18.96
N GLU H 198 7.19 -4.50 17.85
CA GLU H 198 7.55 -5.91 17.85
C GLU H 198 6.60 -6.70 18.75
N VAL H 199 5.33 -6.45 18.54
CA VAL H 199 4.22 -7.08 19.21
C VAL H 199 3.26 -7.49 18.10
N PRO H 200 2.59 -8.63 18.18
CA PRO H 200 1.55 -9.05 17.28
C PRO H 200 0.29 -8.21 17.41
N SER H 201 -0.45 -8.10 16.33
CA SER H 201 -1.71 -7.38 16.35
C SER H 201 -2.68 -7.99 15.35
N LEU H 202 -3.96 -8.01 15.69
CA LEU H 202 -4.93 -8.65 14.80
C LEU H 202 -5.71 -7.64 13.94
N PHE H 203 -5.49 -7.74 12.63
CA PHE H 203 -6.10 -6.85 11.63
C PHE H 203 -7.13 -7.60 10.79
N MET H 204 -8.41 -7.22 10.87
CA MET H 204 -9.45 -7.94 10.14
C MET H 204 -9.53 -7.48 8.69
N THR H 205 -9.74 -8.42 7.77
CA THR H 205 -9.86 -8.12 6.35
C THR H 205 -11.21 -8.50 5.74
N ASN H 206 -11.93 -9.43 6.38
CA ASN H 206 -13.17 -9.93 5.77
C ASN H 206 -14.22 -10.29 6.82
N VAL H 207 -15.30 -9.52 6.88
CA VAL H 207 -16.33 -9.73 7.89
C VAL H 207 -17.69 -10.08 7.32
N TRP H 208 -18.23 -11.19 7.80
CA TRP H 208 -19.52 -11.75 7.44
C TRP H 208 -20.50 -11.68 8.61
N THR H 209 -21.77 -11.44 8.29
CA THR H 209 -22.80 -11.51 9.32
C THR H 209 -23.96 -12.36 8.82
N PRO H 210 -24.65 -13.10 9.70
CA PRO H 210 -25.84 -13.87 9.40
C PRO H 210 -27.03 -12.95 9.26
N PRO H 211 -28.08 -13.37 8.55
CA PRO H 211 -29.37 -12.73 8.42
C PRO H 211 -30.18 -12.79 9.71
N ASN H 212 -29.82 -13.71 10.60
CA ASN H 212 -30.54 -13.88 11.85
C ASN H 212 -29.58 -14.31 12.96
N PRO H 213 -29.08 -13.37 13.75
CA PRO H 213 -28.14 -13.55 14.85
C PRO H 213 -28.67 -14.45 15.96
N ASN H 214 -29.98 -14.67 16.02
CA ASN H 214 -30.53 -15.48 17.10
C ASN H 214 -30.67 -16.95 16.73
N THR H 215 -30.17 -17.33 15.55
CA THR H 215 -30.24 -18.74 15.13
C THR H 215 -28.86 -19.36 14.92
N VAL H 216 -27.79 -18.62 15.24
CA VAL H 216 -26.45 -19.13 14.99
C VAL H 216 -25.74 -19.50 16.28
N TYR H 217 -25.40 -20.78 16.42
CA TYR H 217 -24.77 -21.28 17.64
C TYR H 217 -23.53 -22.14 17.45
N HIS H 218 -22.64 -22.08 18.43
CA HIS H 218 -21.51 -22.99 18.55
C HIS H 218 -20.67 -23.14 17.28
N CYS H 219 -20.13 -22.03 16.78
CA CYS H 219 -19.30 -22.00 15.58
C CYS H 219 -17.88 -22.46 15.89
N SER H 220 -17.27 -23.15 14.92
CA SER H 220 -15.88 -23.61 14.99
C SER H 220 -15.19 -23.27 13.68
N ALA H 221 -13.86 -23.20 13.66
CA ALA H 221 -13.24 -22.82 12.39
C ALA H 221 -11.92 -23.54 12.09
N VAL H 222 -11.70 -23.80 10.80
CA VAL H 222 -10.46 -24.39 10.29
C VAL H 222 -9.89 -23.62 9.11
N TYR H 223 -8.61 -23.27 9.18
CA TYR H 223 -7.95 -22.60 8.07
C TYR H 223 -7.44 -23.61 7.05
N ASN H 224 -7.68 -23.33 5.77
CA ASN H 224 -7.18 -24.19 4.70
C ASN H 224 -7.07 -23.47 3.36
N ASN H 225 -5.86 -23.44 2.78
CA ASN H 225 -5.62 -22.89 1.45
C ASN H 225 -6.16 -21.48 1.19
N GLU H 226 -5.84 -20.56 2.10
CA GLU H 226 -6.23 -19.14 2.02
C GLU H 226 -7.72 -18.90 2.20
N PHE H 227 -8.41 -19.87 2.79
CA PHE H 227 -9.79 -19.70 3.20
C PHE H 227 -9.92 -20.14 4.63
N TYR H 228 -10.91 -19.61 5.33
CA TYR H 228 -11.10 -20.00 6.70
C TYR H 228 -12.54 -20.45 6.83
N TYR H 229 -12.72 -21.77 7.03
CA TYR H 229 -14.01 -22.37 7.01
C TYR H 229 -14.63 -22.34 8.40
N VAL H 230 -15.79 -21.71 8.50
CA VAL H 230 -16.45 -21.62 9.81
C VAL H 230 -17.71 -22.45 9.80
N LEU H 231 -17.75 -23.46 10.65
CA LEU H 231 -18.88 -24.38 10.69
C LEU H 231 -19.76 -24.07 11.89
N CYS H 232 -21.02 -23.67 11.65
CA CYS H 232 -21.96 -23.25 12.69
C CYS H 232 -23.19 -24.15 12.72
N ALA H 233 -23.79 -24.26 13.89
CA ALA H 233 -25.05 -24.99 14.00
C ALA H 233 -26.19 -24.04 13.71
N VAL H 234 -27.22 -24.53 13.05
CA VAL H 234 -28.39 -23.70 12.81
C VAL H 234 -29.50 -24.14 13.72
N SER H 235 -30.09 -23.21 14.45
CA SER H 235 -31.15 -23.60 15.37
C SER H 235 -32.23 -22.55 15.51
N THR H 236 -33.46 -23.01 15.62
CA THR H 236 -34.60 -22.14 15.82
C THR H 236 -35.17 -22.28 17.22
N VAL H 237 -34.48 -23.04 18.06
CA VAL H 237 -34.95 -23.31 19.42
C VAL H 237 -33.94 -22.84 20.47
N GLY H 238 -33.02 -21.99 20.06
CA GLY H 238 -32.00 -21.50 20.96
C GLY H 238 -30.84 -22.48 21.05
N ASP H 239 -30.09 -22.43 22.14
CA ASP H 239 -28.90 -23.24 22.30
C ASP H 239 -29.26 -24.73 22.24
N PRO H 240 -28.75 -25.49 21.24
CA PRO H 240 -28.98 -26.91 21.02
C PRO H 240 -28.59 -27.80 22.20
N ILE H 241 -27.70 -27.31 23.07
CA ILE H 241 -27.29 -28.09 24.23
C ILE H 241 -28.40 -28.09 25.27
N LEU H 242 -28.98 -26.92 25.48
CA LEU H 242 -30.06 -26.77 26.45
C LEU H 242 -31.40 -27.30 25.92
N ASN H 243 -31.65 -27.19 24.59
CA ASN H 243 -32.87 -27.67 23.93
C ASN H 243 -32.51 -28.66 22.82
N SER H 244 -32.15 -29.89 23.23
CA SER H 244 -31.65 -30.95 22.35
C SER H 244 -32.76 -31.71 21.63
N THR H 245 -33.96 -31.70 22.22
CA THR H 245 -35.07 -32.49 21.69
C THR H 245 -35.86 -31.78 20.59
N TYR H 246 -35.74 -30.46 20.50
CA TYR H 246 -36.44 -29.73 19.46
C TYR H 246 -35.50 -29.11 18.43
N TRP H 247 -34.22 -29.44 18.53
CA TRP H 247 -33.23 -28.94 17.58
C TRP H 247 -33.36 -29.68 16.24
N SER H 248 -33.41 -28.93 15.14
CA SER H 248 -33.56 -29.51 13.81
C SER H 248 -32.36 -30.35 13.35
N GLY H 249 -31.16 -30.03 13.83
CA GLY H 249 -29.98 -30.83 13.52
C GLY H 249 -29.19 -30.43 12.27
N SER H 250 -29.57 -29.34 11.59
CA SER H 250 -28.85 -28.95 10.38
C SER H 250 -27.66 -28.06 10.68
N LEU H 251 -26.66 -28.09 9.80
CA LEU H 251 -25.47 -27.26 9.94
C LEU H 251 -25.29 -26.34 8.74
N MET H 252 -24.55 -25.26 8.93
CA MET H 252 -24.18 -24.40 7.80
C MET H 252 -22.70 -24.09 7.84
N MET H 253 -22.08 -24.02 6.68
CA MET H 253 -20.68 -23.64 6.64
C MET H 253 -20.48 -22.33 5.92
N THR H 254 -19.71 -21.44 6.54
CA THR H 254 -19.37 -20.16 5.94
C THR H 254 -17.91 -20.18 5.51
N ARG H 255 -17.69 -20.05 4.23
CA ARG H 255 -16.35 -20.10 3.66
C ARG H 255 -15.85 -18.68 3.40
N LEU H 256 -14.87 -18.22 4.17
CA LEU H 256 -14.38 -16.85 3.98
C LEU H 256 -12.98 -16.80 3.42
N ALA H 257 -12.73 -15.88 2.50
CA ALA H 257 -11.38 -15.67 1.99
C ALA H 257 -10.59 -14.90 3.05
N VAL H 258 -9.30 -15.19 3.16
CA VAL H 258 -8.48 -14.41 4.10
C VAL H 258 -7.77 -13.29 3.36
N LYS H 259 -7.90 -13.30 2.04
CA LYS H 259 -7.37 -12.27 1.17
C LYS H 259 -8.41 -11.87 0.13
N PRO H 260 -9.45 -11.12 0.50
CA PRO H 260 -10.61 -10.79 -0.29
C PRO H 260 -10.29 -9.86 -1.45
N LYS H 261 -11.10 -9.92 -2.49
CA LYS H 261 -10.99 -9.03 -3.64
C LYS H 261 -12.12 -8.01 -3.62
N SER H 262 -11.88 -6.84 -4.20
CA SER H 262 -12.89 -5.78 -4.17
C SER H 262 -14.18 -6.13 -4.90
N ASN H 263 -14.10 -7.00 -5.89
CA ASN H 263 -15.28 -7.43 -6.62
C ASN H 263 -15.52 -8.92 -6.44
N GLY H 264 -15.01 -9.48 -5.35
CA GLY H 264 -15.11 -10.92 -5.10
C GLY H 264 -16.47 -11.35 -4.57
N GLY H 265 -17.52 -11.04 -5.30
CA GLY H 265 -18.89 -11.31 -4.84
C GLY H 265 -19.12 -12.79 -4.54
N GLY H 266 -18.49 -13.67 -5.31
CA GLY H 266 -18.62 -15.11 -5.11
C GLY H 266 -17.33 -15.73 -4.56
N TYR H 267 -16.41 -14.88 -4.12
CA TYR H 267 -15.10 -15.33 -3.65
C TYR H 267 -14.85 -15.01 -2.19
N ASN H 268 -15.17 -13.79 -1.79
CA ASN H 268 -14.86 -13.32 -0.46
C ASN H 268 -15.62 -14.10 0.59
N GLN H 269 -16.84 -14.51 0.24
CA GLN H 269 -17.67 -15.24 1.17
C GLN H 269 -18.66 -16.12 0.41
N HIS H 270 -18.90 -17.30 0.95
CA HIS H 270 -19.88 -18.24 0.39
C HIS H 270 -20.48 -19.13 1.46
N GLN H 271 -21.77 -19.37 1.39
CA GLN H 271 -22.42 -20.20 2.40
C GLN H 271 -22.98 -21.49 1.83
N LEU H 272 -22.69 -22.60 2.53
CA LEU H 272 -23.20 -23.91 2.16
C LEU H 272 -24.16 -24.46 3.21
N ALA H 273 -25.26 -25.05 2.77
CA ALA H 273 -26.17 -25.74 3.69
C ALA H 273 -25.75 -27.19 3.78
N LEU H 274 -25.68 -27.73 4.98
CA LEU H 274 -25.23 -29.10 5.12
C LEU H 274 -26.25 -30.05 5.73
N ARG H 275 -26.65 -31.02 4.91
CA ARG H 275 -27.57 -32.08 5.28
C ARG H 275 -26.88 -33.44 5.14
N SER H 276 -25.80 -33.48 4.36
CA SER H 276 -25.10 -34.73 4.09
C SER H 276 -24.18 -35.06 5.25
N ILE H 277 -24.80 -35.40 6.39
CA ILE H 277 -24.08 -35.66 7.62
C ILE H 277 -24.16 -37.12 8.01
N GLU H 278 -23.00 -37.74 8.18
CA GLU H 278 -22.93 -39.13 8.59
C GLU H 278 -22.80 -39.18 10.09
N LYS H 279 -23.90 -39.48 10.75
CA LYS H 279 -23.97 -39.41 12.19
C LYS H 279 -23.62 -40.75 12.82
N GLY H 280 -23.66 -41.81 12.04
CA GLY H 280 -23.43 -43.12 12.59
C GLY H 280 -24.52 -43.44 13.60
N ARG H 281 -24.10 -43.74 14.83
CA ARG H 281 -25.01 -44.08 15.91
C ARG H 281 -25.74 -42.88 16.51
N TYR H 282 -25.29 -41.67 16.19
CA TYR H 282 -25.81 -40.48 16.85
C TYR H 282 -27.08 -39.96 16.21
N ASP H 283 -27.96 -39.39 17.05
CA ASP H 283 -29.20 -38.83 16.56
C ASP H 283 -28.96 -37.46 15.96
N LYS H 284 -28.13 -36.66 16.63
CA LYS H 284 -27.83 -35.33 16.14
C LYS H 284 -26.34 -35.02 16.29
N VAL H 285 -25.80 -34.23 15.39
CA VAL H 285 -24.39 -33.86 15.45
C VAL H 285 -24.19 -32.36 15.34
N MET H 286 -23.38 -31.79 16.24
CA MET H 286 -23.16 -30.35 16.26
C MET H 286 -21.67 -30.01 16.40
N PRO H 287 -21.15 -28.94 15.75
CA PRO H 287 -19.83 -28.37 15.96
C PRO H 287 -19.79 -27.80 17.36
N TYR H 288 -18.66 -27.93 18.05
CA TYR H 288 -18.60 -27.49 19.42
C TYR H 288 -17.18 -27.19 19.88
N GLY H 289 -16.67 -26.01 19.54
CA GLY H 289 -15.31 -25.63 19.93
C GLY H 289 -14.73 -24.56 18.99
N PRO H 290 -13.87 -23.66 19.48
CA PRO H 290 -13.34 -22.51 18.78
C PRO H 290 -12.45 -22.80 17.57
N SER H 291 -11.83 -23.96 17.48
CA SER H 291 -10.98 -24.19 16.31
C SER H 291 -10.69 -25.64 16.03
N GLY H 292 -10.27 -25.90 14.79
CA GLY H 292 -9.87 -27.22 14.38
C GLY H 292 -8.55 -27.23 13.61
N ILE H 293 -8.31 -28.32 12.89
CA ILE H 293 -7.07 -28.53 12.14
C ILE H 293 -7.33 -28.90 10.69
N LYS H 294 -6.29 -28.79 9.89
CA LYS H 294 -6.36 -29.26 8.51
C LYS H 294 -5.39 -30.42 8.34
N GLN H 295 -5.78 -31.35 7.48
CA GLN H 295 -4.92 -32.45 7.05
C GLN H 295 -5.03 -32.58 5.55
N GLY H 296 -4.10 -32.01 4.81
CA GLY H 296 -4.27 -31.98 3.36
C GLY H 296 -5.49 -31.11 3.03
N ASP H 297 -6.46 -31.72 2.34
CA ASP H 297 -7.68 -31.03 1.94
C ASP H 297 -8.86 -31.41 2.85
N THR H 298 -8.55 -31.96 4.01
CA THR H 298 -9.57 -32.36 4.96
C THR H 298 -9.61 -31.46 6.20
N LEU H 299 -10.80 -31.00 6.54
CA LEU H 299 -11.00 -30.13 7.69
C LEU H 299 -11.57 -30.89 8.88
N TYR H 300 -10.91 -30.83 10.03
CA TYR H 300 -11.44 -31.47 11.22
C TYR H 300 -11.87 -30.45 12.26
N PHE H 301 -13.16 -30.41 12.55
CA PHE H 301 -13.70 -29.43 13.50
C PHE H 301 -14.03 -30.15 14.80
N PRO H 302 -13.92 -29.50 15.96
CA PRO H 302 -14.34 -30.01 17.25
C PRO H 302 -15.85 -30.16 17.25
N ALA H 303 -16.36 -31.22 17.86
CA ALA H 303 -17.81 -31.46 17.85
C ALA H 303 -18.31 -32.37 18.95
N VAL H 304 -19.63 -32.40 19.08
CA VAL H 304 -20.32 -33.27 20.01
C VAL H 304 -21.46 -34.01 19.33
N GLY H 305 -21.59 -35.31 19.63
CA GLY H 305 -22.71 -36.09 19.16
C GLY H 305 -23.76 -36.22 20.25
N PHE H 306 -25.03 -36.23 19.86
CA PHE H 306 -26.15 -36.38 20.79
C PHE H 306 -26.71 -37.79 20.69
N LEU H 307 -26.47 -38.58 21.73
CA LEU H 307 -26.86 -39.98 21.73
C LEU H 307 -27.95 -40.26 22.75
N VAL H 308 -29.04 -40.85 22.31
CA VAL H 308 -30.12 -41.12 23.25
C VAL H 308 -29.59 -42.05 24.33
N ARG H 309 -29.94 -41.79 25.58
CA ARG H 309 -29.40 -42.57 26.70
C ARG H 309 -29.55 -44.08 26.53
N THR H 310 -30.65 -44.52 25.93
CA THR H 310 -30.92 -45.95 25.80
C THR H 310 -30.02 -46.62 24.78
N GLU H 311 -29.29 -45.81 24.02
CA GLU H 311 -28.37 -46.27 22.99
C GLU H 311 -26.92 -46.18 23.48
N PHE H 312 -26.75 -45.74 24.72
CA PHE H 312 -25.44 -45.53 25.30
C PHE H 312 -25.02 -46.68 26.19
N LYS H 313 -23.79 -47.13 26.03
CA LYS H 313 -23.31 -48.23 26.85
C LYS H 313 -22.12 -47.80 27.68
N TYR H 314 -22.16 -48.15 28.96
CA TYR H 314 -21.10 -47.87 29.91
C TYR H 314 -21.12 -48.92 31.01
N ASN H 315 -19.92 -49.42 31.38
CA ASN H 315 -19.78 -50.37 32.50
C ASN H 315 -19.46 -49.63 33.78
N ASP H 316 -20.34 -49.75 34.77
CA ASP H 316 -20.28 -49.03 36.05
C ASP H 316 -19.04 -49.39 36.85
N SER H 317 -18.44 -50.54 36.55
CA SER H 317 -17.24 -50.97 37.26
C SER H 317 -16.04 -50.09 36.89
N ASN H 318 -16.18 -49.30 35.84
CA ASN H 318 -15.12 -48.39 35.41
C ASN H 318 -15.26 -46.96 35.99
N CYS H 319 -16.22 -46.74 36.91
CA CYS H 319 -16.46 -45.47 37.59
C CYS H 319 -15.62 -45.45 38.87
N PRO H 320 -14.69 -44.50 39.04
CA PRO H 320 -13.68 -44.45 40.07
C PRO H 320 -14.18 -44.09 41.47
N ILE H 321 -14.88 -45.06 42.07
CA ILE H 321 -15.45 -44.98 43.39
C ILE H 321 -14.45 -45.47 44.42
N THR H 322 -13.46 -46.22 43.95
CA THR H 322 -12.50 -46.87 44.80
C THR H 322 -11.76 -45.92 45.73
N LYS H 323 -11.53 -44.68 45.30
CA LYS H 323 -10.84 -43.73 46.15
C LYS H 323 -11.70 -42.57 46.68
N CYS H 324 -13.06 -42.72 46.75
CA CYS H 324 -13.93 -41.65 47.22
C CYS H 324 -15.18 -42.22 47.90
N GLN H 325 -15.32 -41.98 49.19
CA GLN H 325 -16.36 -42.62 50.02
C GLN H 325 -17.77 -42.10 49.78
N TYR H 326 -17.93 -41.01 49.05
CA TYR H 326 -19.28 -40.50 48.82
C TYR H 326 -19.75 -40.71 47.39
N SER H 327 -18.92 -41.31 46.56
CA SER H 327 -19.26 -41.44 45.15
C SER H 327 -20.12 -42.66 44.88
N LYS H 328 -21.00 -42.55 43.90
CA LYS H 328 -21.85 -43.66 43.52
C LYS H 328 -21.37 -44.13 42.14
N PRO H 329 -21.29 -45.43 41.87
CA PRO H 329 -20.78 -46.03 40.64
C PRO H 329 -21.67 -45.73 39.43
N GLU H 330 -22.89 -45.28 39.70
CA GLU H 330 -23.87 -45.02 38.69
C GLU H 330 -23.73 -43.58 38.17
N ASN H 331 -23.11 -42.71 38.98
CA ASN H 331 -23.03 -41.29 38.65
C ASN H 331 -22.29 -40.98 37.34
N CYS H 332 -21.32 -41.82 36.96
CA CYS H 332 -20.51 -41.64 35.75
C CYS H 332 -21.34 -41.74 34.48
N ARG H 333 -22.50 -42.40 34.55
CA ARG H 333 -23.39 -42.44 33.39
C ARG H 333 -24.38 -41.28 33.43
N LEU H 334 -24.92 -41.00 34.61
CA LEU H 334 -25.91 -39.93 34.71
C LEU H 334 -25.32 -38.59 34.32
N SER H 335 -24.06 -38.40 34.67
CA SER H 335 -23.38 -37.15 34.46
C SER H 335 -22.85 -37.00 33.04
N MET H 336 -23.21 -37.92 32.14
CA MET H 336 -22.83 -37.80 30.75
C MET H 336 -23.77 -36.85 30.01
N GLY H 337 -24.87 -36.49 30.65
CA GLY H 337 -25.83 -35.55 30.10
C GLY H 337 -25.76 -34.26 30.90
N ILE H 338 -26.67 -33.33 30.68
CA ILE H 338 -26.60 -32.07 31.43
C ILE H 338 -27.58 -32.10 32.60
N ARG H 339 -28.13 -33.29 32.84
CA ARG H 339 -29.03 -33.60 33.93
C ARG H 339 -29.34 -35.10 33.90
N PRO H 340 -29.60 -35.75 35.06
CA PRO H 340 -29.88 -37.16 35.22
C PRO H 340 -30.96 -37.72 34.31
N ASN H 341 -31.93 -36.88 33.95
CA ASN H 341 -33.03 -37.33 33.11
C ASN H 341 -33.03 -36.68 31.73
N SER H 342 -31.86 -36.26 31.25
CA SER H 342 -31.77 -35.70 29.92
C SER H 342 -32.03 -36.80 28.92
N HIS H 343 -32.51 -36.44 27.73
CA HIS H 343 -32.77 -37.46 26.72
C HIS H 343 -31.48 -37.94 26.08
N TYR H 344 -30.56 -37.00 25.82
CA TYR H 344 -29.34 -37.35 25.13
C TYR H 344 -28.09 -37.15 25.99
N ILE H 345 -27.12 -38.00 25.72
CA ILE H 345 -25.76 -37.90 26.18
C ILE H 345 -24.87 -37.17 25.20
N LEU H 346 -23.99 -36.33 25.74
CA LEU H 346 -23.08 -35.55 24.92
C LEU H 346 -21.72 -36.21 24.82
N ARG H 347 -21.41 -36.75 23.67
CA ARG H 347 -20.13 -37.43 23.45
C ARG H 347 -19.23 -36.60 22.54
N SER H 348 -17.99 -36.38 22.95
CA SER H 348 -17.08 -35.58 22.13
C SER H 348 -16.66 -36.31 20.86
N GLY H 349 -16.20 -35.54 19.88
CA GLY H 349 -15.72 -36.06 18.61
C GLY H 349 -15.33 -34.93 17.66
N LEU H 350 -15.09 -35.29 16.41
CA LEU H 350 -14.68 -34.36 15.36
C LEU H 350 -15.59 -34.45 14.14
N LEU H 351 -15.68 -33.37 13.38
CA LEU H 351 -16.39 -33.42 12.10
C LEU H 351 -15.41 -33.33 10.97
N LYS H 352 -15.36 -34.38 10.17
CA LYS H 352 -14.45 -34.45 9.05
C LYS H 352 -15.11 -34.01 7.76
N TYR H 353 -14.69 -32.88 7.22
CA TYR H 353 -15.25 -32.37 5.98
C TYR H 353 -14.19 -32.41 4.88
N ASN H 354 -14.49 -33.11 3.78
CA ASN H 354 -13.58 -33.30 2.65
C ASN H 354 -13.80 -32.23 1.58
N LEU H 355 -12.78 -31.42 1.28
CA LEU H 355 -12.85 -30.36 0.28
C LEU H 355 -12.73 -30.85 -1.18
N SER H 356 -12.41 -32.14 -1.39
CA SER H 356 -12.31 -32.78 -2.71
C SER H 356 -13.38 -33.85 -2.81
N PRO H 361 -17.38 -33.76 -0.06
CA PRO H 361 -18.06 -32.59 0.49
C PRO H 361 -19.29 -32.90 1.38
N LYS H 362 -19.12 -33.85 2.30
CA LYS H 362 -20.09 -34.26 3.31
C LYS H 362 -19.40 -34.26 4.67
N VAL H 363 -20.18 -34.23 5.73
CA VAL H 363 -19.62 -34.20 7.08
C VAL H 363 -19.68 -35.53 7.83
N VAL H 364 -18.53 -36.02 8.24
CA VAL H 364 -18.48 -37.31 8.93
C VAL H 364 -18.19 -37.13 10.42
N PHE H 365 -19.06 -37.65 11.27
CA PHE H 365 -18.82 -37.53 12.70
C PHE H 365 -17.91 -38.64 13.20
N ILE H 366 -16.83 -38.23 13.84
CA ILE H 366 -15.86 -39.15 14.38
C ILE H 366 -15.89 -39.07 15.89
N GLU H 367 -16.33 -40.13 16.53
CA GLU H 367 -16.43 -40.11 17.98
C GLU H 367 -15.07 -40.23 18.62
N ILE H 368 -14.97 -39.71 19.84
CA ILE H 368 -13.78 -39.89 20.67
C ILE H 368 -13.90 -41.20 21.43
N SER H 369 -12.79 -41.89 21.58
CA SER H 369 -12.75 -43.14 22.33
C SER H 369 -13.06 -42.88 23.79
N ASP H 370 -13.32 -43.94 24.54
CA ASP H 370 -13.77 -43.82 25.91
C ASP H 370 -12.67 -43.85 26.97
N GLN H 371 -11.42 -43.65 26.57
CA GLN H 371 -10.39 -43.55 27.59
C GLN H 371 -10.67 -42.28 28.36
N ARG H 372 -10.80 -42.41 29.68
CA ARG H 372 -11.10 -41.25 30.51
C ARG H 372 -12.34 -40.52 29.97
N LEU H 373 -13.39 -41.29 29.69
CA LEU H 373 -14.64 -40.78 29.14
C LEU H 373 -15.32 -39.77 30.06
N SER H 374 -15.75 -38.65 29.48
CA SER H 374 -16.46 -37.63 30.21
C SER H 374 -17.45 -36.91 29.30
N ILE H 375 -18.23 -36.01 29.88
CA ILE H 375 -19.26 -35.28 29.15
C ILE H 375 -18.68 -34.38 28.08
N GLY H 376 -19.32 -34.35 26.93
CA GLY H 376 -18.92 -33.48 25.84
C GLY H 376 -19.14 -32.02 26.20
N SER H 377 -18.06 -31.27 26.11
CA SER H 377 -17.99 -29.86 26.40
C SER H 377 -17.14 -29.32 25.27
N PRO H 378 -17.06 -28.01 25.04
CA PRO H 378 -16.36 -27.44 23.91
C PRO H 378 -14.94 -27.99 23.88
N SER H 379 -14.54 -28.41 22.70
CA SER H 379 -13.23 -29.02 22.46
C SER H 379 -12.39 -28.17 21.56
N LYS H 380 -11.12 -28.47 21.48
CA LYS H 380 -10.28 -27.79 20.53
C LYS H 380 -9.23 -28.73 20.00
N ILE H 381 -9.06 -28.75 18.70
CA ILE H 381 -7.98 -29.55 18.18
C ILE H 381 -7.08 -28.59 17.42
N TYR H 382 -5.81 -28.61 17.72
CA TYR H 382 -4.90 -27.70 17.06
C TYR H 382 -3.61 -28.37 16.65
N ASP H 383 -2.99 -27.84 15.62
CA ASP H 383 -1.75 -28.35 15.08
C ASP H 383 -0.56 -27.65 15.71
N SER H 384 0.22 -28.39 16.50
CA SER H 384 1.34 -27.78 17.22
C SER H 384 2.61 -28.59 17.17
N LEU H 385 3.68 -27.98 16.65
CA LEU H 385 4.99 -28.60 16.64
C LEU H 385 5.04 -29.95 15.93
N GLY H 386 4.30 -30.08 14.83
CA GLY H 386 4.33 -31.29 14.02
C GLY H 386 3.19 -32.28 14.25
N GLN H 387 2.41 -32.12 15.31
CA GLN H 387 1.32 -33.06 15.55
C GLN H 387 0.10 -32.40 16.20
N PRO H 388 -1.13 -32.79 15.81
CA PRO H 388 -2.37 -32.39 16.45
C PRO H 388 -2.40 -32.72 17.94
N VAL H 389 -2.91 -31.77 18.70
CA VAL H 389 -3.10 -31.86 20.14
C VAL H 389 -4.56 -31.60 20.43
N PHE H 390 -5.15 -32.42 21.30
CA PHE H 390 -6.57 -32.26 21.57
C PHE H 390 -6.83 -31.80 22.98
N TYR H 391 -7.69 -30.81 23.11
CA TYR H 391 -8.13 -30.28 24.39
C TYR H 391 -9.63 -30.47 24.55
N GLN H 392 -10.08 -30.90 25.71
CA GLN H 392 -11.51 -31.01 25.93
C GLN H 392 -11.87 -30.41 27.28
N ALA H 393 -12.79 -29.47 27.28
CA ALA H 393 -13.16 -28.82 28.53
C ALA H 393 -13.87 -29.79 29.44
N SER H 394 -13.78 -29.54 30.73
CA SER H 394 -14.47 -30.39 31.68
C SER H 394 -15.52 -29.61 32.44
N PHE H 395 -16.76 -30.00 32.25
CA PHE H 395 -17.91 -29.39 32.91
C PHE H 395 -18.56 -30.34 33.91
N SER H 396 -17.85 -31.41 34.21
CA SER H 396 -18.38 -32.44 35.08
C SER H 396 -17.47 -32.67 36.29
N TRP H 397 -17.59 -33.85 36.88
CA TRP H 397 -16.91 -34.21 38.11
C TRP H 397 -15.39 -34.29 38.02
N ASP H 398 -14.83 -34.55 36.85
CA ASP H 398 -13.38 -34.58 36.71
C ASP H 398 -12.94 -33.19 36.35
N THR H 399 -12.42 -32.45 37.32
CA THR H 399 -12.16 -31.04 37.09
C THR H 399 -10.74 -30.76 36.63
N MET H 400 -9.92 -31.79 36.50
CA MET H 400 -8.52 -31.58 36.11
C MET H 400 -8.45 -31.18 34.66
N ILE H 401 -7.49 -30.35 34.28
CA ILE H 401 -7.41 -29.97 32.87
C ILE H 401 -7.19 -31.25 32.08
N LYS H 402 -7.96 -31.41 31.02
CA LYS H 402 -7.94 -32.63 30.23
C LYS H 402 -7.60 -32.41 28.76
N PHE H 403 -6.35 -32.67 28.42
CA PHE H 403 -5.85 -32.51 27.06
C PHE H 403 -4.70 -33.46 26.84
N GLY H 404 -4.35 -33.68 25.58
CA GLY H 404 -3.20 -34.52 25.29
C GLY H 404 -2.91 -34.74 23.83
N ASP H 405 -1.87 -35.51 23.59
CA ASP H 405 -1.36 -35.86 22.27
C ASP H 405 -2.38 -36.68 21.47
N VAL H 406 -2.62 -36.34 20.22
CA VAL H 406 -3.55 -37.14 19.43
C VAL H 406 -2.84 -38.33 18.82
N LEU H 407 -3.21 -39.53 19.25
CA LEU H 407 -2.53 -40.74 18.79
C LEU H 407 -3.07 -41.10 17.43
N THR H 408 -4.34 -40.81 17.25
CA THR H 408 -5.01 -41.00 15.97
C THR H 408 -6.24 -40.10 15.91
N VAL H 409 -6.59 -39.67 14.70
CA VAL H 409 -7.70 -38.76 14.51
C VAL H 409 -9.03 -39.49 14.28
N ASN H 410 -8.98 -40.62 13.59
CA ASN H 410 -10.20 -41.35 13.22
C ASN H 410 -10.01 -42.85 13.41
N PRO H 411 -10.48 -43.40 14.53
CA PRO H 411 -11.26 -42.82 15.62
C PRO H 411 -10.38 -41.87 16.39
N LEU H 412 -10.97 -40.98 17.19
CA LEU H 412 -10.11 -40.06 17.91
C LEU H 412 -9.65 -40.65 19.23
N VAL H 413 -8.34 -40.76 19.36
CA VAL H 413 -7.74 -41.30 20.57
C VAL H 413 -6.72 -40.32 21.10
N VAL H 414 -6.88 -39.90 22.34
CA VAL H 414 -6.01 -38.90 22.94
C VAL H 414 -5.27 -39.44 24.15
N ASN H 415 -3.97 -39.26 24.15
CA ASN H 415 -3.14 -39.71 25.25
C ASN H 415 -3.17 -38.64 26.31
N TRP H 416 -4.26 -38.61 27.06
CA TRP H 416 -4.51 -37.53 27.99
C TRP H 416 -3.36 -37.39 28.96
N ARG H 417 -2.90 -36.16 29.16
CA ARG H 417 -1.82 -35.88 30.07
C ARG H 417 -2.28 -36.03 31.51
N ASN H 418 -1.45 -36.61 32.39
CA ASN H 418 -1.78 -36.75 33.79
C ASN H 418 -1.39 -35.48 34.57
N ASN H 419 -2.15 -34.42 34.30
CA ASN H 419 -1.96 -33.08 34.87
C ASN H 419 -2.65 -32.95 36.22
N THR H 420 -1.88 -32.58 37.23
CA THR H 420 -2.39 -32.47 38.59
C THR H 420 -2.24 -31.08 39.20
N VAL H 421 -1.83 -30.08 38.40
CA VAL H 421 -1.65 -28.74 38.94
C VAL H 421 -2.58 -27.71 38.30
N ILE H 422 -3.12 -28.03 37.13
CA ILE H 422 -4.06 -27.13 36.47
C ILE H 422 -5.45 -27.74 36.53
N SER H 423 -6.40 -26.96 37.02
CA SER H 423 -7.78 -27.42 37.17
C SER H 423 -8.76 -26.27 37.06
N ARG H 424 -9.97 -26.54 36.59
CA ARG H 424 -10.99 -25.49 36.41
C ARG H 424 -11.66 -25.19 37.74
N PRO H 425 -12.18 -23.96 37.94
CA PRO H 425 -12.95 -23.52 39.09
C PRO H 425 -14.32 -24.16 39.04
N GLY H 426 -14.96 -24.29 40.20
CA GLY H 426 -16.34 -24.78 40.22
C GLY H 426 -16.99 -24.52 41.56
N GLN H 427 -18.26 -24.86 41.65
CA GLN H 427 -19.03 -24.65 42.87
C GLN H 427 -18.88 -25.85 43.77
N GLN H 429 -20.46 -28.34 44.38
CA GLN H 429 -20.76 -29.65 43.81
C GLN H 429 -19.56 -30.29 43.09
N CYS H 430 -18.77 -29.50 42.35
CA CYS H 430 -17.63 -29.94 41.54
C CYS H 430 -16.53 -28.91 41.55
N PRO H 431 -15.91 -28.61 42.70
CA PRO H 431 -14.93 -27.57 42.96
C PRO H 431 -13.58 -27.93 42.35
N ARG H 432 -12.71 -26.94 42.20
CA ARG H 432 -11.39 -27.18 41.63
C ARG H 432 -10.64 -28.30 42.34
N PHE H 433 -9.95 -29.10 41.53
CA PHE H 433 -9.17 -30.27 41.92
C PHE H 433 -10.02 -31.44 42.42
N ASN H 434 -11.33 -31.37 42.23
CA ASN H 434 -12.19 -32.50 42.52
C ASN H 434 -11.99 -33.67 41.57
N THR H 435 -11.87 -34.87 42.13
CA THR H 435 -11.78 -36.10 41.34
C THR H 435 -12.88 -37.14 41.64
N CYS H 436 -13.89 -36.79 42.48
CA CYS H 436 -14.99 -37.69 42.87
C CYS H 436 -16.19 -37.54 41.92
N PRO H 437 -16.69 -38.63 41.32
CA PRO H 437 -17.88 -38.66 40.49
C PRO H 437 -19.04 -38.04 41.24
N GLU H 438 -19.75 -37.15 40.56
CA GLU H 438 -20.85 -36.39 41.12
C GLU H 438 -21.73 -35.92 39.99
N ILE H 439 -22.97 -35.58 40.30
CA ILE H 439 -23.86 -35.05 39.28
C ILE H 439 -23.85 -33.52 39.25
N CYS H 440 -23.33 -32.94 38.17
CA CYS H 440 -23.23 -31.50 37.98
C CYS H 440 -23.09 -31.21 36.50
N TRP H 441 -23.32 -29.97 36.11
CA TRP H 441 -23.01 -29.51 34.77
C TRP H 441 -22.72 -28.03 34.84
N GLU H 442 -21.46 -27.74 34.99
CA GLU H 442 -21.01 -26.40 35.27
C GLU H 442 -19.55 -26.28 34.91
N GLY H 443 -19.06 -25.07 34.74
CA GLY H 443 -17.64 -24.93 34.52
C GLY H 443 -17.36 -23.95 33.41
N VAL H 444 -16.09 -23.79 33.12
CA VAL H 444 -15.62 -22.87 32.11
C VAL H 444 -14.62 -23.53 31.17
N TYR H 445 -14.51 -22.97 29.98
CA TYR H 445 -13.54 -23.42 29.01
C TYR H 445 -12.25 -22.63 29.17
N ASN H 446 -11.15 -23.33 29.46
CA ASN H 446 -9.83 -22.74 29.62
C ASN H 446 -8.78 -23.63 28.98
N ASP H 447 -8.39 -23.36 27.75
CA ASP H 447 -7.49 -24.28 27.09
C ASP H 447 -6.02 -23.95 27.32
N ALA H 448 -5.17 -24.78 26.77
CA ALA H 448 -3.74 -24.61 26.88
C ALA H 448 -3.10 -24.99 25.57
N PHE H 449 -2.16 -24.18 25.14
CA PHE H 449 -1.53 -24.44 23.88
C PHE H 449 -0.14 -24.99 24.12
N LEU H 450 0.22 -26.05 23.41
CA LEU H 450 1.56 -26.60 23.56
C LEU H 450 2.60 -25.70 22.91
N ILE H 451 3.57 -25.25 23.68
CA ILE H 451 4.60 -24.38 23.13
C ILE H 451 5.98 -25.05 23.09
N ASP H 452 6.14 -26.12 23.87
CA ASP H 452 7.38 -26.89 23.88
C ASP H 452 7.07 -28.38 24.02
N ARG H 453 7.21 -29.11 22.92
CA ARG H 453 6.85 -30.53 22.89
C ARG H 453 7.84 -31.42 23.62
N ILE H 454 9.12 -31.10 23.53
CA ILE H 454 10.12 -32.00 24.08
C ILE H 454 9.91 -32.19 25.57
N ASN H 455 9.63 -31.11 26.30
CA ASN H 455 9.36 -31.27 27.73
C ASN H 455 7.90 -31.01 28.06
N TRP H 456 7.04 -31.13 27.06
CA TRP H 456 5.60 -30.92 27.20
C TRP H 456 5.18 -29.77 28.09
N ILE H 457 5.52 -28.56 27.66
CA ILE H 457 5.13 -27.35 28.35
C ILE H 457 4.07 -26.62 27.56
N SER H 458 2.99 -26.27 28.24
CA SER H 458 1.88 -25.59 27.61
C SER H 458 1.55 -24.31 28.35
N ALA H 459 0.82 -23.43 27.69
CA ALA H 459 0.49 -22.16 28.30
C ALA H 459 -0.94 -21.73 28.00
N GLY H 460 -1.51 -20.96 28.92
CA GLY H 460 -2.86 -20.46 28.74
C GLY H 460 -3.34 -19.69 29.96
N VAL H 461 -4.60 -19.30 29.95
CA VAL H 461 -5.15 -18.52 31.06
C VAL H 461 -6.13 -19.32 31.88
N PHE H 462 -5.89 -19.36 33.18
CA PHE H 462 -6.71 -20.12 34.09
C PHE H 462 -7.25 -19.21 35.16
N LEU H 463 -8.36 -19.59 35.76
CA LEU H 463 -8.94 -18.76 36.79
C LEU H 463 -8.49 -19.31 38.15
N ASP H 464 -7.68 -18.53 38.85
CA ASP H 464 -7.05 -19.01 40.07
C ASP H 464 -7.90 -18.73 41.30
N SER H 465 -8.95 -19.52 41.40
CA SER H 465 -9.88 -19.56 42.53
C SER H 465 -10.50 -20.93 42.44
N ASN H 466 -10.70 -21.62 43.60
CA ASN H 466 -11.23 -22.98 43.55
C ASN H 466 -12.79 -23.01 43.64
N GLN H 467 -13.42 -21.97 44.20
CA GLN H 467 -14.88 -21.88 44.37
C GLN H 467 -15.62 -21.12 43.27
N THR H 468 -14.95 -20.13 42.64
CA THR H 468 -15.64 -19.30 41.65
C THR H 468 -14.79 -18.99 40.41
N ALA H 469 -15.46 -18.55 39.34
CA ALA H 469 -14.78 -18.19 38.09
C ALA H 469 -14.22 -16.77 38.12
N GLU H 470 -13.05 -16.60 38.74
CA GLU H 470 -12.47 -15.26 38.90
C GLU H 470 -10.95 -15.28 38.88
N ASN H 471 -10.33 -14.10 38.86
CA ASN H 471 -8.88 -13.97 38.95
C ASN H 471 -8.10 -14.69 37.85
N PRO H 472 -8.24 -14.27 36.58
CA PRO H 472 -7.55 -14.85 35.45
C PRO H 472 -6.05 -14.58 35.54
N VAL H 473 -5.28 -15.64 35.36
CA VAL H 473 -3.83 -15.62 35.40
C VAL H 473 -3.26 -16.37 34.21
N PHE H 474 -2.27 -15.79 33.55
CA PHE H 474 -1.62 -16.49 32.45
C PHE H 474 -0.50 -17.34 33.01
N THR H 475 -0.55 -18.64 32.76
CA THR H 475 0.45 -19.52 33.34
C THR H 475 1.14 -20.34 32.27
N VAL H 476 2.37 -20.72 32.58
CA VAL H 476 3.14 -21.65 31.77
C VAL H 476 3.44 -22.85 32.66
N PHE H 477 3.06 -24.03 32.22
CA PHE H 477 3.14 -25.19 33.12
C PHE H 477 3.53 -26.53 32.51
N LYS H 478 3.95 -27.38 33.43
CA LYS H 478 4.30 -28.78 33.28
C LYS H 478 3.16 -29.59 33.87
N ASP H 479 2.97 -30.83 33.45
CA ASP H 479 1.88 -31.61 33.99
C ASP H 479 1.82 -31.64 35.52
N ASN H 480 2.97 -31.67 36.18
CA ASN H 480 2.98 -31.72 37.63
C ASN H 480 3.66 -30.54 38.30
N GLU H 481 3.77 -29.41 37.60
CA GLU H 481 4.38 -28.21 38.17
C GLU H 481 3.97 -26.94 37.41
N ILE H 482 4.03 -25.79 38.07
CA ILE H 482 3.82 -24.53 37.37
C ILE H 482 5.12 -23.75 37.37
N LEU H 483 5.61 -23.38 36.18
CA LEU H 483 6.92 -22.76 36.09
C LEU H 483 6.87 -21.28 36.42
N TYR H 484 5.93 -20.58 35.81
CA TYR H 484 5.79 -19.15 36.04
C TYR H 484 4.46 -18.65 35.58
N ARG H 485 4.10 -17.46 36.02
CA ARG H 485 2.80 -16.91 35.69
C ARG H 485 2.72 -15.40 35.88
N ALA H 486 1.69 -14.80 35.31
CA ALA H 486 1.41 -13.38 35.51
C ALA H 486 -0.09 -13.14 35.54
N GLN H 487 -0.51 -12.32 36.48
CA GLN H 487 -1.90 -11.97 36.66
C GLN H 487 -2.39 -11.06 35.55
N LEU H 488 -3.58 -11.33 35.01
CA LEU H 488 -4.12 -10.49 33.95
C LEU H 488 -5.14 -9.52 34.54
N ALA H 489 -5.83 -9.96 35.57
CA ALA H 489 -6.81 -9.11 36.24
C ALA H 489 -6.82 -9.46 37.71
N SER H 490 -7.26 -8.50 38.52
CA SER H 490 -7.23 -8.65 39.98
C SER H 490 -8.15 -9.74 40.51
N GLU H 491 -7.93 -10.08 41.77
CA GLU H 491 -8.60 -11.18 42.43
C GLU H 491 -10.12 -11.09 42.47
N ASP H 492 -10.66 -9.89 42.63
CA ASP H 492 -12.10 -9.73 42.72
C ASP H 492 -12.73 -9.43 41.36
N THR H 493 -11.95 -9.57 40.29
CA THR H 493 -12.47 -9.40 38.95
C THR H 493 -12.87 -10.76 38.41
N ASN H 494 -14.12 -10.85 37.96
CA ASN H 494 -14.65 -12.11 37.46
C ASN H 494 -14.26 -12.33 36.01
N ALA H 495 -14.22 -13.59 35.59
CA ALA H 495 -13.90 -13.92 34.21
C ALA H 495 -14.49 -15.27 33.83
N GLN H 496 -14.71 -15.48 32.54
CA GLN H 496 -15.29 -16.74 32.06
C GLN H 496 -14.42 -17.52 31.06
N LYS H 497 -14.79 -17.47 29.79
CA LYS H 497 -14.11 -18.27 28.76
C LYS H 497 -12.75 -17.71 28.40
N THR H 498 -11.76 -18.58 28.25
CA THR H 498 -10.49 -18.13 27.73
C THR H 498 -10.07 -18.98 26.55
N ILE H 499 -9.47 -18.34 25.55
CA ILE H 499 -8.98 -19.05 24.37
C ILE H 499 -7.51 -18.71 24.11
N THR H 500 -6.63 -19.70 24.11
CA THR H 500 -5.21 -19.42 23.87
C THR H 500 -4.73 -19.89 22.51
N ASN H 501 -4.12 -18.98 21.75
CA ASN H 501 -3.53 -19.28 20.45
C ASN H 501 -2.10 -18.77 20.38
N CYS H 502 -1.12 -19.67 20.19
CA CYS H 502 0.29 -19.28 20.14
C CYS H 502 0.83 -19.42 18.73
N PHE H 503 1.85 -18.61 18.45
CA PHE H 503 2.52 -18.56 17.16
C PHE H 503 3.93 -18.00 17.30
N LEU H 504 4.68 -18.07 16.22
CA LEU H 504 6.02 -17.53 16.19
C LEU H 504 6.08 -16.24 15.39
N LEU H 505 6.53 -15.18 16.06
CA LEU H 505 6.73 -13.88 15.43
C LEU H 505 8.22 -13.61 15.37
N LYS H 506 8.80 -13.62 14.18
CA LYS H 506 10.23 -13.44 14.04
C LYS H 506 11.01 -14.38 14.96
N ASN H 507 10.59 -15.64 14.98
CA ASN H 507 11.20 -16.72 15.75
C ASN H 507 11.02 -16.62 17.27
N LYS H 508 10.17 -15.71 17.75
CA LYS H 508 9.88 -15.66 19.17
C LYS H 508 8.46 -16.16 19.44
N ILE H 509 8.29 -16.88 20.54
CA ILE H 509 6.96 -17.38 20.87
C ILE H 509 6.07 -16.35 21.54
N TRP H 510 4.92 -16.13 20.94
CA TRP H 510 3.88 -15.27 21.47
C TRP H 510 2.61 -16.06 21.64
N CYS H 511 1.85 -15.78 22.70
CA CYS H 511 0.54 -16.38 22.94
C CYS H 511 -0.49 -15.30 23.12
N ILE H 512 -1.55 -15.37 22.34
CA ILE H 512 -2.62 -14.40 22.44
C ILE H 512 -3.75 -15.03 23.20
N SER H 513 -4.02 -14.49 24.36
CA SER H 513 -5.05 -15.06 25.20
C SER H 513 -6.28 -14.20 25.20
N LEU H 514 -7.37 -14.76 24.73
CA LEU H 514 -8.64 -14.07 24.74
C LEU H 514 -9.30 -14.41 26.05
N VAL H 515 -9.64 -13.40 26.83
CA VAL H 515 -10.27 -13.67 28.11
C VAL H 515 -11.55 -12.88 28.27
N GLU H 516 -12.64 -13.53 28.63
CA GLU H 516 -13.89 -12.79 28.89
C GLU H 516 -13.82 -12.19 30.27
N ILE H 517 -13.63 -10.88 30.36
CA ILE H 517 -13.47 -10.24 31.65
C ILE H 517 -14.58 -9.28 31.96
N TYR H 518 -15.13 -9.37 33.17
CA TYR H 518 -16.19 -8.47 33.57
C TYR H 518 -15.63 -7.10 33.95
N ASP H 519 -16.21 -6.06 33.39
CA ASP H 519 -15.81 -4.71 33.77
C ASP H 519 -16.42 -4.35 35.10
N THR H 520 -15.81 -3.40 35.79
CA THR H 520 -16.29 -2.99 37.11
C THR H 520 -17.34 -1.88 37.05
N GLY H 521 -17.64 -1.43 35.83
CA GLY H 521 -18.61 -0.38 35.59
C GLY H 521 -20.02 -0.92 35.43
N ASP H 522 -20.31 -1.45 34.25
CA ASP H 522 -21.64 -1.95 33.90
C ASP H 522 -21.79 -3.46 34.08
N ASN H 523 -20.77 -4.09 34.65
CA ASN H 523 -20.75 -5.52 34.96
C ASN H 523 -21.06 -6.43 33.77
N VAL H 524 -20.45 -6.18 32.63
CA VAL H 524 -20.62 -7.06 31.48
C VAL H 524 -19.27 -7.56 31.02
N ILE H 525 -19.27 -8.62 30.24
CA ILE H 525 -18.03 -9.17 29.73
C ILE H 525 -17.65 -8.68 28.35
N ARG H 526 -16.37 -8.42 28.19
CA ARG H 526 -15.81 -8.09 26.90
C ARG H 526 -14.57 -8.95 26.76
N PRO H 527 -14.35 -9.61 25.63
CA PRO H 527 -13.12 -10.28 25.29
C PRO H 527 -11.99 -9.29 25.30
N LYS H 528 -10.91 -9.64 25.95
CA LYS H 528 -9.73 -8.82 25.94
C LYS H 528 -8.59 -9.69 25.50
N LEU H 529 -7.74 -9.17 24.63
CA LEU H 529 -6.65 -9.95 24.09
C LEU H 529 -5.34 -9.58 24.72
N PHE H 530 -4.79 -10.52 25.48
CA PHE H 530 -3.55 -10.31 26.17
C PHE H 530 -2.42 -10.99 25.41
N ALA H 531 -1.59 -10.19 24.79
CA ALA H 531 -0.47 -10.69 24.02
C ALA H 531 0.72 -10.90 24.92
N VAL H 532 1.06 -12.15 25.17
CA VAL H 532 2.11 -12.46 26.11
C VAL H 532 3.30 -13.10 25.40
N LYS H 533 4.47 -12.51 25.60
CA LYS H 533 5.70 -13.05 25.04
C LYS H 533 6.20 -14.11 26.00
N ILE H 534 6.69 -15.22 25.49
CA ILE H 534 7.25 -16.24 26.37
C ILE H 534 8.78 -16.11 26.34
N PRO H 535 9.42 -15.67 27.43
CA PRO H 535 10.82 -15.35 27.51
C PRO H 535 11.67 -16.60 27.47
N GLU H 536 12.87 -16.45 26.92
CA GLU H 536 13.87 -17.52 26.90
C GLU H 536 14.57 -17.64 28.25
N GLN H 537 14.89 -16.49 28.83
CA GLN H 537 15.58 -16.44 30.11
C GLN H 537 14.57 -16.39 31.25
N CYS H 538 14.97 -16.85 32.45
CA CYS H 538 14.11 -16.85 33.64
C CYS H 538 14.41 -15.62 34.51
N TYR H 539 14.32 -14.45 33.89
CA TYR H 539 14.59 -13.17 34.54
C TYR H 539 14.40 -12.01 33.55
C1 NAG I . 43.28 -10.61 -21.40
C2 NAG I . 42.24 -9.44 -21.44
C3 NAG I . 42.82 -8.30 -22.32
C4 NAG I . 44.18 -7.83 -21.71
C5 NAG I . 45.14 -9.05 -21.66
C6 NAG I . 46.49 -8.70 -21.04
C7 NAG I . 39.89 -10.19 -21.27
C8 NAG I . 38.63 -10.71 -21.89
N2 NAG I . 40.97 -9.94 -22.03
O3 NAG I . 41.87 -7.21 -22.37
O4 NAG I . 44.78 -6.80 -22.54
O5 NAG I . 44.54 -10.14 -20.85
O6 NAG I . 47.41 -9.78 -21.13
O7 NAG I . 39.93 -10.00 -20.04
C1 NAG I . 44.40 -5.36 -22.20
C2 NAG I . 45.71 -4.49 -22.20
C3 NAG I . 45.31 -3.04 -21.83
C4 NAG I . 44.27 -2.52 -22.87
C5 NAG I . 43.01 -3.45 -22.82
C6 NAG I . 41.96 -3.06 -23.85
C7 NAG I . 47.96 -5.11 -21.41
C8 NAG I . 48.87 -5.65 -20.34
N2 NAG I . 46.65 -5.01 -21.18
O3 NAG I . 46.48 -2.19 -21.87
O4 NAG I . 43.89 -1.18 -22.53
O5 NAG I . 43.42 -4.84 -23.13
O6 NAG I . 40.70 -3.67 -23.56
O7 NAG I . 48.44 -4.78 -22.50
C1 NAG J . 23.73 -36.75 -24.55
C2 NAG J . 22.53 -36.47 -23.56
C3 NAG J . 21.98 -37.83 -23.06
C4 NAG J . 21.52 -38.67 -24.28
C5 NAG J . 22.74 -38.88 -25.23
C6 NAG J . 22.39 -39.65 -26.49
C7 NAG J . 22.74 -34.36 -22.30
C8 NAG J . 23.29 -33.58 -21.14
N2 NAG J . 23.02 -35.66 -22.42
O3 NAG J . 20.88 -37.58 -22.17
O4 NAG J . 21.08 -39.99 -23.87
O5 NAG J . 23.26 -37.56 -25.66
O6 NAG J . 21.27 -39.10 -27.19
O7 NAG J . 22.04 -33.78 -23.14
C1 NAG J . 19.60 -40.14 -23.59
C2 NAG J . 19.13 -41.54 -24.17
C3 NAG J . 17.61 -41.69 -23.90
C4 NAG J . 17.35 -41.57 -22.37
C5 NAG J . 17.87 -40.19 -21.86
C6 NAG J . 17.70 -40.01 -20.35
C7 NAG J . 19.99 -42.61 -26.21
C8 NAG J . 20.22 -42.64 -27.70
N2 NAG J . 19.37 -41.58 -25.64
O3 NAG J . 17.17 -42.97 -24.36
O4 NAG J . 15.95 -41.67 -22.13
O5 NAG J . 19.31 -40.06 -22.16
O6 NAG J . 18.21 -41.10 -19.60
O7 NAG J . 20.39 -43.58 -25.53
C1 NAG K . -7.28 50.71 7.77
C2 NAG K . -8.84 50.67 8.02
C3 NAG K . -9.13 51.59 9.23
C4 NAG K . -8.36 51.09 10.48
C5 NAG K . -6.84 51.09 10.14
C6 NAG K . -5.96 50.52 11.25
C7 NAG K . -10.50 50.46 6.22
C8 NAG K . -11.15 50.99 4.98
N2 NAG K . -9.51 51.15 6.81
O3 NAG K . -10.55 51.58 9.50
O4 NAG K . -8.58 52.05 11.55
O5 NAG K . -6.58 50.26 8.96
O6 NAG K . -6.38 49.23 11.68
O7 NAG K . -10.89 49.38 6.69
C1 NAG K . -8.96 51.46 12.89
C2 NAG K . -8.60 52.51 14.00
C3 NAG K . -8.93 51.87 15.37
C4 NAG K . -10.44 51.47 15.40
C5 NAG K . -10.72 50.46 14.25
C6 NAG K . -12.19 50.06 14.17
C7 NAG K . -6.69 53.91 13.35
C8 NAG K . -5.20 54.17 13.31
N2 NAG K . -7.15 52.81 13.94
O3 NAG K . -8.67 52.82 16.42
O4 NAG K . -10.75 50.89 16.66
O5 NAG K . -10.35 51.08 12.96
O6 NAG K . -12.35 48.87 13.40
O7 NAG K . -7.46 54.72 12.82
C1 NAG L . -0.50 41.18 -31.21
C2 NAG L . 0.92 40.64 -30.77
C3 NAG L . 1.79 41.81 -30.23
C4 NAG L . 1.92 42.88 -31.36
C5 NAG L . 0.49 43.42 -31.67
C6 NAG L . 0.51 44.49 -32.77
C7 NAG L . 0.55 38.36 -29.97
C8 NAG L . 0.40 37.39 -28.85
N2 NAG L . 0.76 39.65 -29.70
O3 NAG L . 3.09 41.31 -29.86
O4 NAG L . 2.86 43.94 -31.03
O5 NAG L . -0.34 42.29 -32.15
O6 NAG L . -0.66 45.29 -32.77
O7 NAG L . 0.48 37.96 -31.14
C1 NAG L . 4.13 43.90 -31.86
C2 NAG L . 4.92 45.24 -31.68
C3 NAG L . 6.20 45.16 -32.57
C4 NAG L . 7.04 43.92 -32.16
C5 NAG L . 6.16 42.64 -32.34
C6 NAG L . 6.88 41.36 -31.93
C7 NAG L . 3.81 47.43 -31.41
C8 NAG L . 2.94 48.52 -31.96
N2 NAG L . 4.07 46.36 -32.16
O3 NAG L . 6.98 46.35 -32.40
O4 NAG L . 8.20 43.83 -32.99
O5 NAG L . 4.95 42.76 -31.52
O6 NAG L . 7.41 41.43 -30.61
O7 NAG L . 4.30 47.55 -30.27
C1 NAG M . -23.29 41.62 -24.31
C2 NAG M . -24.57 41.51 -25.23
C3 NAG M . -24.11 41.24 -26.68
C4 NAG M . -23.15 42.39 -27.12
C5 NAG M . -21.97 42.47 -26.16
C6 NAG M . -20.99 43.58 -26.50
C7 NAG M . -26.38 40.56 -23.92
C8 NAG M . -27.18 39.37 -23.46
N2 NAG M . -25.38 40.38 -24.76
O3 NAG M . -25.24 41.24 -27.54
O4 NAG M . -22.65 42.07 -28.43
O5 NAG M . -22.44 42.69 -24.78
O6 NAG M . -20.56 44.35 -25.38
O7 NAG M . -26.66 41.69 -23.52
C1 NAG M . -22.89 43.07 -29.51
C2 NAG M . -21.85 42.83 -30.67
C3 NAG M . -22.10 43.94 -31.74
C4 NAG M . -23.57 43.85 -32.24
C5 NAG M . -24.54 44.04 -31.05
C6 NAG M . -26.01 43.88 -31.46
C7 NAG M . -19.81 41.81 -29.72
C8 NAG M . -18.42 41.94 -29.17
N2 NAG M . -20.48 42.91 -30.14
O3 NAG M . -21.18 43.76 -32.84
O4 NAG M . -23.79 44.90 -33.21
O5 NAG M . -24.26 43.03 -30.01
O6 NAG M . -26.29 42.63 -32.08
O7 NAG M . -20.34 40.69 -29.80
C1 FUC M . -21.30 45.66 -25.24
C2 FUC M . -20.77 46.45 -23.98
C3 FUC M . -19.30 46.88 -24.26
C4 FUC M . -19.26 47.74 -25.55
C5 FUC M . -19.83 46.87 -26.74
C6 FUC M . -19.89 47.61 -28.05
O2 FUC M . -20.87 45.61 -22.83
O3 FUC M . -18.80 47.68 -23.16
O4 FUC M . -19.96 48.97 -25.41
O5 FUC M . -21.21 46.45 -26.42
C1 NAG N . -37.50 -25.98 23.03
C2 NAG N . -38.14 -25.02 24.10
C3 NAG N . -39.68 -25.24 24.06
C4 NAG N . -40.22 -24.92 22.64
C5 NAG N . -39.49 -25.87 21.63
C6 NAG N . -39.92 -25.62 20.18
C7 NAG N . -36.70 -24.64 26.05
C8 NAG N . -36.20 -25.06 27.40
N2 NAG N . -37.63 -25.38 25.43
O3 NAG N . -40.30 -24.38 25.03
O4 NAG N . -41.64 -25.20 22.61
O5 NAG N . -38.03 -25.68 21.70
O6 NAG N . -39.73 -24.26 19.78
O7 NAG N . -36.25 -23.62 25.52
C1 NAG N . -42.50 -24.06 22.13
C2 NAG N . -43.91 -24.64 21.76
C3 NAG N . -44.77 -23.46 21.21
C4 NAG N . -44.86 -22.33 22.28
C5 NAG N . -43.42 -21.85 22.61
C6 NAG N . -43.38 -20.76 23.67
C7 NAG N . -43.75 -26.98 20.98
C8 NAG N . -43.59 -27.99 19.89
N2 NAG N . -43.75 -25.67 20.71
O3 NAG N . -46.09 -23.96 20.90
O4 NAG N . -45.65 -21.24 21.75
O5 NAG N . -42.61 -22.98 23.10
O6 NAG N . -42.08 -20.20 23.82
O7 NAG N . -43.89 -27.37 22.15
C1 BMA N . -46.81 -20.81 22.61
C2 BMA N . -47.34 -19.44 22.09
C3 BMA N . -48.49 -19.00 23.04
C4 BMA N . -49.60 -20.09 23.06
C5 BMA N . -48.98 -21.44 23.54
C6 BMA N . -49.98 -22.59 23.53
O2 BMA N . -47.78 -19.53 20.74
O3 BMA N . -49.03 -17.74 22.59
O4 BMA N . -50.64 -19.67 23.94
O5 BMA N . -47.87 -21.81 22.66
O6 BMA N . -49.54 -23.67 24.34
C1 NAG O . -11.06 -36.89 0.39
C2 NAG O . -10.45 -38.23 0.98
C3 NAG O . -9.36 -38.73 0.01
C4 NAG O . -9.96 -38.97 -1.40
C5 NAG O . -10.57 -37.62 -1.90
C6 NAG O . -11.29 -37.74 -3.25
C7 NAG O . -10.49 -38.13 3.44
C8 NAG O . -9.79 -37.82 4.74
N2 NAG O . -9.84 -37.95 2.29
O3 NAG O . -8.82 -39.97 0.51
O4 NAG O . -8.92 -39.38 -2.31
O5 NAG O . -11.58 -37.14 -0.94
O6 NAG O . -10.37 -37.83 -4.33
O7 NAG O . -11.65 -38.55 3.48
C1 NAG O . -9.07 -40.78 -2.85
C2 NAG O . -7.96 -41.03 -3.95
C3 NAG O . -8.18 -42.46 -4.49
C4 NAG O . -8.08 -43.49 -3.33
C5 NAG O . -9.19 -43.16 -2.28
C6 NAG O . -9.14 -44.09 -1.06
C7 NAG O . -7.24 -39.09 -5.25
C8 NAG O . -7.46 -38.13 -6.40
N2 NAG O . -8.13 -40.07 -5.04
O3 NAG O . -7.18 -42.76 -5.49
O4 NAG O . -8.26 -44.80 -3.84
O5 NAG O . -9.00 -41.78 -1.79
O6 NAG O . -10.39 -44.09 -0.37
O7 NAG O . -6.26 -38.94 -4.52
C1 NAG P . 25.82 -25.92 -32.83
C2 NAG P . 26.06 -26.54 -34.25
C3 NAG P . 25.58 -25.57 -35.35
C4 NAG P . 24.08 -25.26 -35.14
C5 NAG P . 23.89 -24.63 -33.73
C6 NAG P . 22.45 -24.29 -33.38
C7 NAG P . 28.00 -27.98 -34.72
C8 NAG P . 29.47 -28.12 -34.83
N2 NAG P . 27.51 -26.79 -34.40
O3 NAG P . 25.79 -26.15 -36.63
O4 NAG P . 23.61 -24.41 -36.21
O5 NAG P . 24.38 -25.56 -32.70
O6 NAG P . 22.11 -22.95 -33.76
O7 NAG P . 27.29 -28.96 -34.91
C1 NAG P . 22.48 -24.99 -37.03
C2 NAG P . 22.35 -24.20 -38.38
C3 NAG P . 21.12 -24.78 -39.14
C4 NAG P . 21.32 -26.29 -39.38
C5 NAG P . 21.50 -27.02 -38.01
C6 NAG P . 21.73 -28.52 -38.13
C7 NAG P . 22.73 -21.80 -38.75
C8 NAG P . 22.44 -20.35 -38.46
N2 NAG P . 22.09 -22.76 -38.10
O3 NAG P . 21.00 -24.10 -40.41
O4 NAG P . 20.17 -26.81 -40.06
O5 NAG P . 22.65 -26.42 -37.29
O6 NAG P . 22.83 -28.84 -38.99
O7 NAG P . 23.58 -22.07 -39.63
C1 NAG Q . 4.53 61.71 -23.44
C2 NAG Q . 4.31 61.18 -24.92
C3 NAG Q . 4.82 62.27 -25.91
C4 NAG Q . 4.02 63.58 -25.67
C5 NAG Q . 4.23 64.03 -24.19
C6 NAG Q . 3.41 65.27 -23.85
C7 NAG Q . 4.66 58.95 -25.90
C8 NAG Q . 5.45 57.68 -26.03
N2 NAG Q . 5.08 59.92 -25.07
O3 NAG Q . 4.62 61.85 -27.27
O4 NAG Q . 4.47 64.59 -26.56
O5 NAG Q . 3.79 62.96 -23.27
O6 NAG Q . 3.88 65.91 -22.68
O7 NAG Q . 3.63 59.09 -26.57
C1 NAG R . 40.58 -19.20 -9.93
C2 NAG R . 42.11 -19.49 -9.68
C3 NAG R . 42.30 -19.93 -8.21
C4 NAG R . 41.80 -18.77 -7.27
C5 NAG R . 40.29 -18.52 -7.59
C6 NAG R . 39.69 -17.39 -6.76
C7 NAG R . 43.66 -20.54 -11.28
C8 NAG R . 44.03 -21.67 -12.21
N2 NAG R . 42.51 -20.58 -10.60
O3 NAG R . 43.71 -20.20 -8.01
O4 NAG R . 41.92 -19.11 -5.86
O5 NAG R . 40.13 -18.16 -9.02
O6 NAG R . 38.27 -17.32 -6.92
O7 NAG R . 44.44 -19.59 -11.16
C1 NAG S . 20.20 31.85 -7.61
C2 NAG S . 20.44 32.47 -9.04
C3 NAG S . 21.57 31.65 -9.74
C4 NAG S . 22.86 31.71 -8.88
C5 NAG S . 22.55 31.12 -7.47
C6 NAG S . 23.74 31.18 -6.53
C7 NAG S . 18.78 33.34 -10.64
C8 NAG S . 17.51 33.17 -11.42
N2 NAG S . 19.20 32.37 -9.82
O3 NAG S . 21.84 32.21 -11.04
O4 NAG S . 23.88 30.95 -9.51
O5 NAG S . 21.45 31.89 -6.85
O6 NAG S . 24.28 32.50 -6.40
O7 NAG S . 19.44 34.38 -10.77
C1 NAG T . -19.14 -55.14 33.15
C2 NAG T . -19.25 -56.33 32.13
C3 NAG T . -19.56 -57.63 32.93
C4 NAG T . -18.42 -57.87 33.96
C5 NAG T . -18.33 -56.64 34.91
C6 NAG T . -17.21 -56.75 35.93
C7 NAG T . -20.11 -55.62 29.93
C8 NAG T . -21.26 -55.36 29.00
N2 NAG T . -20.35 -56.07 31.17
O3 NAG T . -19.65 -58.75 32.03
O4 NAG T . -18.72 -59.05 34.71
O5 NAG T . -18.09 -55.42 34.12
O6 NAG T . -17.53 -57.65 36.98
O7 NAG T . -18.95 -55.40 29.54
C1 NAG U . -1.61 -41.07 32.13
C2 NAG U . -0.70 -41.43 30.90
C3 NAG U . -1.37 -42.64 30.17
C4 NAG U . -1.48 -43.84 31.16
C5 NAG U . -2.32 -43.40 32.39
C6 NAG U . -2.40 -44.50 33.45
C7 NAG U . 0.45 -39.97 29.31
C8 NAG U . 0.45 -38.77 28.41
N2 NAG U . -0.65 -40.26 30.00
O3 NAG U . -0.57 -43.02 29.04
O4 NAG U . -2.12 -44.92 30.49
O5 NAG U . -1.70 -42.23 33.03
O6 NAG U . -3.48 -44.28 34.35
O7 NAG U . 1.46 -40.66 29.38
C1 NAG V . -8.80 -24.12 47.67
C2 NAG V . -8.11 -23.13 48.74
C3 NAG V . -6.66 -23.60 48.97
C4 NAG V . -6.68 -25.05 49.50
C5 NAG V . -7.41 -25.95 48.47
C6 NAG V . -7.55 -27.40 48.97
C7 NAG V . -9.25 -21.01 48.34
C8 NAG V . -9.28 -19.60 47.81
N2 NAG V . -8.15 -21.74 48.25
O3 NAG V . -6.00 -22.75 49.93
O4 NAG V . -5.32 -25.50 49.70
O5 NAG V . -8.77 -25.45 48.22
O6 NAG V . -6.43 -28.21 48.55
O7 NAG V . -10.27 -21.45 48.86
#